data_9NR6
#
_entry.id   9NR6
#
_cell.length_a   1.00
_cell.length_b   1.00
_cell.length_c   1.00
_cell.angle_alpha   90.00
_cell.angle_beta   90.00
_cell.angle_gamma   90.00
#
_symmetry.space_group_name_H-M   'P 1'
#
loop_
_entity.id
_entity.type
_entity.pdbx_description
1 polymer 'Glutamate receptor 1'
2 polymer 'Glutamate receptor 4'
3 polymer '11B8 scFv'
4 polymer Noelin
5 branched beta-D-mannopyranose-(1-4)-2-acetamido-2-deoxy-beta-D-glucopyranose-(1-4)-2-acetamido-2-deoxy-beta-D-glucopyranose
6 branched 2-acetamido-2-deoxy-beta-D-glucopyranose-(1-4)-2-acetamido-2-deoxy-beta-D-glucopyranose
7 non-polymer 2-acetamido-2-deoxy-beta-D-glucopyranose
8 non-polymer 'CALCIUM ION'
#
loop_
_entity_poly.entity_id
_entity_poly.type
_entity_poly.pdbx_seq_one_letter_code
_entity_poly.pdbx_strand_id
1 'polypeptide(L)'
;ANFPNNIQIGGLFPNQQSQEHAAFRFALSQLTEPPKLLPQIDIVNISDSFEMTYRFCSQFSKGVYAIFGFYERRTVNMLT
SFCGALHVCFITPSFPVDTSNQFVLQLRPELQEALISIIDHYKWQTFVYIYDADRGLSVLQRVLDTAAEKNWQVTAVNIL
TTTEEGYRMLFQDLEKKKERLVVVDCESERLNAILGQIVKLEKNGIGYHYILANLGFMDIDLNKFKESGANVTGFQLVNY
TDTIPARIMQQWRTSDSRDHTRVDWKRPKYTSALTYDGVKVMAEAFQSLRRQRIDISRRGNAGDCLANPAVPWGQGIDIQ
RALQQVRFEGLTGNVQFNEKGRRTNYTLHVIEMKHDGIRKIGYWNEDDKFVPA
;
A,C
2 'polypeptide(L)'
;AFPSSVQIGGLFIRNTDQEYTAFRLAIFLHNTSPNASEAPFNLVPHVDNIETANSFAVTNAFCSQYSRGVFAIFGLYDKR
SVHTLTSFCSALHISLITPSFPTEGESQFVLQLRPSLRGALLSLLDHYEWNCFVFLYDTDRGYSILQAIMEKAGQNGWHV
SAICVENFNDVSYRQLLEELDRRQEKKFVIDCEIERLQNILEQIVSVGKHVKGYHYIIANLGFKDISLERFIHGGANVTG
FQLVDFNTPMVTKLMDRWKKLDQREYPGSETPPKYTSALTYDGVLVMAETFRSLRRQKIDISRRGNAGDCLANPAAPWGQ
GIDMERTLKQVRIQGLTGNVQFDHYGRRVNYTMDVFELKSTGPRKVGYWNDMDKLVLI
;
B,D
3 'polypeptide(L)'
;EVKLLESGGGLVQPGGSLKLSCAASGFDFSEYWMSWVRQAPGKGLEWIGEINPDSSSIDYTPSLKDKIIISRDNAKKTLY
LQLSKVRSEDTALYYCARPRGNYVVMDYWGQGTSVTVSSSGGGGSGGGGSGGGGNIVLTQSPASLAVSLGQRATISCRAS
ESVDSYGSSFVHWYQQKPGQPPKLLIFLASKLESGVPARFSGSGSRTDFTLTIDPVEADDAATYYCQQTNEDPYTFGGGT
KLEIKRASNWSHPQFEK
;
E,F
4 'polypeptide(L)'
;YDELQSRVSNLEERLRACMQKLACGKLTGISDPVTVKTSGSRFGSWMTDPLAPEGDNRVWYMDGYHNNRFVREYKSMVDF
MNTDNFTSHRLPHPWSGTGQVVYNGSIYFNKFQSHIIIRFDLKTETILKTRSLDYAGYNNMYHYAWGGHSDIDLMVDENG
LWAVYATNQNAGNIVISKLDPVSLQILQTWNTSYPKRSAGEAFIICGTLYVTNGYSGGTKVHYAYQTNASTYEYIDIPFQ
NKYSHISMLDYNPKDRALYAWNNGHQTLYNVTLFHVI
;
G,H
#
# COMPACT_ATOMS: atom_id res chain seq x y z
N PHE A 3 40.23 46.10 18.85
CA PHE A 3 38.95 46.30 19.52
C PHE A 3 38.47 47.74 19.53
N PRO A 4 37.19 47.93 19.24
CA PRO A 4 36.61 49.28 19.33
C PRO A 4 36.43 49.70 20.77
N ASN A 5 36.60 51.00 21.01
CA ASN A 5 36.41 51.55 22.34
C ASN A 5 34.94 51.69 22.70
N ASN A 6 34.09 51.99 21.73
CA ASN A 6 32.65 52.18 21.94
C ASN A 6 31.90 51.10 21.17
N ILE A 7 30.92 50.48 21.85
CA ILE A 7 30.07 49.46 21.25
C ILE A 7 28.64 49.97 21.25
N GLN A 8 28.05 50.09 20.07
CA GLN A 8 26.67 50.55 19.97
C GLN A 8 25.71 49.41 20.27
N ILE A 9 24.78 49.65 21.19
CA ILE A 9 23.81 48.64 21.60
C ILE A 9 22.42 49.18 21.36
N GLY A 10 21.64 48.49 20.53
CA GLY A 10 20.27 48.88 20.31
C GLY A 10 19.36 48.47 21.47
N GLY A 11 18.19 49.09 21.50
CA GLY A 11 17.22 48.79 22.54
C GLY A 11 15.79 49.06 22.12
N LEU A 12 14.89 48.14 22.44
CA LEU A 12 13.47 48.26 22.09
C LEU A 12 12.66 48.26 23.38
N PHE A 13 12.02 49.39 23.69
CA PHE A 13 11.28 49.43 24.93
C PHE A 13 9.81 49.78 24.68
N PRO A 14 8.89 49.21 25.47
CA PRO A 14 7.47 49.53 25.24
C PRO A 14 7.10 50.95 25.64
N ASN A 15 7.60 51.42 26.77
CA ASN A 15 7.31 52.77 27.24
C ASN A 15 8.58 53.39 27.81
N GLN A 16 8.68 54.71 27.73
CA GLN A 16 9.83 55.41 28.27
C GLN A 16 9.79 55.47 29.79
N GLN A 17 8.60 55.52 30.39
CA GLN A 17 8.46 55.51 31.83
C GLN A 17 8.27 54.07 32.30
N SER A 18 9.23 53.57 33.07
CA SER A 18 9.21 52.21 33.60
C SER A 18 10.32 52.08 34.64
N GLN A 19 10.17 51.09 35.51
CA GLN A 19 11.26 50.72 36.41
C GLN A 19 12.35 49.97 35.66
N GLU A 20 11.99 49.23 34.61
CA GLU A 20 12.99 48.52 33.81
C GLU A 20 13.91 49.50 33.09
N HIS A 21 13.37 50.60 32.58
CA HIS A 21 14.20 51.62 31.93
C HIS A 21 15.14 52.27 32.93
N ALA A 22 14.65 52.54 34.15
CA ALA A 22 15.51 53.10 35.19
C ALA A 22 16.62 52.13 35.58
N ALA A 23 16.31 50.84 35.68
CA ALA A 23 17.33 49.85 35.95
C ALA A 23 18.35 49.76 34.83
N PHE A 24 17.87 49.85 33.57
CA PHE A 24 18.76 49.88 32.41
C PHE A 24 19.74 51.05 32.49
N ARG A 25 19.21 52.25 32.77
CA ARG A 25 20.04 53.44 32.83
C ARG A 25 21.03 53.38 34.00
N PHE A 26 20.58 52.89 35.17
CA PHE A 26 21.48 52.78 36.31
C PHE A 26 22.57 51.76 36.07
N ALA A 27 22.23 50.61 35.45
CA ALA A 27 23.23 49.61 35.14
C ALA A 27 24.24 50.12 34.12
N LEU A 28 23.78 50.90 33.14
CA LEU A 28 24.72 51.51 32.19
C LEU A 28 25.62 52.52 32.88
N SER A 29 25.07 53.31 33.81
CA SER A 29 25.87 54.29 34.53
C SER A 29 26.87 53.64 35.47
N GLN A 30 26.56 52.44 35.96
CA GLN A 30 27.47 51.74 36.86
C GLN A 30 28.75 51.29 36.15
N LEU A 31 28.65 50.92 34.88
CA LEU A 31 29.79 50.37 34.16
C LEU A 31 30.88 51.40 33.95
N THR A 32 32.11 51.03 34.29
CA THR A 32 33.29 51.87 34.06
C THR A 32 34.35 51.20 33.19
N GLU A 33 34.44 49.88 33.21
CA GLU A 33 35.47 49.19 32.46
C GLU A 33 35.17 49.25 30.96
N PRO A 34 36.16 49.52 30.12
CA PRO A 34 35.95 49.54 28.68
C PRO A 34 35.69 48.14 28.15
N PRO A 35 34.99 48.00 27.00
CA PRO A 35 34.45 49.04 26.11
C PRO A 35 33.16 49.66 26.64
N LYS A 36 32.90 50.93 26.29
CA LYS A 36 31.70 51.62 26.74
C LYS A 36 30.53 51.27 25.82
N LEU A 37 29.41 50.88 26.43
CA LEU A 37 28.20 50.51 25.69
C LEU A 37 27.35 51.75 25.49
N LEU A 38 27.27 52.23 24.25
CA LEU A 38 26.46 53.38 23.92
C LEU A 38 25.05 52.93 23.58
N PRO A 39 24.03 53.33 24.32
CA PRO A 39 22.67 52.85 24.06
C PRO A 39 21.97 53.66 22.98
N GLN A 40 21.11 52.95 22.23
CA GLN A 40 20.21 53.56 21.24
C GLN A 40 18.83 52.97 21.50
N ILE A 41 18.03 53.65 22.31
CA ILE A 41 16.77 53.12 22.81
C ILE A 41 15.62 53.74 22.01
N ASP A 42 14.75 52.88 21.47
CA ASP A 42 13.58 53.30 20.71
C ASP A 42 12.31 52.76 21.36
N ILE A 43 11.30 53.61 21.43
CA ILE A 43 9.99 53.23 21.95
C ILE A 43 9.20 52.62 20.81
N VAL A 44 8.76 51.37 20.99
CA VAL A 44 8.10 50.61 19.94
C VAL A 44 6.94 49.83 20.54
N ASN A 45 5.81 49.82 19.84
CA ASN A 45 4.66 49.00 20.22
C ASN A 45 5.04 47.53 20.08
N ILE A 46 4.94 46.78 21.18
CA ILE A 46 5.34 45.38 21.17
C ILE A 46 4.32 44.50 20.46
N SER A 47 3.06 44.92 20.42
CA SER A 47 2.01 44.11 19.82
C SER A 47 1.91 44.26 18.31
N ASP A 48 2.72 45.13 17.70
CA ASP A 48 2.72 45.35 16.26
C ASP A 48 4.05 44.84 15.70
N SER A 49 3.96 43.89 14.76
CA SER A 49 5.17 43.35 14.15
C SER A 49 5.76 44.28 13.11
N PHE A 50 4.94 45.11 12.46
CA PHE A 50 5.44 46.03 11.45
C PHE A 50 6.35 47.10 12.07
N GLU A 51 5.88 47.74 13.13
CA GLU A 51 6.70 48.75 13.81
C GLU A 51 7.94 48.11 14.42
N MET A 52 7.80 46.90 14.98
CA MET A 52 8.94 46.24 15.61
C MET A 52 10.01 45.88 14.59
N THR A 53 9.60 45.39 13.41
CA THR A 53 10.58 45.05 12.39
C THR A 53 11.17 46.30 11.74
N TYR A 54 10.40 47.40 11.68
CA TYR A 54 10.97 48.65 11.21
C TYR A 54 12.04 49.16 12.16
N ARG A 55 11.78 49.08 13.47
CA ARG A 55 12.78 49.48 14.46
C ARG A 55 13.99 48.56 14.41
N PHE A 56 13.76 47.26 14.21
CA PHE A 56 14.86 46.30 14.11
C PHE A 56 15.75 46.62 12.91
N CYS A 57 15.15 46.95 11.76
CA CYS A 57 15.94 47.34 10.60
C CYS A 57 16.65 48.68 10.79
N SER A 58 16.00 49.64 11.45
CA SER A 58 16.68 50.91 11.72
C SER A 58 17.90 50.69 12.61
N GLN A 59 17.77 49.85 13.63
CA GLN A 59 18.90 49.59 14.52
C GLN A 59 19.97 48.76 13.83
N PHE A 60 19.57 47.82 12.97
CA PHE A 60 20.56 47.01 12.24
C PHE A 60 21.33 47.85 11.24
N SER A 61 20.64 48.77 10.55
CA SER A 61 21.32 49.66 9.62
C SER A 61 22.18 50.69 10.35
N LYS A 62 21.80 51.05 11.58
CA LYS A 62 22.62 51.95 12.36
C LYS A 62 23.96 51.32 12.75
N GLY A 63 24.00 50.00 12.91
CA GLY A 63 25.24 49.31 13.17
C GLY A 63 25.39 48.81 14.59
N VAL A 64 24.29 48.39 15.21
CA VAL A 64 24.35 47.88 16.57
C VAL A 64 24.93 46.46 16.57
N TYR A 65 25.47 46.07 17.73
CA TYR A 65 26.03 44.74 17.90
C TYR A 65 25.10 43.79 18.66
N ALA A 66 24.25 44.33 19.52
CA ALA A 66 23.25 43.53 20.23
C ALA A 66 22.05 44.41 20.52
N ILE A 67 20.89 43.76 20.70
CA ILE A 67 19.63 44.44 20.93
C ILE A 67 19.01 43.91 22.20
N PHE A 68 18.63 44.82 23.09
CA PHE A 68 17.97 44.49 24.36
C PHE A 68 16.53 44.96 24.29
N GLY A 69 15.58 44.06 24.49
CA GLY A 69 14.20 44.44 24.38
C GLY A 69 13.26 43.40 24.94
N PHE A 70 11.97 43.65 24.75
CA PHE A 70 10.91 42.77 25.20
C PHE A 70 10.03 42.39 24.01
N TYR A 71 9.64 41.12 23.94
CA TYR A 71 8.72 40.69 22.90
C TYR A 71 7.38 40.29 23.50
N GLU A 72 6.43 39.96 22.63
CA GLU A 72 5.13 39.45 23.04
C GLU A 72 4.84 38.17 22.27
N ARG A 73 3.61 37.66 22.36
CA ARG A 73 3.25 36.46 21.62
C ARG A 73 3.25 36.70 20.12
N ARG A 74 2.98 37.93 19.69
CA ARG A 74 2.88 38.23 18.27
C ARG A 74 4.24 38.48 17.62
N THR A 75 5.23 38.94 18.39
CA THR A 75 6.52 39.34 17.84
C THR A 75 7.65 38.41 18.24
N VAL A 76 7.37 37.31 18.92
CA VAL A 76 8.44 36.39 19.31
C VAL A 76 8.98 35.66 18.09
N ASN A 77 8.10 35.18 17.21
CA ASN A 77 8.53 34.42 16.04
C ASN A 77 9.31 35.28 15.07
N MET A 78 8.84 36.52 14.85
CA MET A 78 9.51 37.43 13.92
C MET A 78 10.91 37.78 14.43
N LEU A 79 11.03 38.10 15.73
CA LEU A 79 12.33 38.43 16.30
C LEU A 79 13.27 37.23 16.27
N THR A 80 12.76 36.04 16.60
CA THR A 80 13.58 34.84 16.56
C THR A 80 14.08 34.56 15.15
N SER A 81 13.20 34.71 14.15
CA SER A 81 13.59 34.46 12.78
C SER A 81 14.60 35.48 12.27
N PHE A 82 14.39 36.76 12.57
CA PHE A 82 15.31 37.79 12.13
C PHE A 82 16.68 37.64 12.81
N CYS A 83 16.68 37.25 14.09
CA CYS A 83 17.94 37.04 14.79
C CYS A 83 18.68 35.82 14.26
N GLY A 84 17.95 34.75 13.91
CA GLY A 84 18.59 33.59 13.34
C GLY A 84 19.04 33.79 11.90
N ALA A 85 18.43 34.73 11.18
CA ALA A 85 18.82 35.00 9.80
C ALA A 85 19.98 35.98 9.71
N LEU A 86 19.93 37.07 10.45
CA LEU A 86 20.94 38.12 10.38
C LEU A 86 22.07 37.93 11.39
N HIS A 87 22.00 36.89 12.22
CA HIS A 87 23.02 36.60 13.24
C HIS A 87 23.25 37.78 14.19
N VAL A 88 22.16 38.44 14.57
CA VAL A 88 22.20 39.54 15.53
C VAL A 88 21.53 39.07 16.81
N CYS A 89 22.24 39.19 17.94
CA CYS A 89 21.75 38.65 19.20
C CYS A 89 20.66 39.54 19.79
N PHE A 90 19.76 38.91 20.54
CA PHE A 90 18.66 39.60 21.21
C PHE A 90 18.59 39.13 22.65
N ILE A 91 18.84 40.05 23.58
CA ILE A 91 18.79 39.75 25.01
C ILE A 91 17.47 40.26 25.55
N THR A 92 16.68 39.37 26.15
CA THR A 92 15.34 39.73 26.58
C THR A 92 15.04 39.22 27.98
N PRO A 93 14.34 40.00 28.79
CA PRO A 93 13.80 39.51 30.08
C PRO A 93 12.34 39.03 30.01
N SER A 94 11.76 38.91 28.81
CA SER A 94 10.36 38.57 28.68
C SER A 94 10.13 37.09 28.96
N PHE A 95 8.88 36.65 28.76
CA PHE A 95 8.51 35.28 29.08
C PHE A 95 9.25 34.29 28.18
N PRO A 96 9.76 33.20 28.74
CA PRO A 96 10.51 32.23 27.92
C PRO A 96 9.60 31.53 26.91
N VAL A 97 10.13 31.32 25.71
CA VAL A 97 9.42 30.67 24.63
C VAL A 97 10.25 29.49 24.15
N ASP A 98 9.61 28.32 24.04
CA ASP A 98 10.33 27.12 23.62
C ASP A 98 10.78 27.20 22.17
N THR A 99 10.01 27.85 21.31
CA THR A 99 10.34 27.97 19.89
C THR A 99 11.25 29.18 19.71
N SER A 100 12.56 28.93 19.81
CA SER A 100 13.56 29.97 19.66
C SER A 100 14.85 29.34 19.17
N ASN A 101 15.85 30.18 18.90
CA ASN A 101 17.16 29.73 18.47
C ASN A 101 18.21 30.17 19.50
N GLN A 102 19.48 29.95 19.17
CA GLN A 102 20.58 30.26 20.06
C GLN A 102 20.90 31.76 20.12
N PHE A 103 20.33 32.56 19.23
CA PHE A 103 20.62 33.98 19.17
C PHE A 103 19.68 34.82 20.04
N VAL A 104 18.76 34.19 20.75
CA VAL A 104 17.85 34.89 21.65
C VAL A 104 18.12 34.40 23.07
N LEU A 105 18.73 35.27 23.88
CA LEU A 105 19.02 34.95 25.27
C LEU A 105 17.87 35.45 26.14
N GLN A 106 17.14 34.52 26.73
CA GLN A 106 15.98 34.84 27.57
C GLN A 106 16.42 34.79 29.03
N LEU A 107 16.32 35.93 29.71
CA LEU A 107 16.78 36.04 31.09
C LEU A 107 15.76 35.53 32.10
N ARG A 108 14.52 35.31 31.71
CA ARG A 108 13.49 34.86 32.64
C ARG A 108 13.53 33.35 32.77
N PRO A 109 13.78 32.81 33.95
CA PRO A 109 13.79 31.36 34.12
C PRO A 109 12.39 30.76 33.98
N GLU A 110 12.35 29.50 33.55
CA GLU A 110 11.09 28.81 33.38
C GLU A 110 10.51 28.40 34.73
N LEU A 111 9.19 28.23 34.76
CA LEU A 111 8.48 27.92 35.99
C LEU A 111 7.51 26.74 35.87
N GLN A 112 7.44 26.09 34.71
CA GLN A 112 6.51 24.98 34.54
C GLN A 112 6.91 23.79 35.40
N GLU A 113 8.20 23.40 35.35
CA GLU A 113 8.66 22.24 36.10
C GLU A 113 8.59 22.50 37.61
N ALA A 114 8.91 23.72 38.04
CA ALA A 114 8.80 24.08 39.45
C ALA A 114 7.35 24.04 39.92
N LEU A 115 6.43 24.51 39.08
CA LEU A 115 5.01 24.44 39.42
C LEU A 115 4.53 23.01 39.53
N ILE A 116 4.95 22.14 38.60
CA ILE A 116 4.58 20.74 38.66
C ILE A 116 5.15 20.08 39.91
N SER A 117 6.40 20.42 40.25
CA SER A 117 7.03 19.85 41.44
C SER A 117 6.32 20.29 42.71
N ILE A 118 5.94 21.56 42.81
CA ILE A 118 5.27 22.03 44.01
C ILE A 118 3.84 21.47 44.10
N ILE A 119 3.19 21.24 42.97
CA ILE A 119 1.87 20.61 42.99
C ILE A 119 1.97 19.16 43.43
N ASP A 120 3.00 18.45 42.94
CA ASP A 120 3.23 17.07 43.38
C ASP A 120 3.57 17.01 44.87
N HIS A 121 4.36 17.97 45.35
CA HIS A 121 4.69 18.01 46.77
C HIS A 121 3.46 18.30 47.63
N TYR A 122 2.56 19.16 47.15
CA TYR A 122 1.37 19.50 47.89
C TYR A 122 0.28 18.44 47.77
N LYS A 123 0.48 17.40 46.94
CA LYS A 123 -0.46 16.30 46.75
C LYS A 123 -1.83 16.81 46.28
N TRP A 124 -1.83 17.41 45.10
CA TRP A 124 -3.02 17.99 44.51
C TRP A 124 -3.49 17.12 43.34
N GLN A 125 -4.78 16.76 43.35
CA GLN A 125 -5.37 15.98 42.28
C GLN A 125 -6.57 16.62 41.62
N THR A 126 -7.17 17.64 42.24
CA THR A 126 -8.32 18.35 41.67
C THR A 126 -8.15 19.82 41.98
N PHE A 127 -7.96 20.64 40.95
CA PHE A 127 -7.70 22.06 41.16
C PHE A 127 -8.14 22.86 39.94
N VAL A 128 -8.23 24.17 40.13
CA VAL A 128 -8.65 25.10 39.10
C VAL A 128 -7.45 25.92 38.68
N TYR A 129 -7.11 25.87 37.40
CA TYR A 129 -5.94 26.55 36.85
C TYR A 129 -6.42 27.78 36.09
N ILE A 130 -6.22 28.96 36.68
CA ILE A 130 -6.60 30.23 36.07
C ILE A 130 -5.37 30.80 35.38
N TYR A 131 -5.41 30.87 34.06
CA TYR A 131 -4.25 31.24 33.26
C TYR A 131 -4.53 32.50 32.44
N ASP A 132 -3.46 33.03 31.85
CA ASP A 132 -3.52 34.19 30.98
C ASP A 132 -3.14 33.76 29.57
N ALA A 133 -3.96 34.14 28.59
CA ALA A 133 -3.72 33.72 27.21
C ALA A 133 -2.56 34.48 26.59
N ASP A 134 -2.37 35.75 26.95
CA ASP A 134 -1.35 36.58 26.33
C ASP A 134 0.06 36.23 26.81
N ARG A 135 0.19 35.50 27.91
CA ARG A 135 1.50 35.13 28.45
C ARG A 135 2.05 33.85 27.83
N GLY A 136 1.29 33.19 26.97
CA GLY A 136 1.72 31.91 26.42
C GLY A 136 0.97 30.76 27.06
N LEU A 137 0.86 29.67 26.31
CA LEU A 137 0.08 28.51 26.75
C LEU A 137 0.92 27.24 26.88
N SER A 138 2.26 27.36 26.91
CA SER A 138 3.10 26.19 27.10
C SER A 138 2.93 25.61 28.49
N VAL A 139 2.76 26.47 29.50
CA VAL A 139 2.57 25.99 30.86
C VAL A 139 1.24 25.26 30.99
N LEU A 140 0.20 25.76 30.32
CA LEU A 140 -1.09 25.08 30.31
C LEU A 140 -0.98 23.71 29.65
N GLN A 141 -0.23 23.63 28.54
CA GLN A 141 -0.03 22.34 27.87
C GLN A 141 0.71 21.35 28.78
N ARG A 142 1.75 21.83 29.47
CA ARG A 142 2.48 20.97 30.39
C ARG A 142 1.60 20.49 31.54
N VAL A 143 0.77 21.39 32.08
CA VAL A 143 -0.13 21.03 33.17
C VAL A 143 -1.15 19.99 32.70
N LEU A 144 -1.71 20.19 31.49
CA LEU A 144 -2.69 19.24 30.97
C LEU A 144 -2.07 17.88 30.68
N ASP A 145 -0.85 17.86 30.12
CA ASP A 145 -0.18 16.59 29.87
C ASP A 145 0.16 15.86 31.16
N THR A 146 0.62 16.60 32.18
CA THR A 146 0.91 15.98 33.47
C THR A 146 -0.37 15.46 34.12
N ALA A 147 -1.48 16.19 33.96
CA ALA A 147 -2.76 15.73 34.48
C ALA A 147 -3.22 14.46 33.79
N ALA A 148 -3.07 14.40 32.46
CA ALA A 148 -3.44 13.19 31.73
C ALA A 148 -2.55 12.02 32.12
N GLU A 149 -1.28 12.26 32.41
CA GLU A 149 -0.39 11.19 32.84
C GLU A 149 -0.70 10.73 34.26
N LYS A 150 -1.12 11.64 35.14
CA LYS A 150 -1.30 11.34 36.56
C LYS A 150 -2.76 11.35 36.99
N ASN A 151 -3.70 11.37 36.05
CA ASN A 151 -5.14 11.28 36.33
C ASN A 151 -5.62 12.38 37.28
N TRP A 152 -5.18 13.61 37.02
CA TRP A 152 -5.63 14.75 37.81
C TRP A 152 -6.96 15.27 37.28
N GLN A 153 -7.46 16.35 37.88
CA GLN A 153 -8.70 16.99 37.45
C GLN A 153 -8.46 18.50 37.49
N VAL A 154 -8.13 19.07 36.33
CA VAL A 154 -7.81 20.49 36.21
C VAL A 154 -8.97 21.20 35.51
N THR A 155 -9.46 22.26 36.13
CA THR A 155 -10.46 23.14 35.51
C THR A 155 -9.72 24.34 34.95
N ALA A 156 -9.49 24.33 33.64
CA ALA A 156 -8.73 25.40 33.00
C ALA A 156 -9.64 26.60 32.72
N VAL A 157 -9.25 27.77 33.20
CA VAL A 157 -10.06 28.97 33.12
C VAL A 157 -9.21 30.11 32.59
N ASN A 158 -9.63 30.72 31.49
CA ASN A 158 -8.96 31.88 30.93
C ASN A 158 -9.38 33.13 31.68
N ILE A 159 -8.40 34.02 31.92
CA ILE A 159 -8.68 35.25 32.64
C ILE A 159 -9.50 36.21 31.77
N LEU A 160 -9.14 36.33 30.50
CA LEU A 160 -9.78 37.33 29.63
C LEU A 160 -11.22 36.96 29.31
N THR A 161 -11.48 35.69 29.01
CA THR A 161 -12.82 35.29 28.57
C THR A 161 -13.81 35.29 29.73
N THR A 162 -13.37 34.86 30.91
CA THR A 162 -14.28 34.74 32.05
C THR A 162 -14.64 36.11 32.61
N THR A 163 -15.93 36.28 32.92
CA THR A 163 -16.44 37.50 33.51
C THR A 163 -16.66 37.30 35.01
N GLU A 164 -17.27 38.29 35.66
CA GLU A 164 -17.55 38.19 37.08
C GLU A 164 -18.57 37.08 37.38
N GLU A 165 -19.57 36.92 36.51
CA GLU A 165 -20.53 35.84 36.70
C GLU A 165 -19.87 34.48 36.56
N GLY A 166 -18.93 34.36 35.62
CA GLY A 166 -18.18 33.11 35.51
C GLY A 166 -17.36 32.79 36.74
N TYR A 167 -16.74 33.82 37.34
CA TYR A 167 -16.00 33.61 38.57
C TYR A 167 -16.93 33.24 39.73
N ARG A 168 -18.11 33.84 39.78
CA ARG A 168 -19.09 33.48 40.81
C ARG A 168 -19.53 32.04 40.65
N MET A 169 -19.78 31.60 39.42
CA MET A 169 -20.14 30.20 39.18
C MET A 169 -19.00 29.26 39.52
N LEU A 170 -17.76 29.67 39.22
CA LEU A 170 -16.59 28.87 39.59
C LEU A 170 -16.48 28.71 41.09
N PHE A 171 -16.71 29.80 41.84
CA PHE A 171 -16.62 29.72 43.31
C PHE A 171 -17.79 28.94 43.89
N GLN A 172 -18.97 29.02 43.27
CA GLN A 172 -20.09 28.18 43.70
C GLN A 172 -19.77 26.70 43.49
N ASP A 173 -19.13 26.36 42.37
CA ASP A 173 -18.70 24.99 42.14
C ASP A 173 -17.65 24.59 43.17
N LEU A 174 -16.70 25.48 43.46
CA LEU A 174 -15.60 25.15 44.36
C LEU A 174 -16.08 24.95 45.80
N GLU A 175 -17.08 25.73 46.22
CA GLU A 175 -17.58 25.64 47.59
C GLU A 175 -18.31 24.33 47.88
N LYS A 176 -18.63 23.55 46.85
CA LYS A 176 -19.28 22.25 47.06
C LYS A 176 -18.31 21.20 47.61
N LYS A 177 -17.02 21.48 47.63
CA LYS A 177 -16.02 20.57 48.17
C LYS A 177 -15.29 21.25 49.33
N LYS A 178 -14.53 20.44 50.08
CA LYS A 178 -13.84 20.95 51.25
C LYS A 178 -12.58 21.73 50.87
N GLU A 179 -11.70 21.12 50.09
CA GLU A 179 -10.44 21.74 49.71
C GLU A 179 -10.59 22.43 48.36
N ARG A 180 -10.43 23.76 48.35
CA ARG A 180 -10.55 24.56 47.14
C ARG A 180 -9.15 24.97 46.72
N LEU A 181 -8.63 24.31 45.69
CA LEU A 181 -7.25 24.49 45.25
C LEU A 181 -7.24 25.26 43.94
N VAL A 182 -6.53 26.40 43.92
CA VAL A 182 -6.47 27.27 42.76
C VAL A 182 -5.01 27.56 42.44
N VAL A 183 -4.63 27.38 41.18
CA VAL A 183 -3.30 27.74 40.68
C VAL A 183 -3.47 28.89 39.70
N VAL A 184 -2.90 30.04 40.02
CA VAL A 184 -3.00 31.23 39.19
C VAL A 184 -1.68 31.44 38.47
N ASP A 185 -1.73 31.57 37.15
CA ASP A 185 -0.56 31.77 36.31
C ASP A 185 -0.76 33.07 35.53
N CYS A 186 -0.17 34.16 36.02
CA CYS A 186 -0.31 35.46 35.38
C CYS A 186 0.82 36.37 35.85
N GLU A 187 1.00 37.47 35.12
CA GLU A 187 2.00 38.47 35.49
C GLU A 187 1.60 39.16 36.79
N SER A 188 2.61 39.59 37.55
CA SER A 188 2.36 40.27 38.81
C SER A 188 1.67 41.61 38.64
N GLU A 189 1.79 42.24 37.47
CA GLU A 189 1.11 43.51 37.23
C GLU A 189 -0.39 43.31 37.10
N ARG A 190 -0.81 42.31 36.33
CA ARG A 190 -2.23 42.04 36.11
C ARG A 190 -2.86 41.21 37.23
N LEU A 191 -2.06 40.60 38.08
CA LEU A 191 -2.60 39.71 39.11
C LEU A 191 -3.20 40.49 40.28
N ASN A 192 -2.88 41.78 40.41
CA ASN A 192 -3.48 42.59 41.48
C ASN A 192 -4.99 42.73 41.26
N ALA A 193 -5.40 43.08 40.04
CA ALA A 193 -6.82 43.17 39.74
C ALA A 193 -7.49 41.81 39.78
N ILE A 194 -6.76 40.75 39.42
CA ILE A 194 -7.30 39.39 39.52
C ILE A 194 -7.59 39.05 40.97
N LEU A 195 -6.66 39.36 41.87
CA LEU A 195 -6.87 39.10 43.29
C LEU A 195 -7.99 39.94 43.85
N GLY A 196 -8.11 41.18 43.39
CA GLY A 196 -9.23 42.02 43.81
C GLY A 196 -10.57 41.47 43.36
N GLN A 197 -10.63 40.91 42.15
CA GLN A 197 -11.88 40.31 41.71
C GLN A 197 -12.13 38.97 42.38
N ILE A 198 -11.09 38.30 42.84
CA ILE A 198 -11.24 36.95 43.39
C ILE A 198 -11.63 36.99 44.86
N VAL A 199 -10.91 37.75 45.68
CA VAL A 199 -11.04 37.62 47.13
C VAL A 199 -11.70 38.83 47.80
N LYS A 200 -11.70 40.00 47.18
CA LYS A 200 -12.24 41.18 47.85
C LYS A 200 -13.76 41.14 47.94
N LEU A 201 -14.42 40.75 46.85
CA LEU A 201 -15.88 40.65 46.85
C LEU A 201 -16.36 39.25 47.21
N GLU A 202 -15.64 38.21 46.80
CA GLU A 202 -15.97 36.83 47.13
C GLU A 202 -14.98 36.37 48.20
N LYS A 203 -15.45 36.30 49.45
CA LYS A 203 -14.58 36.01 50.58
C LYS A 203 -14.19 34.54 50.57
N ASN A 204 -12.91 34.28 50.24
CA ASN A 204 -12.39 32.92 50.32
C ASN A 204 -12.18 32.54 51.78
N GLY A 205 -12.64 31.34 52.15
CA GLY A 205 -12.60 30.90 53.53
C GLY A 205 -11.22 30.43 53.97
N ILE A 206 -11.21 29.54 54.97
CA ILE A 206 -9.97 29.03 55.54
C ILE A 206 -9.62 27.70 54.88
N GLY A 207 -10.32 27.37 53.80
CA GLY A 207 -10.07 26.13 53.09
C GLY A 207 -9.47 26.33 51.72
N TYR A 208 -9.33 27.58 51.31
CA TYR A 208 -8.78 27.90 50.00
C TYR A 208 -7.26 27.86 50.03
N HIS A 209 -6.66 27.22 49.02
CA HIS A 209 -5.21 27.18 48.86
C HIS A 209 -4.87 27.69 47.47
N TYR A 210 -4.07 28.76 47.42
CA TYR A 210 -3.69 29.42 46.18
C TYR A 210 -2.21 29.24 45.93
N ILE A 211 -1.86 28.90 44.68
CA ILE A 211 -0.47 28.81 44.25
C ILE A 211 -0.26 29.82 43.14
N LEU A 212 0.59 30.81 43.39
CA LEU A 212 0.87 31.86 42.41
C LEU A 212 2.06 31.44 41.55
N ALA A 213 1.84 31.33 40.25
CA ALA A 213 2.88 30.90 39.32
C ALA A 213 3.56 32.12 38.70
N ASN A 214 4.39 32.77 39.52
CA ASN A 214 5.18 33.90 39.07
C ASN A 214 6.45 33.96 39.90
N LEU A 215 7.46 34.64 39.35
CA LEU A 215 8.75 34.76 40.03
C LEU A 215 8.76 35.85 41.11
N GLY A 216 7.75 36.71 41.14
CA GLY A 216 7.70 37.76 42.14
C GLY A 216 6.66 37.53 43.21
N PHE A 217 7.09 37.19 44.42
CA PHE A 217 6.19 36.96 45.54
C PHE A 217 6.08 38.16 46.47
N MET A 218 7.19 38.85 46.74
CA MET A 218 7.16 40.07 47.53
C MET A 218 6.64 41.28 46.76
N ASP A 219 6.48 41.16 45.44
CA ASP A 219 6.00 42.26 44.61
C ASP A 219 4.48 42.33 44.59
N ILE A 220 3.79 41.46 45.31
CA ILE A 220 2.33 41.34 45.25
C ILE A 220 1.77 41.68 46.63
N ASP A 221 0.81 42.60 46.67
CA ASP A 221 0.16 43.00 47.91
C ASP A 221 -0.72 41.85 48.40
N LEU A 222 -0.27 41.14 49.43
CA LEU A 222 -0.97 39.98 49.96
C LEU A 222 -1.70 40.29 51.27
N ASN A 223 -2.17 41.54 51.42
CA ASN A 223 -2.90 41.89 52.63
C ASN A 223 -4.30 41.29 52.63
N LYS A 224 -4.97 41.29 51.48
CA LYS A 224 -6.31 40.73 51.38
C LYS A 224 -6.30 39.22 51.63
N PHE A 225 -5.28 38.52 51.14
CA PHE A 225 -5.19 37.09 51.38
C PHE A 225 -4.83 36.78 52.83
N LYS A 226 -4.17 37.71 53.52
CA LYS A 226 -3.97 37.56 54.95
C LYS A 226 -5.26 37.80 55.73
N GLU A 227 -6.06 38.77 55.27
CA GLU A 227 -7.35 39.02 55.90
C GLU A 227 -8.31 37.85 55.72
N SER A 228 -8.30 37.23 54.54
CA SER A 228 -9.19 36.11 54.25
C SER A 228 -8.73 34.81 54.90
N GLY A 229 -7.51 34.75 55.42
CA GLY A 229 -7.00 33.55 56.05
C GLY A 229 -6.79 32.38 55.11
N ALA A 230 -6.24 32.64 53.93
CA ALA A 230 -5.95 31.60 52.95
C ALA A 230 -4.46 31.36 52.87
N ASN A 231 -4.09 30.17 52.36
CA ASN A 231 -2.71 29.76 52.24
C ASN A 231 -2.21 30.09 50.83
N VAL A 232 -1.08 30.80 50.75
CA VAL A 232 -0.51 31.28 49.50
C VAL A 232 0.87 30.68 49.34
N THR A 233 1.14 30.10 48.18
CA THR A 233 2.45 29.59 47.84
C THR A 233 2.94 30.26 46.56
N GLY A 234 4.18 30.73 46.57
CA GLY A 234 4.76 31.41 45.43
C GLY A 234 6.24 31.09 45.30
N PHE A 235 6.82 31.62 44.23
CA PHE A 235 8.24 31.43 43.93
C PHE A 235 8.93 32.78 43.92
N GLN A 236 10.17 32.82 44.41
CA GLN A 236 10.95 34.04 44.51
C GLN A 236 12.28 33.85 43.81
N LEU A 237 12.64 34.82 42.97
CA LEU A 237 13.88 34.78 42.21
C LEU A 237 14.96 35.70 42.79
N VAL A 238 14.57 36.88 43.28
CA VAL A 238 15.51 37.87 43.82
C VAL A 238 15.41 37.85 45.34
N ASN A 239 16.56 37.87 45.99
CA ASN A 239 16.65 37.88 47.46
C ASN A 239 17.40 39.14 47.86
N TYR A 240 16.66 40.18 48.26
CA TYR A 240 17.26 41.45 48.61
C TYR A 240 17.99 41.40 49.95
N THR A 241 17.82 40.33 50.73
CA THR A 241 18.54 40.19 51.99
C THR A 241 19.99 39.82 51.77
N ASP A 242 20.29 39.08 50.70
CA ASP A 242 21.64 38.62 50.42
C ASP A 242 22.57 39.80 50.13
N THR A 243 23.87 39.55 50.26
CA THR A 243 24.86 40.63 50.29
C THR A 243 24.94 41.36 48.94
N ILE A 244 25.08 40.61 47.85
CA ILE A 244 25.21 41.24 46.54
C ILE A 244 23.95 42.02 46.12
N PRO A 245 22.73 41.45 46.21
CA PRO A 245 21.55 42.27 45.87
C PRO A 245 21.35 43.46 46.78
N ALA A 246 21.66 43.32 48.07
CA ALA A 246 21.53 44.46 48.99
C ALA A 246 22.52 45.56 48.64
N ARG A 247 23.75 45.18 48.30
CA ARG A 247 24.76 46.16 47.88
C ARG A 247 24.34 46.86 46.60
N ILE A 248 23.80 46.10 45.64
CA ILE A 248 23.34 46.69 44.38
C ILE A 248 22.20 47.66 44.62
N MET A 249 21.25 47.28 45.48
CA MET A 249 20.11 48.15 45.78
C MET A 249 20.56 49.39 46.54
N GLN A 250 21.55 49.25 47.43
CA GLN A 250 22.08 50.41 48.14
C GLN A 250 22.78 51.38 47.20
N GLN A 251 23.56 50.85 46.25
CA GLN A 251 24.19 51.71 45.25
C GLN A 251 23.15 52.37 44.35
N TRP A 252 22.06 51.67 44.07
CA TRP A 252 20.99 52.26 43.25
C TRP A 252 20.30 53.39 43.99
N ARG A 253 19.95 53.17 45.26
CA ARG A 253 19.22 54.18 46.02
C ARG A 253 20.10 55.36 46.40
N THR A 254 21.32 55.09 46.85
CA THR A 254 22.25 56.14 47.26
C THR A 254 23.19 56.49 46.10
N SER A 255 22.59 57.02 45.03
CA SER A 255 23.32 57.41 43.84
C SER A 255 23.18 58.91 43.61
N ASP A 256 24.20 59.50 42.99
CA ASP A 256 24.23 60.93 42.71
C ASP A 256 23.56 61.28 41.38
N SER A 257 22.73 60.38 40.85
CA SER A 257 22.02 60.61 39.59
C SER A 257 20.56 60.23 39.79
N ARG A 258 19.69 61.23 39.85
CA ARG A 258 18.26 60.97 40.02
C ARG A 258 17.71 60.35 38.74
N ASP A 259 16.93 59.27 38.90
CA ASP A 259 16.41 58.52 37.77
C ASP A 259 15.08 59.10 37.29
N HIS A 260 14.92 59.15 35.97
CA HIS A 260 13.63 59.50 35.38
C HIS A 260 12.61 58.43 35.75
N THR A 261 11.40 58.87 36.13
CA THR A 261 10.32 58.01 36.60
C THR A 261 10.79 57.17 37.79
N ARG A 262 11.02 57.88 38.90
CA ARG A 262 11.71 57.34 40.07
C ARG A 262 11.07 56.05 40.56
N VAL A 263 11.92 55.08 40.89
CA VAL A 263 11.47 53.73 41.21
C VAL A 263 10.78 53.73 42.58
N ASP A 264 9.59 53.13 42.63
CA ASP A 264 8.91 52.90 43.90
C ASP A 264 9.67 51.82 44.65
N TRP A 265 10.45 52.24 45.65
CA TRP A 265 11.32 51.32 46.37
C TRP A 265 10.55 50.35 47.25
N LYS A 266 9.28 50.63 47.53
CA LYS A 266 8.47 49.71 48.33
C LYS A 266 8.06 48.48 47.54
N ARG A 267 8.02 48.55 46.21
CA ARG A 267 7.62 47.44 45.35
C ARG A 267 8.67 47.24 44.26
N PRO A 268 9.80 46.61 44.61
CA PRO A 268 10.85 46.37 43.60
C PRO A 268 10.51 45.17 42.73
N LYS A 269 10.25 45.45 41.45
CA LYS A 269 9.88 44.39 40.52
C LYS A 269 11.10 43.58 40.11
N TYR A 270 10.87 42.29 39.84
CA TYR A 270 11.95 41.41 39.41
C TYR A 270 12.35 41.64 37.96
N THR A 271 11.49 42.27 37.15
CA THR A 271 11.86 42.59 35.78
C THR A 271 12.97 43.63 35.72
N SER A 272 13.01 44.55 36.69
CA SER A 272 14.12 45.49 36.78
C SER A 272 15.43 44.77 37.10
N ALA A 273 15.36 43.76 37.98
CA ALA A 273 16.54 42.95 38.26
C ALA A 273 16.99 42.17 37.03
N LEU A 274 16.03 41.66 36.24
CA LEU A 274 16.37 40.96 35.01
C LEU A 274 17.02 41.90 34.00
N THR A 275 16.52 43.13 33.90
CA THR A 275 17.13 44.13 33.01
C THR A 275 18.55 44.48 33.46
N TYR A 276 18.74 44.64 34.77
CA TYR A 276 20.06 44.90 35.32
C TYR A 276 21.03 43.76 35.00
N ASP A 277 20.57 42.52 35.19
CA ASP A 277 21.41 41.38 34.87
C ASP A 277 21.68 41.26 33.38
N GLY A 278 20.73 41.68 32.53
CA GLY A 278 20.96 41.68 31.09
C GLY A 278 22.03 42.66 30.66
N VAL A 279 21.98 43.88 31.23
CA VAL A 279 23.06 44.84 30.98
C VAL A 279 24.38 44.28 31.48
N LYS A 280 24.36 43.59 32.63
CA LYS A 280 25.59 43.04 33.16
C LYS A 280 26.17 41.95 32.27
N VAL A 281 25.33 41.03 31.76
CA VAL A 281 25.87 39.95 30.93
C VAL A 281 26.38 40.52 29.61
N MET A 282 25.69 41.52 29.07
CA MET A 282 26.20 42.20 27.87
C MET A 282 27.58 42.82 28.12
N ALA A 283 27.72 43.52 29.25
CA ALA A 283 28.99 44.19 29.55
C ALA A 283 30.12 43.18 29.77
N GLU A 284 29.87 42.13 30.56
CA GLU A 284 30.92 41.16 30.83
C GLU A 284 31.28 40.36 29.57
N ALA A 285 30.29 40.07 28.71
CA ALA A 285 30.60 39.37 27.47
C ALA A 285 31.45 40.22 26.54
N PHE A 286 31.14 41.52 26.42
CA PHE A 286 31.97 42.38 25.58
C PHE A 286 33.36 42.57 26.18
N GLN A 287 33.46 42.64 27.50
CA GLN A 287 34.78 42.73 28.13
C GLN A 287 35.57 41.44 27.94
N SER A 288 34.90 40.29 27.95
CA SER A 288 35.57 39.02 27.68
C SER A 288 36.02 38.93 26.23
N LEU A 289 35.23 39.48 25.31
CA LEU A 289 35.66 39.57 23.92
C LEU A 289 36.89 40.45 23.78
N ARG A 290 36.94 41.56 24.54
CA ARG A 290 38.12 42.41 24.54
C ARG A 290 39.32 41.69 25.11
N ARG A 291 39.11 40.87 26.14
CA ARG A 291 40.20 40.17 26.81
C ARG A 291 40.84 39.13 25.88
N GLN A 292 40.05 38.44 25.07
CA GLN A 292 40.56 37.41 24.20
C GLN A 292 41.12 37.94 22.87
N ARG A 293 41.04 39.26 22.65
CA ARG A 293 41.59 39.91 21.46
C ARG A 293 41.00 39.34 20.17
N ILE A 294 39.68 39.23 20.14
CA ILE A 294 38.94 38.77 18.97
C ILE A 294 38.32 39.98 18.28
N ASP A 295 38.56 40.11 16.98
CA ASP A 295 38.12 41.30 16.26
C ASP A 295 36.59 41.33 16.15
N ILE A 296 36.02 42.49 16.45
CA ILE A 296 34.58 42.66 16.57
C ILE A 296 34.11 43.77 15.64
N SER A 297 35.03 44.71 15.35
CA SER A 297 34.69 45.93 14.62
C SER A 297 34.08 45.65 13.26
N ARG A 298 33.01 46.38 12.95
CA ARG A 298 32.28 46.18 11.70
C ARG A 298 33.06 46.79 10.55
N ARG A 299 33.42 45.96 9.57
CA ARG A 299 34.12 46.42 8.37
C ARG A 299 33.08 46.76 7.31
N GLY A 300 32.77 48.03 7.18
CA GLY A 300 31.78 48.48 6.23
C GLY A 300 30.42 48.67 6.86
N ASN A 301 29.64 49.59 6.29
CA ASN A 301 28.31 49.89 6.82
C ASN A 301 27.35 48.73 6.54
N ALA A 302 26.52 48.42 7.53
CA ALA A 302 25.53 47.36 7.37
C ALA A 302 24.43 47.79 6.41
N GLY A 303 23.96 46.84 5.60
CA GLY A 303 22.93 47.10 4.63
C GLY A 303 21.53 46.91 5.17
N ASP A 304 20.59 46.73 4.27
CA ASP A 304 19.20 46.50 4.63
C ASP A 304 19.03 45.12 5.25
N CYS A 305 17.98 44.95 6.05
CA CYS A 305 17.64 43.61 6.54
C CYS A 305 17.25 42.69 5.39
N LEU A 306 16.33 43.16 4.54
CA LEU A 306 15.75 42.31 3.51
C LEU A 306 16.60 42.40 2.25
N ALA A 307 17.83 41.92 2.39
CA ALA A 307 18.78 41.80 1.29
C ALA A 307 18.86 40.33 0.89
N ASN A 308 18.60 40.06 -0.39
CA ASN A 308 18.61 38.70 -0.89
C ASN A 308 19.87 38.47 -1.72
N PRO A 309 20.74 37.53 -1.34
CA PRO A 309 20.67 36.66 -0.16
C PRO A 309 21.20 37.34 1.10
N ALA A 310 20.77 36.90 2.28
CA ALA A 310 21.21 37.47 3.54
C ALA A 310 22.45 36.71 4.00
N VAL A 311 23.62 37.33 3.86
CA VAL A 311 24.88 36.73 4.28
C VAL A 311 25.16 37.17 5.72
N PRO A 312 25.18 36.25 6.69
CA PRO A 312 25.46 36.65 8.07
C PRO A 312 26.91 37.04 8.25
N TRP A 313 27.13 38.05 9.10
CA TRP A 313 28.48 38.49 9.41
C TRP A 313 29.20 37.46 10.28
N GLY A 314 30.52 37.40 10.13
CA GLY A 314 31.30 36.37 10.80
C GLY A 314 31.51 36.57 12.28
N GLN A 315 31.40 37.82 12.76
CA GLN A 315 31.58 38.10 14.18
C GLN A 315 30.32 37.80 14.99
N GLY A 316 29.19 37.55 14.33
CA GLY A 316 27.95 37.29 15.06
C GLY A 316 28.02 36.01 15.87
N ILE A 317 28.62 34.96 15.33
CA ILE A 317 28.77 33.71 16.07
C ILE A 317 29.70 33.90 17.26
N ASP A 318 30.74 34.73 17.11
CA ASP A 318 31.63 35.02 18.23
C ASP A 318 30.90 35.79 19.32
N ILE A 319 30.08 36.77 18.94
CA ILE A 319 29.31 37.53 19.92
C ILE A 319 28.31 36.61 20.63
N GLN A 320 27.67 35.71 19.88
CA GLN A 320 26.72 34.77 20.48
C GLN A 320 27.41 33.82 21.44
N ARG A 321 28.60 33.33 21.08
CA ARG A 321 29.34 32.44 21.98
C ARG A 321 29.80 33.19 23.22
N ALA A 322 30.23 34.44 23.08
CA ALA A 322 30.63 35.24 24.23
C ALA A 322 29.44 35.51 25.15
N LEU A 323 28.26 35.79 24.56
CA LEU A 323 27.06 35.96 25.37
C LEU A 323 26.68 34.67 26.09
N GLN A 324 26.83 33.52 25.41
CA GLN A 324 26.50 32.24 26.01
C GLN A 324 27.43 31.91 27.17
N GLN A 325 28.75 32.00 26.95
CA GLN A 325 29.73 31.52 27.92
C GLN A 325 29.99 32.56 29.01
N VAL A 326 28.92 32.86 29.75
CA VAL A 326 28.95 33.83 30.84
C VAL A 326 28.34 33.19 32.08
N ARG A 327 28.99 33.38 33.23
CA ARG A 327 28.52 32.87 34.52
C ARG A 327 28.90 33.90 35.58
N PHE A 328 27.96 34.78 35.93
CA PHE A 328 28.24 35.69 37.04
C PHE A 328 27.20 35.49 38.13
N GLU A 329 27.25 36.35 39.16
CA GLU A 329 26.29 36.34 40.24
C GLU A 329 25.78 37.77 40.43
N GLY A 330 24.54 38.00 40.02
CA GLY A 330 23.94 39.33 40.12
C GLY A 330 22.67 39.35 40.94
N LEU A 331 21.78 40.29 40.60
CA LEU A 331 20.58 40.52 41.41
C LEU A 331 19.70 39.29 41.49
N THR A 332 19.52 38.58 40.38
CA THR A 332 18.71 37.38 40.34
C THR A 332 19.48 36.13 40.71
N GLY A 333 20.72 36.27 41.16
CA GLY A 333 21.50 35.12 41.56
C GLY A 333 22.50 34.68 40.52
N ASN A 334 22.65 33.37 40.35
CA ASN A 334 23.62 32.84 39.39
C ASN A 334 23.08 32.96 37.97
N VAL A 335 23.77 33.72 37.13
CA VAL A 335 23.37 33.93 35.75
C VAL A 335 24.32 33.14 34.86
N GLN A 336 23.74 32.22 34.08
CA GLN A 336 24.43 31.30 33.20
C GLN A 336 23.45 30.68 32.22
N PHE A 337 23.77 30.68 30.93
CA PHE A 337 22.87 30.18 29.90
C PHE A 337 23.35 28.84 29.36
N ASN A 338 22.41 28.07 28.81
CA ASN A 338 22.72 26.76 28.25
C ASN A 338 23.02 26.91 26.75
N GLU A 339 23.08 25.79 26.04
CA GLU A 339 23.38 25.81 24.61
C GLU A 339 22.23 26.31 23.76
N LYS A 340 21.01 26.35 24.31
CA LYS A 340 19.84 26.81 23.56
C LYS A 340 19.43 28.23 23.92
N GLY A 341 20.28 28.96 24.65
CA GLY A 341 19.99 30.36 24.95
C GLY A 341 19.08 30.60 26.12
N ARG A 342 18.84 29.59 26.95
CA ARG A 342 17.95 29.72 28.10
C ARG A 342 18.74 29.63 29.40
N ARG A 343 18.27 30.33 30.42
CA ARG A 343 18.97 30.37 31.70
C ARG A 343 18.87 29.03 32.41
N THR A 344 20.00 28.56 32.93
CA THR A 344 20.06 27.31 33.68
C THR A 344 20.90 27.53 34.92
N ASN A 345 20.98 26.50 35.77
CA ASN A 345 21.73 26.54 37.03
C ASN A 345 21.24 27.68 37.93
N TYR A 346 19.92 27.76 38.09
CA TYR A 346 19.27 28.78 38.89
C TYR A 346 18.55 28.14 40.06
N THR A 347 18.22 28.96 41.06
CA THR A 347 17.49 28.52 42.23
C THR A 347 16.27 29.41 42.45
N LEU A 348 15.15 28.79 42.82
CA LEU A 348 13.92 29.49 43.15
C LEU A 348 13.54 29.17 44.58
N HIS A 349 13.24 30.20 45.37
CA HIS A 349 12.88 30.02 46.76
C HIS A 349 11.36 29.89 46.88
N VAL A 350 10.91 28.76 47.41
CA VAL A 350 9.49 28.51 47.63
C VAL A 350 9.11 29.04 49.00
N ILE A 351 8.20 30.00 49.05
CA ILE A 351 7.80 30.66 50.28
C ILE A 351 6.30 30.50 50.46
N GLU A 352 5.86 30.32 51.70
CA GLU A 352 4.46 30.12 52.02
C GLU A 352 4.04 31.11 53.11
N MET A 353 2.78 31.53 53.04
CA MET A 353 2.16 32.34 54.09
C MET A 353 0.74 31.80 54.32
N LYS A 354 0.57 31.01 55.37
CA LYS A 354 -0.75 30.47 55.67
C LYS A 354 -1.47 31.29 56.75
N HIS A 355 -0.93 31.29 57.96
CA HIS A 355 -1.48 32.07 59.06
C HIS A 355 -0.42 32.85 59.83
N ASP A 356 0.77 32.28 60.01
CA ASP A 356 1.80 32.95 60.80
C ASP A 356 2.42 34.11 60.03
N GLY A 357 2.69 33.91 58.75
CA GLY A 357 3.27 34.93 57.91
C GLY A 357 4.21 34.33 56.90
N ILE A 358 5.12 35.16 56.40
CA ILE A 358 6.06 34.76 55.36
C ILE A 358 7.07 33.78 55.94
N ARG A 359 7.22 32.62 55.30
CA ARG A 359 8.20 31.64 55.76
C ARG A 359 8.60 30.76 54.58
N LYS A 360 9.92 30.61 54.39
CA LYS A 360 10.42 29.77 53.30
C LYS A 360 10.29 28.29 53.67
N ILE A 361 9.87 27.48 52.70
CA ILE A 361 9.68 26.05 52.92
C ILE A 361 10.69 25.19 52.18
N GLY A 362 11.48 25.76 51.27
CA GLY A 362 12.44 24.99 50.52
C GLY A 362 12.86 25.75 49.29
N TYR A 363 13.65 25.07 48.46
CA TYR A 363 14.14 25.67 47.22
C TYR A 363 14.13 24.65 46.10
N TRP A 364 13.96 25.15 44.88
CA TRP A 364 13.87 24.30 43.69
C TRP A 364 15.08 24.54 42.79
N ASN A 365 15.75 23.44 42.40
CA ASN A 365 16.85 23.46 41.47
C ASN A 365 16.54 22.53 40.30
N GLU A 366 17.22 22.76 39.17
CA GLU A 366 16.99 21.94 37.99
C GLU A 366 17.47 20.50 38.21
N ASP A 367 18.56 20.32 38.94
CA ASP A 367 19.11 18.99 39.19
C ASP A 367 18.58 18.38 40.47
N ASP A 368 18.50 19.15 41.55
CA ASP A 368 18.06 18.64 42.84
C ASP A 368 16.56 18.69 43.02
N LYS A 369 15.81 19.22 42.05
CA LYS A 369 14.35 19.34 42.08
C LYS A 369 13.96 20.17 43.30
N PHE A 370 12.81 19.88 43.91
CA PHE A 370 12.35 20.60 45.09
C PHE A 370 12.92 19.96 46.34
N VAL A 371 13.75 20.71 47.07
CA VAL A 371 14.31 20.26 48.35
C VAL A 371 13.60 21.05 49.45
N PRO A 372 12.91 20.39 50.37
CA PRO A 372 12.25 21.11 51.46
C PRO A 372 13.23 21.58 52.53
N ALA A 373 12.77 22.53 53.33
CA ALA A 373 13.57 23.07 54.42
C ALA A 373 12.71 23.43 55.62
N ALA B 1 -13.07 55.00 -15.44
CA ALA B 1 -11.82 54.58 -16.05
C ALA B 1 -11.17 53.46 -15.25
N PHE B 2 -11.90 52.36 -15.08
CA PHE B 2 -11.36 51.21 -14.36
C PHE B 2 -10.22 50.59 -15.16
N PRO B 3 -9.14 50.17 -14.48
CA PRO B 3 -8.03 49.54 -15.20
C PRO B 3 -8.42 48.22 -15.84
N SER B 4 -7.84 47.95 -17.01
CA SER B 4 -8.16 46.73 -17.74
C SER B 4 -7.45 45.51 -17.16
N SER B 5 -6.44 45.71 -16.32
CA SER B 5 -5.71 44.59 -15.70
C SER B 5 -5.39 44.98 -14.27
N VAL B 6 -6.06 44.35 -13.31
CA VAL B 6 -5.77 44.57 -11.90
C VAL B 6 -4.76 43.52 -11.45
N GLN B 7 -3.82 43.95 -10.62
CA GLN B 7 -2.73 43.09 -10.17
C GLN B 7 -3.00 42.62 -8.75
N ILE B 8 -2.98 41.31 -8.55
CA ILE B 8 -3.11 40.72 -7.22
C ILE B 8 -1.84 39.92 -6.94
N GLY B 9 -1.54 39.76 -5.66
CA GLY B 9 -0.41 38.98 -5.23
C GLY B 9 -0.81 37.61 -4.75
N GLY B 10 0.12 36.67 -4.79
CA GLY B 10 -0.12 35.33 -4.31
C GLY B 10 1.08 34.81 -3.53
N LEU B 11 0.83 34.28 -2.34
CA LEU B 11 1.89 33.79 -1.46
C LEU B 11 1.57 32.34 -1.11
N PHE B 12 2.36 31.41 -1.64
CA PHE B 12 2.11 29.99 -1.45
C PHE B 12 3.30 29.36 -0.71
N ILE B 13 3.01 28.29 0.02
CA ILE B 13 3.98 27.68 0.94
C ILE B 13 4.21 26.24 0.48
N ARG B 14 5.03 25.50 1.22
CA ARG B 14 5.30 24.10 0.91
C ARG B 14 4.03 23.26 0.99
N ASN B 15 4.00 22.19 0.19
CA ASN B 15 2.87 21.26 0.10
C ASN B 15 1.58 21.99 -0.27
N THR B 16 1.66 22.88 -1.25
CA THR B 16 0.52 23.62 -1.76
C THR B 16 0.55 23.58 -3.30
N ASP B 17 0.56 22.35 -3.82
CA ASP B 17 0.54 22.15 -5.27
C ASP B 17 -0.88 22.15 -5.82
N GLN B 18 -1.81 21.50 -5.13
CA GLN B 18 -3.18 21.42 -5.62
C GLN B 18 -3.91 22.75 -5.43
N GLU B 19 -3.62 23.46 -4.35
CA GLU B 19 -4.22 24.78 -4.14
C GLU B 19 -3.74 25.78 -5.19
N TYR B 20 -2.46 25.74 -5.53
CA TYR B 20 -1.95 26.57 -6.61
C TYR B 20 -2.56 26.18 -7.95
N THR B 21 -2.81 24.88 -8.15
CA THR B 21 -3.48 24.42 -9.35
C THR B 21 -4.90 24.97 -9.44
N ALA B 22 -5.63 24.96 -8.31
CA ALA B 22 -6.97 25.53 -8.28
C ALA B 22 -6.94 27.04 -8.53
N PHE B 23 -5.92 27.72 -7.97
CA PHE B 23 -5.76 29.15 -8.21
C PHE B 23 -5.54 29.43 -9.70
N ARG B 24 -4.66 28.66 -10.34
CA ARG B 24 -4.39 28.85 -11.76
C ARG B 24 -5.61 28.52 -12.62
N LEU B 25 -6.35 27.47 -12.25
CA LEU B 25 -7.56 27.12 -12.98
C LEU B 25 -8.61 28.21 -12.87
N ALA B 26 -8.77 28.79 -11.67
CA ALA B 26 -9.72 29.88 -11.50
C ALA B 26 -9.29 31.12 -12.27
N ILE B 27 -7.98 31.39 -12.32
CA ILE B 27 -7.46 32.50 -13.13
C ILE B 27 -7.76 32.26 -14.60
N PHE B 28 -7.55 31.03 -15.08
CA PHE B 28 -7.85 30.68 -16.46
C PHE B 28 -9.33 30.90 -16.76
N LEU B 29 -10.21 30.38 -15.89
CA LEU B 29 -11.65 30.47 -16.13
C LEU B 29 -12.16 31.90 -16.04
N HIS B 30 -11.55 32.73 -15.19
CA HIS B 30 -11.96 34.13 -15.12
C HIS B 30 -11.48 34.91 -16.33
N ASN B 31 -10.22 34.71 -16.74
CA ASN B 31 -9.65 35.52 -17.82
C ASN B 31 -10.27 35.18 -19.17
N THR B 32 -10.38 33.90 -19.48
CA THR B 32 -10.94 33.45 -20.75
C THR B 32 -12.44 33.19 -20.64
N SER B 33 -13.18 34.18 -20.14
CA SER B 33 -14.62 34.05 -20.00
C SER B 33 -15.31 34.51 -21.27
N PRO B 34 -16.16 33.67 -21.86
CA PRO B 34 -16.96 34.13 -23.02
C PRO B 34 -17.88 35.29 -22.67
N ASN B 35 -18.35 35.36 -21.43
CA ASN B 35 -19.16 36.50 -21.00
C ASN B 35 -18.29 37.75 -20.91
N ALA B 36 -18.79 38.85 -21.48
CA ALA B 36 -18.09 40.12 -21.40
C ALA B 36 -18.33 40.84 -20.08
N SER B 37 -19.33 40.42 -19.31
CA SER B 37 -19.63 41.02 -18.02
C SER B 37 -18.98 40.28 -16.85
N GLU B 38 -18.72 38.98 -16.99
CA GLU B 38 -18.02 38.25 -15.94
C GLU B 38 -16.59 38.74 -15.79
N ALA B 39 -15.94 39.10 -16.89
CA ALA B 39 -14.56 39.57 -16.90
C ALA B 39 -14.47 40.90 -17.63
N PRO B 40 -14.83 42.01 -16.97
CA PRO B 40 -14.58 43.34 -17.55
C PRO B 40 -13.12 43.76 -17.50
N PHE B 41 -12.26 42.95 -16.87
CA PHE B 41 -10.85 43.27 -16.68
C PHE B 41 -10.05 41.98 -16.78
N ASN B 42 -8.80 42.03 -16.35
CA ASN B 42 -7.94 40.86 -16.28
C ASN B 42 -7.30 40.79 -14.89
N LEU B 43 -6.99 39.58 -14.47
CA LEU B 43 -6.34 39.34 -13.18
C LEU B 43 -4.89 38.98 -13.43
N VAL B 44 -3.98 39.75 -12.83
CA VAL B 44 -2.54 39.53 -13.01
C VAL B 44 -1.97 39.02 -11.69
N PRO B 45 -1.69 37.74 -11.56
CA PRO B 45 -1.13 37.23 -10.30
C PRO B 45 0.39 37.30 -10.24
N HIS B 46 0.90 37.98 -9.23
CA HIS B 46 2.33 38.00 -8.93
C HIS B 46 2.56 36.94 -7.85
N VAL B 47 3.10 35.80 -8.24
CA VAL B 47 3.09 34.60 -7.40
C VAL B 47 4.48 34.39 -6.82
N ASP B 48 4.53 34.08 -5.52
CA ASP B 48 5.75 33.71 -4.81
C ASP B 48 5.49 32.38 -4.11
N ASN B 49 6.17 31.33 -4.55
CA ASN B 49 6.03 30.00 -3.98
C ASN B 49 7.26 29.72 -3.12
N ILE B 50 7.19 30.13 -1.86
CA ILE B 50 8.29 29.90 -0.93
C ILE B 50 8.18 28.51 -0.33
N GLU B 51 9.31 28.02 0.18
CA GLU B 51 9.37 26.69 0.80
C GLU B 51 9.26 26.73 2.31
N THR B 52 9.95 27.67 2.96
CA THR B 52 9.92 27.81 4.41
C THR B 52 9.29 29.16 4.75
N ALA B 53 8.12 29.13 5.37
CA ALA B 53 7.45 30.34 5.84
C ALA B 53 7.97 30.65 7.24
N ASN B 54 9.07 31.41 7.30
CA ASN B 54 9.75 31.70 8.54
C ASN B 54 9.82 33.20 8.80
N SER B 55 8.76 33.93 8.43
CA SER B 55 8.57 35.34 8.76
C SER B 55 9.65 36.27 8.20
N PHE B 56 10.60 35.72 7.44
CA PHE B 56 11.66 36.48 6.80
C PHE B 56 11.58 36.36 5.28
N ALA B 57 11.42 35.15 4.77
CA ALA B 57 11.06 34.99 3.36
C ALA B 57 9.64 35.48 3.11
N VAL B 58 8.76 35.35 4.11
CA VAL B 58 7.40 35.89 3.98
C VAL B 58 7.45 37.42 3.88
N THR B 59 8.28 38.07 4.70
CA THR B 59 8.41 39.51 4.64
C THR B 59 9.01 39.96 3.32
N ASN B 60 10.02 39.23 2.84
CA ASN B 60 10.64 39.55 1.55
C ASN B 60 9.65 39.41 0.41
N ALA B 61 8.85 38.32 0.42
CA ALA B 61 7.84 38.13 -0.62
C ALA B 61 6.77 39.20 -0.56
N PHE B 62 6.34 39.57 0.65
CA PHE B 62 5.34 40.62 0.80
C PHE B 62 5.86 41.97 0.28
N CYS B 63 7.12 42.29 0.59
CA CYS B 63 7.69 43.55 0.12
C CYS B 63 7.87 43.54 -1.40
N SER B 64 8.27 42.40 -1.97
CA SER B 64 8.42 42.29 -3.42
C SER B 64 7.07 42.44 -4.12
N GLN B 65 6.01 41.85 -3.56
CA GLN B 65 4.69 42.00 -4.16
C GLN B 65 4.14 43.40 -3.96
N TYR B 66 4.43 44.03 -2.81
CA TYR B 66 3.98 45.39 -2.56
C TYR B 66 4.65 46.39 -3.49
N SER B 67 5.92 46.16 -3.82
CA SER B 67 6.61 47.02 -4.77
C SER B 67 6.06 46.89 -6.18
N ARG B 68 5.37 45.78 -6.49
CA ARG B 68 4.81 45.56 -7.81
C ARG B 68 3.45 46.24 -8.00
N GLY B 69 2.90 46.84 -6.96
CA GLY B 69 1.63 47.53 -7.10
C GLY B 69 0.40 46.64 -7.00
N VAL B 70 0.47 45.57 -6.20
CA VAL B 70 -0.70 44.71 -6.03
C VAL B 70 -1.76 45.41 -5.19
N PHE B 71 -3.00 44.97 -5.35
CA PHE B 71 -4.13 45.50 -4.60
C PHE B 71 -4.52 44.61 -3.43
N ALA B 72 -4.64 43.31 -3.66
CA ALA B 72 -4.94 42.34 -2.61
C ALA B 72 -4.01 41.15 -2.77
N ILE B 73 -3.74 40.47 -1.66
CA ILE B 73 -2.79 39.37 -1.63
C ILE B 73 -3.52 38.12 -1.13
N PHE B 74 -3.53 37.07 -1.96
CA PHE B 74 -4.03 35.76 -1.57
C PHE B 74 -2.85 35.01 -0.94
N GLY B 75 -2.83 34.94 0.38
CA GLY B 75 -1.70 34.39 1.11
C GLY B 75 -2.10 33.23 1.98
N LEU B 76 -1.16 32.29 2.14
CA LEU B 76 -1.28 31.19 3.08
C LEU B 76 -0.22 31.35 4.16
N TYR B 77 -0.56 31.00 5.39
CA TYR B 77 0.37 31.16 6.50
C TYR B 77 0.32 29.93 7.39
N ASP B 78 1.28 29.86 8.31
CA ASP B 78 1.32 28.85 9.35
C ASP B 78 1.42 29.53 10.71
N LYS B 79 1.68 28.75 11.77
CA LYS B 79 1.79 29.33 13.10
C LYS B 79 3.00 30.25 13.24
N ARG B 80 4.00 30.10 12.38
CA ARG B 80 5.23 30.90 12.47
C ARG B 80 5.22 32.13 11.58
N SER B 81 4.17 32.34 10.78
CA SER B 81 4.15 33.46 9.85
C SER B 81 2.81 34.17 9.77
N VAL B 82 1.83 33.81 10.60
CA VAL B 82 0.53 34.45 10.53
C VAL B 82 0.60 35.89 11.03
N HIS B 83 1.33 36.12 12.13
CA HIS B 83 1.33 37.43 12.77
C HIS B 83 2.04 38.47 11.91
N THR B 84 3.19 38.11 11.33
CA THR B 84 3.92 39.06 10.49
C THR B 84 3.12 39.44 9.26
N LEU B 85 2.52 38.45 8.59
CA LEU B 85 1.74 38.73 7.39
C LEU B 85 0.50 39.57 7.70
N THR B 86 -0.20 39.24 8.79
CA THR B 86 -1.39 40.01 9.16
C THR B 86 -1.04 41.44 9.54
N SER B 87 0.05 41.63 10.29
CA SER B 87 0.45 42.97 10.68
C SER B 87 0.90 43.79 9.47
N PHE B 88 1.65 43.18 8.55
CA PHE B 88 2.08 43.89 7.35
C PHE B 88 0.89 44.24 6.47
N CYS B 89 -0.10 43.36 6.38
CA CYS B 89 -1.27 43.64 5.57
C CYS B 89 -2.16 44.70 6.19
N SER B 90 -2.26 44.73 7.52
CA SER B 90 -3.08 45.73 8.19
C SER B 90 -2.41 47.10 8.22
N ALA B 91 -1.09 47.15 8.34
CA ALA B 91 -0.40 48.43 8.44
C ALA B 91 -0.41 49.18 7.12
N LEU B 92 -0.25 48.47 6.01
CA LEU B 92 -0.16 49.09 4.69
C LEU B 92 -1.47 49.10 3.93
N HIS B 93 -2.58 48.74 4.59
CA HIS B 93 -3.93 48.75 4.00
C HIS B 93 -4.00 47.87 2.75
N ILE B 94 -3.37 46.70 2.81
CA ILE B 94 -3.41 45.71 1.75
C ILE B 94 -4.23 44.53 2.23
N SER B 95 -5.26 44.17 1.47
CA SER B 95 -6.14 43.08 1.88
C SER B 95 -5.44 41.73 1.76
N LEU B 96 -5.74 40.84 2.70
CA LEU B 96 -5.19 39.48 2.73
C LEU B 96 -6.35 38.49 2.76
N ILE B 97 -6.60 37.85 1.62
CA ILE B 97 -7.61 36.80 1.53
C ILE B 97 -6.91 35.47 1.75
N THR B 98 -7.22 34.79 2.86
CA THR B 98 -6.49 33.61 3.24
C THR B 98 -7.42 32.41 3.40
N PRO B 99 -7.06 31.25 2.85
CA PRO B 99 -7.81 30.02 3.13
C PRO B 99 -7.25 29.19 4.28
N SER B 100 -6.30 29.71 5.04
CA SER B 100 -5.66 28.96 6.11
C SER B 100 -6.55 28.97 7.36
N PHE B 101 -5.99 28.50 8.47
CA PHE B 101 -6.78 28.35 9.69
C PHE B 101 -7.20 29.72 10.24
N PRO B 102 -8.46 29.86 10.67
CA PRO B 102 -8.90 31.14 11.23
C PRO B 102 -8.29 31.40 12.59
N THR B 103 -8.05 32.68 12.88
CA THR B 103 -7.52 33.13 14.16
C THR B 103 -8.44 34.20 14.74
N GLU B 104 -8.15 34.58 15.97
CA GLU B 104 -8.91 35.60 16.68
C GLU B 104 -8.12 36.90 16.73
N GLY B 105 -8.84 38.01 16.68
CA GLY B 105 -8.20 39.31 16.60
C GLY B 105 -7.60 39.61 15.24
N GLU B 106 -8.10 38.96 14.19
CA GLU B 106 -7.56 39.08 12.84
C GLU B 106 -8.43 39.96 11.95
N SER B 107 -8.97 41.05 12.49
CA SER B 107 -9.69 42.02 11.68
C SER B 107 -8.69 42.93 10.98
N GLN B 108 -9.17 44.05 10.43
CA GLN B 108 -8.33 45.08 9.81
C GLN B 108 -7.53 44.51 8.63
N PHE B 109 -8.29 44.26 7.54
CA PHE B 109 -7.78 43.90 6.21
C PHE B 109 -7.32 42.45 6.14
N VAL B 110 -7.95 41.56 6.89
CA VAL B 110 -7.73 40.12 6.78
C VAL B 110 -9.07 39.44 6.64
N LEU B 111 -9.24 38.65 5.58
CA LEU B 111 -10.47 37.91 5.30
C LEU B 111 -10.14 36.42 5.27
N GLN B 112 -10.67 35.68 6.23
CA GLN B 112 -10.44 34.25 6.35
C GLN B 112 -11.58 33.48 5.71
N LEU B 113 -11.23 32.51 4.86
CA LEU B 113 -12.23 31.70 4.16
C LEU B 113 -12.56 30.40 4.87
N ARG B 114 -11.69 29.91 5.75
CA ARG B 114 -11.94 28.64 6.42
C ARG B 114 -12.92 28.83 7.56
N PRO B 115 -14.07 28.14 7.55
CA PRO B 115 -15.01 28.25 8.66
C PRO B 115 -14.44 27.66 9.94
N SER B 116 -14.88 28.20 11.08
CA SER B 116 -14.42 27.72 12.37
C SER B 116 -15.04 26.36 12.69
N LEU B 117 -14.23 25.48 13.29
CA LEU B 117 -14.67 24.15 13.69
C LEU B 117 -14.99 24.10 15.19
N ARG B 118 -15.47 25.21 15.75
CA ARG B 118 -15.71 25.30 17.18
C ARG B 118 -17.14 24.96 17.55
N GLY B 119 -18.12 25.61 16.91
CA GLY B 119 -19.51 25.35 17.24
C GLY B 119 -19.97 23.96 16.85
N ALA B 120 -19.52 23.48 15.70
CA ALA B 120 -19.93 22.16 15.22
C ALA B 120 -19.43 21.05 16.14
N LEU B 121 -18.18 21.16 16.60
CA LEU B 121 -17.62 20.13 17.48
C LEU B 121 -18.37 20.08 18.80
N LEU B 122 -18.70 21.23 19.38
CA LEU B 122 -19.45 21.25 20.63
C LEU B 122 -20.88 20.76 20.45
N SER B 123 -21.51 21.14 19.32
CA SER B 123 -22.86 20.68 19.04
C SER B 123 -22.92 19.18 18.73
N LEU B 124 -21.81 18.60 18.28
CA LEU B 124 -21.74 17.15 18.14
C LEU B 124 -21.40 16.46 19.46
N LEU B 125 -20.63 17.13 20.32
CA LEU B 125 -20.24 16.52 21.59
C LEU B 125 -21.41 16.46 22.56
N ASP B 126 -22.18 17.55 22.67
CA ASP B 126 -23.27 17.55 23.64
C ASP B 126 -24.45 16.71 23.15
N HIS B 127 -24.62 16.56 21.83
CA HIS B 127 -25.68 15.71 21.31
C HIS B 127 -25.37 14.24 21.54
N TYR B 128 -24.10 13.85 21.41
CA TYR B 128 -23.68 12.49 21.67
C TYR B 128 -23.59 12.16 23.15
N GLU B 129 -23.75 13.16 24.02
CA GLU B 129 -23.70 12.99 25.48
C GLU B 129 -22.36 12.42 25.94
N TRP B 130 -21.28 13.07 25.52
CA TRP B 130 -19.93 12.69 25.93
C TRP B 130 -19.52 13.50 27.15
N ASN B 131 -19.12 12.80 28.20
CA ASN B 131 -18.68 13.46 29.43
C ASN B 131 -17.33 12.97 29.92
N CYS B 132 -16.70 12.01 29.24
CA CYS B 132 -15.37 11.53 29.61
C CYS B 132 -14.72 10.97 28.35
N PHE B 133 -13.79 11.73 27.77
CA PHE B 133 -13.19 11.34 26.51
C PHE B 133 -11.76 11.86 26.43
N VAL B 134 -11.08 11.52 25.34
CA VAL B 134 -9.71 11.91 25.08
C VAL B 134 -9.69 12.90 23.93
N PHE B 135 -8.78 13.86 23.99
CA PHE B 135 -8.63 14.89 22.97
C PHE B 135 -7.17 14.90 22.51
N LEU B 136 -6.90 14.29 21.36
CA LEU B 136 -5.57 14.27 20.79
C LEU B 136 -5.45 15.44 19.82
N TYR B 137 -4.65 16.44 20.19
CA TYR B 137 -4.59 17.69 19.45
C TYR B 137 -3.16 18.08 19.15
N ASP B 138 -3.01 19.05 18.25
CA ASP B 138 -1.74 19.69 17.97
C ASP B 138 -1.95 21.20 17.88
N THR B 139 -0.85 21.95 17.98
CA THR B 139 -0.90 23.40 18.02
C THR B 139 -0.44 24.04 16.71
N ASP B 140 -0.71 23.39 15.59
CA ASP B 140 -0.34 23.92 14.28
C ASP B 140 -1.41 24.85 13.70
N ARG B 141 -2.58 24.95 14.32
CA ARG B 141 -3.66 25.81 13.84
C ARG B 141 -4.22 26.69 14.95
N GLY B 142 -3.47 26.93 16.01
CA GLY B 142 -3.93 27.76 17.09
C GLY B 142 -4.31 26.97 18.33
N TYR B 143 -5.03 27.65 19.22
CA TYR B 143 -5.46 27.06 20.49
C TYR B 143 -6.95 27.27 20.74
N SER B 144 -7.72 27.62 19.71
CA SER B 144 -9.13 27.94 19.91
C SER B 144 -9.94 26.69 20.27
N ILE B 145 -9.69 25.58 19.57
CA ILE B 145 -10.45 24.35 19.81
C ILE B 145 -10.16 23.80 21.21
N LEU B 146 -8.89 23.77 21.61
CA LEU B 146 -8.52 23.29 22.93
C LEU B 146 -9.11 24.16 24.03
N GLN B 147 -9.04 25.49 23.86
CA GLN B 147 -9.60 26.39 24.86
C GLN B 147 -11.11 26.23 24.97
N ALA B 148 -11.79 26.10 23.84
CA ALA B 148 -13.24 25.90 23.86
C ALA B 148 -13.61 24.57 24.52
N ILE B 149 -12.85 23.51 24.24
CA ILE B 149 -13.11 22.21 24.83
C ILE B 149 -12.91 22.25 26.35
N MET B 150 -11.83 22.90 26.79
CA MET B 150 -11.58 23.01 28.24
C MET B 150 -12.64 23.88 28.91
N GLU B 151 -13.09 24.95 28.24
CA GLU B 151 -14.15 25.78 28.81
C GLU B 151 -15.46 25.01 28.93
N LYS B 152 -15.81 24.23 27.91
CA LYS B 152 -17.02 23.42 27.96
C LYS B 152 -16.91 22.34 29.05
N ALA B 153 -15.73 21.75 29.20
CA ALA B 153 -15.54 20.75 30.25
C ALA B 153 -15.67 21.37 31.64
N GLY B 154 -15.12 22.58 31.82
CA GLY B 154 -15.27 23.26 33.10
C GLY B 154 -16.71 23.67 33.38
N GLN B 155 -17.43 24.10 32.36
CA GLN B 155 -18.80 24.55 32.53
C GLN B 155 -19.81 23.41 32.60
N ASN B 156 -19.43 22.19 32.20
CA ASN B 156 -20.34 21.06 32.20
C ASN B 156 -19.84 19.88 33.01
N GLY B 157 -18.68 19.99 33.66
CA GLY B 157 -18.15 18.90 34.46
C GLY B 157 -17.74 17.67 33.68
N TRP B 158 -17.09 17.86 32.53
CA TRP B 158 -16.62 16.74 31.73
C TRP B 158 -15.26 16.28 32.21
N HIS B 159 -14.76 15.19 31.62
CA HIS B 159 -13.43 14.66 31.90
C HIS B 159 -12.70 14.50 30.57
N VAL B 160 -11.96 15.51 30.17
CA VAL B 160 -11.25 15.53 28.90
C VAL B 160 -9.77 15.30 29.18
N SER B 161 -9.23 14.21 28.62
CA SER B 161 -7.80 13.94 28.70
C SER B 161 -7.15 14.54 27.47
N ALA B 162 -6.56 15.73 27.62
CA ALA B 162 -5.99 16.47 26.49
C ALA B 162 -4.53 16.09 26.33
N ILE B 163 -4.17 15.57 25.16
CA ILE B 163 -2.81 15.13 24.87
C ILE B 163 -2.35 15.81 23.59
N CYS B 164 -1.17 16.44 23.64
CA CYS B 164 -0.53 17.02 22.48
C CYS B 164 0.39 15.99 21.84
N VAL B 165 0.21 15.76 20.55
CA VAL B 165 0.92 14.71 19.83
C VAL B 165 1.82 15.33 18.76
N GLU B 166 2.33 16.53 19.03
CA GLU B 166 3.18 17.22 18.06
C GLU B 166 4.50 16.47 17.84
N ASN B 167 5.09 15.94 18.91
CA ASN B 167 6.37 15.26 18.85
C ASN B 167 6.22 13.78 19.21
N PHE B 168 5.17 13.14 18.71
CA PHE B 168 4.89 11.74 18.97
C PHE B 168 5.21 10.93 17.72
N ASN B 169 6.01 9.87 17.90
CA ASN B 169 6.32 8.95 16.82
C ASN B 169 5.33 7.78 16.82
N ASP B 170 5.56 6.83 15.92
CA ASP B 170 4.60 5.74 15.72
C ASP B 170 4.55 4.81 16.92
N VAL B 171 5.71 4.42 17.45
CA VAL B 171 5.70 3.55 18.62
C VAL B 171 5.20 4.31 19.84
N SER B 172 5.45 5.62 19.92
CA SER B 172 4.85 6.42 20.99
C SER B 172 3.34 6.49 20.85
N TYR B 173 2.85 6.56 19.60
CA TYR B 173 1.41 6.50 19.37
C TYR B 173 0.83 5.18 19.84
N ARG B 174 1.52 4.07 19.56
CA ARG B 174 1.04 2.77 19.99
C ARG B 174 1.02 2.64 21.52
N GLN B 175 2.08 3.11 22.18
CA GLN B 175 2.10 3.07 23.65
C GLN B 175 1.00 3.96 24.24
N LEU B 176 0.77 5.14 23.65
CA LEU B 176 -0.30 6.01 24.14
C LEU B 176 -1.67 5.37 23.95
N LEU B 177 -1.90 4.72 22.80
CA LEU B 177 -3.17 4.06 22.56
C LEU B 177 -3.38 2.90 23.52
N GLU B 178 -2.34 2.10 23.78
CA GLU B 178 -2.47 1.01 24.74
C GLU B 178 -2.73 1.53 26.15
N GLU B 179 -2.03 2.60 26.55
CA GLU B 179 -2.23 3.18 27.87
C GLU B 179 -3.65 3.72 28.02
N LEU B 180 -4.18 4.36 26.98
CA LEU B 180 -5.55 4.87 27.02
C LEU B 180 -6.56 3.73 27.00
N ASP B 181 -6.24 2.61 26.35
CA ASP B 181 -7.12 1.45 26.39
C ASP B 181 -7.11 0.78 27.75
N ARG B 182 -6.00 0.90 28.50
CA ARG B 182 -5.96 0.34 29.84
C ARG B 182 -6.95 1.03 30.78
N ARG B 183 -7.12 2.35 30.64
CA ARG B 183 -8.02 3.12 31.47
C ARG B 183 -9.46 3.12 30.95
N GLN B 184 -9.79 2.20 30.03
CA GLN B 184 -11.13 2.06 29.48
C GLN B 184 -11.61 3.35 28.81
N GLU B 185 -10.71 4.02 28.10
CA GLU B 185 -11.03 5.22 27.35
C GLU B 185 -11.28 4.82 25.90
N LYS B 186 -12.55 4.84 25.48
CA LYS B 186 -12.95 4.41 24.14
C LYS B 186 -13.60 5.51 23.33
N LYS B 187 -13.50 6.76 23.76
CA LYS B 187 -14.08 7.89 23.04
C LYS B 187 -12.98 8.92 22.80
N PHE B 188 -12.74 9.24 21.53
CA PHE B 188 -11.61 10.07 21.12
C PHE B 188 -12.07 11.19 20.21
N VAL B 189 -11.37 12.32 20.30
CA VAL B 189 -11.53 13.44 19.39
C VAL B 189 -10.14 13.83 18.89
N ILE B 190 -9.93 13.73 17.59
CA ILE B 190 -8.62 13.97 16.98
C ILE B 190 -8.68 15.28 16.21
N ASP B 191 -7.84 16.24 16.58
CA ASP B 191 -7.73 17.53 15.91
C ASP B 191 -6.25 17.75 15.58
N CYS B 192 -5.82 17.23 14.44
CA CYS B 192 -4.42 17.31 14.02
C CYS B 192 -4.36 17.64 12.55
N GLU B 193 -3.14 17.72 12.02
CA GLU B 193 -2.94 17.93 10.60
C GLU B 193 -3.30 16.65 9.82
N ILE B 194 -3.40 16.80 8.50
CA ILE B 194 -3.88 15.70 7.65
C ILE B 194 -2.91 14.52 7.71
N GLU B 195 -1.61 14.80 7.60
CA GLU B 195 -0.62 13.73 7.69
C GLU B 195 -0.58 13.13 9.09
N ARG B 196 -0.66 13.97 10.12
CA ARG B 196 -0.70 13.47 11.49
C ARG B 196 -1.96 12.67 11.75
N LEU B 197 -3.10 13.11 11.22
CA LEU B 197 -4.34 12.35 11.37
C LEU B 197 -4.26 11.00 10.67
N GLN B 198 -3.67 10.97 9.47
CA GLN B 198 -3.50 9.69 8.77
C GLN B 198 -2.57 8.76 9.53
N ASN B 199 -1.49 9.29 10.10
CA ASN B 199 -0.59 8.48 10.90
C ASN B 199 -1.28 7.94 12.15
N ILE B 200 -2.11 8.78 12.80
CA ILE B 200 -2.85 8.36 13.98
C ILE B 200 -3.82 7.24 13.62
N LEU B 201 -4.54 7.38 12.50
CA LEU B 201 -5.47 6.35 12.07
C LEU B 201 -4.74 5.05 11.73
N GLU B 202 -3.59 5.16 11.07
CA GLU B 202 -2.81 3.96 10.75
C GLU B 202 -2.32 3.26 12.02
N GLN B 203 -1.89 4.04 13.02
CA GLN B 203 -1.47 3.43 14.28
C GLN B 203 -2.64 2.80 15.02
N ILE B 204 -3.83 3.42 14.94
CA ILE B 204 -5.02 2.86 15.56
C ILE B 204 -5.38 1.52 14.92
N VAL B 205 -5.32 1.44 13.59
CA VAL B 205 -5.60 0.19 12.91
C VAL B 205 -4.53 -0.85 13.24
N SER B 206 -3.25 -0.45 13.28
CA SER B 206 -2.16 -1.38 13.55
C SER B 206 -2.26 -1.96 14.95
N VAL B 207 -2.59 -1.13 15.94
CA VAL B 207 -2.69 -1.63 17.31
C VAL B 207 -4.02 -2.34 17.56
N GLY B 208 -5.03 -2.09 16.72
CA GLY B 208 -6.26 -2.87 16.77
C GLY B 208 -7.40 -2.25 17.57
N LYS B 209 -7.64 -0.95 17.39
CA LYS B 209 -8.76 -0.28 18.04
C LYS B 209 -9.79 0.22 17.03
N HIS B 210 -9.80 -0.33 15.82
CA HIS B 210 -10.77 0.03 14.80
C HIS B 210 -11.99 -0.89 14.81
N VAL B 211 -12.28 -1.53 15.93
CA VAL B 211 -13.38 -2.47 16.04
C VAL B 211 -14.52 -1.82 16.82
N LYS B 212 -15.64 -2.53 16.88
CA LYS B 212 -16.83 -2.01 17.55
C LYS B 212 -16.56 -1.77 19.04
N GLY B 213 -17.16 -0.70 19.56
CA GLY B 213 -16.90 -0.26 20.91
C GLY B 213 -16.03 0.97 21.03
N TYR B 214 -15.37 1.38 19.96
CA TYR B 214 -14.51 2.55 19.94
C TYR B 214 -15.15 3.62 19.05
N HIS B 215 -15.17 4.86 19.55
CA HIS B 215 -15.77 5.98 18.84
C HIS B 215 -14.71 7.04 18.59
N TYR B 216 -14.66 7.55 17.36
CA TYR B 216 -13.71 8.59 16.98
C TYR B 216 -14.46 9.73 16.30
N ILE B 217 -14.19 10.95 16.74
CA ILE B 217 -14.73 12.15 16.13
C ILE B 217 -13.56 12.88 15.46
N ILE B 218 -13.59 12.94 14.14
CA ILE B 218 -12.51 13.55 13.36
C ILE B 218 -12.79 15.04 13.22
N ALA B 219 -11.93 15.87 13.81
CA ALA B 219 -12.07 17.32 13.71
C ALA B 219 -11.36 17.77 12.43
N ASN B 220 -12.08 17.66 11.32
CA ASN B 220 -11.56 18.04 10.02
C ASN B 220 -12.69 18.56 9.16
N LEU B 221 -12.35 19.43 8.21
CA LEU B 221 -13.33 19.99 7.30
C LEU B 221 -13.61 19.11 6.09
N GLY B 222 -12.82 18.06 5.89
CA GLY B 222 -13.05 17.13 4.81
C GLY B 222 -13.06 15.68 5.27
N PHE B 223 -14.20 15.02 5.13
CA PHE B 223 -14.34 13.64 5.58
C PHE B 223 -14.18 12.61 4.46
N LYS B 224 -14.43 13.00 3.22
CA LYS B 224 -14.30 12.09 2.09
C LYS B 224 -12.87 12.01 1.56
N ASP B 225 -11.95 12.83 2.08
CA ASP B 225 -10.57 12.84 1.62
C ASP B 225 -9.66 11.95 2.44
N ILE B 226 -10.18 11.25 3.45
CA ILE B 226 -9.38 10.38 4.30
C ILE B 226 -9.85 8.95 4.10
N SER B 227 -8.91 8.03 3.91
CA SER B 227 -9.22 6.63 3.68
C SER B 227 -9.61 5.97 5.00
N LEU B 228 -10.80 5.38 5.05
CA LEU B 228 -11.33 4.73 6.24
C LEU B 228 -11.93 3.38 5.88
N GLU B 229 -11.32 2.67 4.93
CA GLU B 229 -11.84 1.38 4.48
C GLU B 229 -11.73 0.33 5.58
N ARG B 230 -10.58 0.27 6.25
CA ARG B 230 -10.42 -0.70 7.33
C ARG B 230 -11.27 -0.33 8.54
N PHE B 231 -11.58 0.96 8.71
CA PHE B 231 -12.54 1.36 9.73
C PHE B 231 -13.95 0.93 9.36
N ILE B 232 -14.27 0.94 8.07
CA ILE B 232 -15.56 0.40 7.61
C ILE B 232 -15.64 -1.09 7.88
N HIS B 233 -14.57 -1.83 7.59
CA HIS B 233 -14.57 -3.27 7.80
C HIS B 233 -14.62 -3.61 9.30
N GLY B 234 -13.90 -2.84 10.13
CA GLY B 234 -13.90 -3.12 11.56
C GLY B 234 -15.24 -2.86 12.22
N GLY B 235 -15.89 -1.77 11.85
CA GLY B 235 -17.18 -1.41 12.42
C GLY B 235 -17.15 -0.35 13.49
N ALA B 236 -16.01 0.29 13.73
CA ALA B 236 -15.93 1.33 14.74
C ALA B 236 -16.68 2.57 14.30
N ASN B 237 -17.19 3.31 15.28
CA ASN B 237 -17.90 4.56 15.00
C ASN B 237 -16.89 5.63 14.59
N VAL B 238 -17.10 6.23 13.42
CA VAL B 238 -16.30 7.35 12.96
C VAL B 238 -17.25 8.45 12.52
N THR B 239 -17.10 9.64 13.11
CA THR B 239 -17.93 10.78 12.77
C THR B 239 -17.04 11.94 12.33
N GLY B 240 -17.43 12.59 11.24
CA GLY B 240 -16.64 13.67 10.70
C GLY B 240 -17.53 14.72 10.05
N PHE B 241 -16.87 15.73 9.47
CA PHE B 241 -17.56 16.85 8.86
C PHE B 241 -17.09 17.04 7.43
N GLN B 242 -17.99 17.56 6.60
CA GLN B 242 -17.69 17.88 5.21
C GLN B 242 -18.19 19.29 4.91
N LEU B 243 -17.38 20.05 4.19
CA LEU B 243 -17.70 21.43 3.86
C LEU B 243 -18.22 21.61 2.43
N VAL B 244 -17.64 20.89 1.47
CA VAL B 244 -18.04 20.98 0.07
C VAL B 244 -19.01 19.86 -0.25
N ASP B 245 -20.14 20.21 -0.86
CA ASP B 245 -21.17 19.24 -1.22
C ASP B 245 -20.92 18.78 -2.65
N PHE B 246 -20.58 17.50 -2.81
CA PHE B 246 -20.25 16.97 -4.12
C PHE B 246 -21.45 16.76 -5.03
N ASN B 247 -22.67 16.90 -4.50
CA ASN B 247 -23.90 16.76 -5.28
C ASN B 247 -24.53 18.11 -5.57
N THR B 248 -23.71 19.14 -5.78
CA THR B 248 -24.06 20.51 -6.10
C THR B 248 -23.73 20.80 -7.56
N PRO B 249 -24.62 21.50 -8.29
CA PRO B 249 -24.35 21.78 -9.71
C PRO B 249 -23.02 22.49 -9.98
N MET B 250 -22.65 23.46 -9.14
CA MET B 250 -21.37 24.12 -9.30
C MET B 250 -20.21 23.17 -9.05
N VAL B 251 -20.32 22.35 -8.00
CA VAL B 251 -19.24 21.42 -7.66
C VAL B 251 -19.12 20.32 -8.71
N THR B 252 -20.25 19.85 -9.24
CA THR B 252 -20.19 18.83 -10.29
C THR B 252 -19.65 19.41 -11.60
N LYS B 253 -19.97 20.68 -11.89
CA LYS B 253 -19.37 21.34 -13.04
C LYS B 253 -17.85 21.47 -12.87
N LEU B 254 -17.41 21.82 -11.66
CA LEU B 254 -15.98 21.87 -11.39
C LEU B 254 -15.35 20.49 -11.54
N MET B 255 -16.03 19.45 -11.08
CA MET B 255 -15.49 18.09 -11.21
C MET B 255 -15.38 17.68 -12.67
N ASP B 256 -16.37 18.06 -13.49
CA ASP B 256 -16.31 17.78 -14.92
C ASP B 256 -15.14 18.50 -15.58
N ARG B 257 -14.90 19.77 -15.19
CA ARG B 257 -13.75 20.48 -15.72
C ARG B 257 -12.43 19.93 -15.18
N TRP B 258 -12.46 19.40 -13.96
CA TRP B 258 -11.24 18.93 -13.30
C TRP B 258 -10.78 17.59 -13.87
N LYS B 259 -11.71 16.69 -14.15
CA LYS B 259 -11.35 15.40 -14.73
C LYS B 259 -10.90 15.52 -16.19
N LYS B 260 -11.14 16.66 -16.84
CA LYS B 260 -10.70 16.91 -18.19
C LYS B 260 -9.38 17.67 -18.24
N LEU B 261 -8.74 17.90 -17.10
CA LEU B 261 -7.49 18.64 -17.04
C LEU B 261 -6.30 17.71 -17.16
N ASP B 262 -5.24 18.21 -17.78
CA ASP B 262 -4.02 17.44 -17.97
C ASP B 262 -3.17 17.49 -16.71
N GLN B 263 -2.65 16.34 -16.28
CA GLN B 263 -1.82 16.31 -15.09
C GLN B 263 -0.45 16.93 -15.34
N ARG B 264 0.04 16.89 -16.57
CA ARG B 264 1.35 17.46 -16.88
C ARG B 264 1.32 18.98 -16.92
N GLU B 265 0.15 19.58 -17.17
CA GLU B 265 0.02 21.04 -17.19
C GLU B 265 -0.65 21.59 -15.94
N TYR B 266 -1.46 20.78 -15.26
CA TYR B 266 -2.11 21.17 -14.01
C TYR B 266 -1.81 20.09 -12.98
N PRO B 267 -0.66 20.18 -12.30
CA PRO B 267 -0.29 19.15 -11.33
C PRO B 267 -1.26 19.11 -10.15
N GLY B 268 -1.44 17.91 -9.59
CA GLY B 268 -2.40 17.70 -8.54
C GLY B 268 -3.81 17.44 -9.00
N SER B 269 -4.04 17.35 -10.31
CA SER B 269 -5.37 17.05 -10.85
C SER B 269 -5.68 15.56 -10.87
N GLU B 270 -4.73 14.71 -10.49
CA GLU B 270 -4.96 13.27 -10.45
C GLU B 270 -5.88 12.84 -9.32
N THR B 271 -6.17 13.73 -8.37
CA THR B 271 -7.03 13.45 -7.24
C THR B 271 -8.15 14.48 -7.17
N PRO B 272 -9.28 14.14 -6.57
CA PRO B 272 -10.33 15.13 -6.40
C PRO B 272 -9.87 16.24 -5.47
N PRO B 273 -10.36 17.46 -5.67
CA PRO B 273 -9.90 18.59 -4.85
C PRO B 273 -10.28 18.45 -3.40
N LYS B 274 -9.39 18.93 -2.53
CA LYS B 274 -9.65 18.97 -1.10
C LYS B 274 -10.46 20.23 -0.76
N TYR B 275 -10.70 20.43 0.53
CA TYR B 275 -11.43 21.63 0.94
C TYR B 275 -10.54 22.87 0.84
N THR B 276 -9.22 22.71 0.92
CA THR B 276 -8.32 23.85 0.78
C THR B 276 -8.35 24.41 -0.64
N SER B 277 -8.35 23.53 -1.65
CA SER B 277 -8.45 23.97 -3.03
C SER B 277 -9.81 24.60 -3.30
N ALA B 278 -10.87 24.06 -2.68
CA ALA B 278 -12.19 24.66 -2.80
C ALA B 278 -12.22 26.07 -2.20
N LEU B 279 -11.57 26.25 -1.05
CA LEU B 279 -11.49 27.57 -0.44
C LEU B 279 -10.67 28.52 -1.30
N THR B 280 -9.63 28.01 -1.95
CA THR B 280 -8.85 28.84 -2.89
C THR B 280 -9.70 29.30 -4.06
N TYR B 281 -10.48 28.38 -4.64
CA TYR B 281 -11.37 28.73 -5.74
C TYR B 281 -12.42 29.75 -5.31
N ASP B 282 -13.00 29.55 -4.12
CA ASP B 282 -13.97 30.51 -3.60
C ASP B 282 -13.32 31.87 -3.34
N GLY B 283 -12.07 31.87 -2.89
CA GLY B 283 -11.37 33.13 -2.67
C GLY B 283 -11.12 33.89 -3.96
N VAL B 284 -10.74 33.18 -5.03
CA VAL B 284 -10.57 33.83 -6.32
C VAL B 284 -11.90 34.38 -6.83
N LEU B 285 -12.98 33.61 -6.66
CA LEU B 285 -14.30 34.10 -7.05
C LEU B 285 -14.71 35.33 -6.24
N VAL B 286 -14.37 35.34 -4.95
CA VAL B 286 -14.69 36.48 -4.09
C VAL B 286 -13.90 37.71 -4.51
N MET B 287 -12.63 37.52 -4.88
CA MET B 287 -11.83 38.64 -5.39
C MET B 287 -12.40 39.19 -6.68
N ALA B 288 -12.82 38.30 -7.60
CA ALA B 288 -13.45 38.76 -8.83
C ALA B 288 -14.74 39.52 -8.55
N GLU B 289 -15.54 39.02 -7.62
CA GLU B 289 -16.80 39.68 -7.28
C GLU B 289 -16.57 41.06 -6.67
N THR B 290 -15.60 41.18 -5.76
CA THR B 290 -15.36 42.47 -5.12
C THR B 290 -14.71 43.45 -6.09
N PHE B 291 -13.90 42.97 -7.03
CA PHE B 291 -13.37 43.86 -8.07
C PHE B 291 -14.48 44.35 -9.00
N ARG B 292 -15.41 43.46 -9.35
CA ARG B 292 -16.56 43.87 -10.16
C ARG B 292 -17.42 44.89 -9.41
N SER B 293 -17.63 44.67 -8.11
CA SER B 293 -18.42 45.62 -7.32
C SER B 293 -17.72 46.95 -7.18
N LEU B 294 -16.39 46.95 -7.05
CA LEU B 294 -15.64 48.20 -7.05
C LEU B 294 -15.76 48.92 -8.38
N ARG B 295 -15.80 48.16 -9.48
CA ARG B 295 -16.06 48.77 -10.78
C ARG B 295 -17.46 49.35 -10.85
N ARG B 296 -18.43 48.72 -10.19
CA ARG B 296 -19.79 49.24 -10.18
C ARG B 296 -19.88 50.58 -9.45
N GLN B 297 -19.14 50.73 -8.36
CA GLN B 297 -19.15 51.97 -7.58
C GLN B 297 -18.32 53.08 -8.19
N LYS B 298 -17.70 52.83 -9.36
CA LYS B 298 -16.86 53.80 -10.06
C LYS B 298 -15.71 54.29 -9.19
N ILE B 299 -15.02 53.34 -8.57
CA ILE B 299 -13.83 53.62 -7.76
C ILE B 299 -12.61 53.20 -8.58
N ASP B 300 -11.74 54.17 -8.87
CA ASP B 300 -10.56 53.93 -9.70
C ASP B 300 -9.40 53.53 -8.80
N ILE B 301 -9.22 52.22 -8.62
CA ILE B 301 -8.13 51.71 -7.80
C ILE B 301 -6.83 51.84 -8.58
N SER B 302 -5.83 52.49 -7.98
CA SER B 302 -4.55 52.71 -8.64
C SER B 302 -3.51 52.97 -7.56
N ARG B 303 -2.47 52.13 -7.52
CA ARG B 303 -1.41 52.26 -6.53
C ARG B 303 -0.18 52.97 -7.09
N ARG B 304 -0.37 53.90 -8.02
CA ARG B 304 0.75 54.66 -8.56
C ARG B 304 1.25 55.64 -7.51
N GLY B 305 2.57 55.69 -7.34
CA GLY B 305 3.22 56.53 -6.34
C GLY B 305 3.30 55.90 -4.96
N ASN B 306 2.25 55.16 -4.57
CA ASN B 306 2.27 54.49 -3.28
C ASN B 306 3.24 53.31 -3.26
N ALA B 307 3.53 52.73 -4.42
CA ALA B 307 4.46 51.61 -4.49
C ALA B 307 5.88 52.08 -4.21
N GLY B 308 6.57 51.33 -3.35
CA GLY B 308 7.93 51.69 -2.98
C GLY B 308 8.50 50.77 -1.92
N ASP B 309 9.18 51.35 -0.94
CA ASP B 309 9.78 50.57 0.15
C ASP B 309 8.73 50.24 1.20
N CYS B 310 8.68 48.97 1.59
CA CYS B 310 7.73 48.54 2.61
C CYS B 310 8.08 49.12 3.98
N LEU B 311 9.36 49.11 4.34
CA LEU B 311 9.82 49.60 5.64
C LEU B 311 10.32 51.03 5.50
N ALA B 312 9.38 51.94 5.25
CA ALA B 312 9.68 53.36 5.19
C ALA B 312 9.48 53.99 6.56
N ASN B 313 10.21 55.08 6.81
CA ASN B 313 10.05 55.81 8.08
C ASN B 313 8.64 56.37 8.27
N PRO B 314 8.01 57.06 7.29
CA PRO B 314 6.58 57.35 7.45
C PRO B 314 5.73 56.22 6.89
N ALA B 315 4.92 55.59 7.73
CA ALA B 315 4.05 54.50 7.30
C ALA B 315 2.95 55.09 6.43
N ALA B 316 3.08 54.92 5.11
CA ALA B 316 2.11 55.47 4.17
C ALA B 316 1.23 54.35 3.65
N PRO B 317 -0.03 54.28 4.06
CA PRO B 317 -0.92 53.22 3.58
C PRO B 317 -1.61 53.61 2.28
N TRP B 318 -2.23 52.59 1.66
CA TRP B 318 -3.00 52.83 0.45
C TRP B 318 -4.27 53.61 0.79
N GLY B 319 -4.53 54.67 0.03
CA GLY B 319 -5.66 55.52 0.33
C GLY B 319 -7.01 54.89 0.04
N GLN B 320 -7.05 53.93 -0.89
CA GLN B 320 -8.27 53.25 -1.25
C GLN B 320 -8.36 51.85 -0.64
N GLY B 321 -7.49 51.53 0.31
CA GLY B 321 -7.53 50.22 0.94
C GLY B 321 -8.77 49.98 1.77
N ILE B 322 -9.28 51.02 2.43
CA ILE B 322 -10.48 50.87 3.27
C ILE B 322 -11.70 50.56 2.41
N ASP B 323 -11.79 51.17 1.22
CA ASP B 323 -12.89 50.85 0.31
C ASP B 323 -12.79 49.41 -0.16
N MET B 324 -11.57 48.94 -0.45
CA MET B 324 -11.38 47.54 -0.84
C MET B 324 -11.78 46.60 0.28
N GLU B 325 -11.41 46.93 1.53
CA GLU B 325 -11.78 46.09 2.66
C GLU B 325 -13.29 46.05 2.87
N ARG B 326 -13.95 47.20 2.77
CA ARG B 326 -15.40 47.25 2.93
C ARG B 326 -16.11 46.44 1.83
N THR B 327 -15.66 46.61 0.58
CA THR B 327 -16.26 45.86 -0.52
C THR B 327 -15.97 44.37 -0.40
N LEU B 328 -14.82 44.00 0.15
CA LEU B 328 -14.50 42.59 0.35
C LEU B 328 -15.33 41.99 1.48
N LYS B 329 -15.64 42.78 2.51
CA LYS B 329 -16.45 42.29 3.62
C LYS B 329 -17.94 42.39 3.36
N GLN B 330 -18.37 43.04 2.28
CA GLN B 330 -19.78 43.14 1.93
C GLN B 330 -20.21 42.16 0.85
N VAL B 331 -19.39 41.15 0.53
CA VAL B 331 -19.76 40.20 -0.52
C VAL B 331 -20.68 39.13 0.05
N ARG B 332 -21.49 38.55 -0.83
CA ARG B 332 -22.31 37.39 -0.49
C ARG B 332 -22.50 36.60 -1.78
N ILE B 333 -21.75 35.52 -1.92
CA ILE B 333 -21.75 34.73 -3.15
C ILE B 333 -22.08 33.27 -2.83
N GLN B 334 -22.36 32.51 -3.87
CA GLN B 334 -22.58 31.08 -3.78
C GLN B 334 -21.51 30.37 -4.59
N GLY B 335 -20.83 29.41 -3.98
CA GLY B 335 -19.73 28.71 -4.61
C GLY B 335 -19.54 27.32 -4.05
N LEU B 336 -18.30 26.84 -4.14
CA LEU B 336 -17.99 25.44 -3.90
C LEU B 336 -18.32 25.03 -2.47
N THR B 337 -17.97 25.86 -1.49
CA THR B 337 -18.25 25.59 -0.09
C THR B 337 -19.62 26.10 0.34
N GLY B 338 -20.51 26.40 -0.60
CA GLY B 338 -21.84 26.87 -0.27
C GLY B 338 -21.90 28.38 -0.27
N ASN B 339 -22.51 28.94 0.76
CA ASN B 339 -22.65 30.39 0.87
C ASN B 339 -21.38 30.99 1.45
N VAL B 340 -20.78 31.94 0.74
CA VAL B 340 -19.62 32.68 1.20
C VAL B 340 -20.09 34.09 1.54
N GLN B 341 -20.03 34.44 2.82
CA GLN B 341 -20.45 35.73 3.32
C GLN B 341 -19.63 36.03 4.58
N PHE B 342 -19.18 37.26 4.72
CA PHE B 342 -18.28 37.65 5.81
C PHE B 342 -18.92 38.72 6.68
N ASP B 343 -18.58 38.70 7.96
CA ASP B 343 -19.02 39.70 8.91
C ASP B 343 -18.03 40.87 8.90
N HIS B 344 -18.15 41.75 9.89
CA HIS B 344 -17.23 42.89 9.97
C HIS B 344 -15.86 42.51 10.52
N TYR B 345 -15.68 41.28 10.99
CA TYR B 345 -14.38 40.80 11.45
C TYR B 345 -13.66 39.95 10.41
N GLY B 346 -14.21 39.81 9.21
CA GLY B 346 -13.58 39.01 8.19
C GLY B 346 -13.73 37.51 8.36
N ARG B 347 -14.73 37.05 9.10
CA ARG B 347 -14.98 35.64 9.33
C ARG B 347 -16.26 35.21 8.61
N ARG B 348 -16.25 33.98 8.11
CA ARG B 348 -17.38 33.50 7.32
C ARG B 348 -18.61 33.26 8.18
N VAL B 349 -19.79 33.55 7.61
CA VAL B 349 -21.06 33.42 8.31
C VAL B 349 -22.12 32.81 7.40
N ASN B 350 -23.22 32.39 8.05
CA ASN B 350 -24.22 31.41 7.58
C ASN B 350 -23.60 30.35 6.67
N TYR B 351 -22.62 29.63 7.18
CA TYR B 351 -22.01 28.51 6.49
C TYR B 351 -22.64 27.21 6.95
N THR B 352 -22.90 26.30 6.00
CA THR B 352 -23.56 25.03 6.27
C THR B 352 -22.57 23.90 6.02
N MET B 353 -22.50 22.97 6.97
CA MET B 353 -21.61 21.83 6.92
C MET B 353 -22.43 20.56 7.08
N ASP B 354 -21.91 19.44 6.57
CA ASP B 354 -22.62 18.17 6.60
C ASP B 354 -21.89 17.21 7.52
N VAL B 355 -22.59 16.66 8.50
CA VAL B 355 -22.01 15.70 9.44
C VAL B 355 -22.20 14.30 8.86
N PHE B 356 -21.10 13.57 8.72
CA PHE B 356 -21.10 12.24 8.12
C PHE B 356 -20.70 11.22 9.16
N GLU B 357 -21.35 10.06 9.12
CA GLU B 357 -21.04 8.94 9.99
C GLU B 357 -20.67 7.72 9.15
N LEU B 358 -19.73 6.94 9.66
CA LEU B 358 -19.22 5.77 8.95
C LEU B 358 -20.09 4.57 9.26
N LYS B 359 -20.64 3.95 8.22
CA LYS B 359 -21.48 2.77 8.35
C LYS B 359 -20.91 1.65 7.49
N SER B 360 -21.62 0.52 7.47
CA SER B 360 -21.13 -0.67 6.76
C SER B 360 -20.99 -0.40 5.26
N THR B 361 -21.93 0.35 4.69
CA THR B 361 -21.81 0.70 3.28
C THR B 361 -20.74 1.77 3.05
N GLY B 362 -20.53 2.65 4.03
CA GLY B 362 -19.56 3.71 3.92
C GLY B 362 -20.01 4.97 4.62
N PRO B 363 -19.46 6.12 4.21
CA PRO B 363 -19.91 7.40 4.77
C PRO B 363 -21.39 7.64 4.49
N ARG B 364 -22.07 8.20 5.48
CA ARG B 364 -23.53 8.34 5.45
C ARG B 364 -23.91 9.65 6.13
N LYS B 365 -24.50 10.57 5.36
CA LYS B 365 -24.90 11.86 5.92
C LYS B 365 -26.04 11.67 6.91
N VAL B 366 -25.86 12.22 8.11
CA VAL B 366 -26.86 12.12 9.18
C VAL B 366 -27.46 13.46 9.56
N GLY B 367 -26.91 14.57 9.08
CA GLY B 367 -27.45 15.87 9.43
C GLY B 367 -26.55 16.97 8.96
N TYR B 368 -26.96 18.20 9.25
CA TYR B 368 -26.20 19.38 8.86
C TYR B 368 -26.11 20.37 10.00
N TRP B 369 -24.97 21.05 10.07
CA TRP B 369 -24.72 22.09 11.05
C TRP B 369 -24.73 23.45 10.35
N ASN B 370 -25.56 24.35 10.83
CA ASN B 370 -25.67 25.71 10.31
C ASN B 370 -25.27 26.70 11.40
N ASP B 371 -24.70 27.83 10.98
CA ASP B 371 -24.22 28.83 11.92
C ASP B 371 -25.34 29.42 12.77
N MET B 372 -26.56 29.47 12.22
CA MET B 372 -27.70 30.03 12.93
C MET B 372 -28.71 28.98 13.38
N ASP B 373 -28.63 27.76 12.86
CA ASP B 373 -29.57 26.70 13.21
C ASP B 373 -28.95 25.59 14.04
N LYS B 374 -27.66 25.67 14.34
CA LYS B 374 -26.91 24.66 15.12
C LYS B 374 -27.00 23.33 14.38
N LEU B 375 -27.14 22.20 15.08
CA LEU B 375 -27.17 20.89 14.45
C LEU B 375 -28.62 20.46 14.21
N VAL B 376 -28.91 20.05 12.97
CA VAL B 376 -30.21 19.55 12.59
C VAL B 376 -30.02 18.17 11.97
N LEU B 377 -30.67 17.17 12.57
CA LEU B 377 -30.55 15.79 12.12
C LEU B 377 -31.70 15.43 11.19
N ILE B 378 -31.45 14.43 10.34
CA ILE B 378 -32.46 13.97 9.39
C ILE B 378 -33.18 12.75 9.96
N ALA C 1 -26.15 -37.84 -46.05
CA ALA C 1 -27.54 -37.48 -45.85
C ALA C 1 -27.75 -36.85 -44.48
N ASN C 2 -28.88 -37.16 -43.85
CA ASN C 2 -29.17 -36.63 -42.52
C ASN C 2 -28.18 -37.18 -41.49
N PHE C 3 -27.86 -38.47 -41.57
CA PHE C 3 -26.94 -39.10 -40.65
C PHE C 3 -26.32 -40.30 -41.35
N PRO C 4 -25.10 -40.69 -40.97
CA PRO C 4 -24.50 -41.90 -41.55
C PRO C 4 -25.25 -43.15 -41.13
N ASN C 5 -25.19 -44.18 -41.99
CA ASN C 5 -25.88 -45.43 -41.71
C ASN C 5 -25.31 -46.13 -40.48
N ASN C 6 -23.99 -46.14 -40.35
CA ASN C 6 -23.33 -46.73 -39.19
C ASN C 6 -22.48 -45.67 -38.51
N ILE C 7 -22.57 -45.61 -37.19
CA ILE C 7 -21.89 -44.60 -36.39
C ILE C 7 -20.98 -45.31 -35.41
N GLN C 8 -19.68 -45.00 -35.47
CA GLN C 8 -18.70 -45.66 -34.63
C GLN C 8 -18.72 -45.07 -33.22
N ILE C 9 -18.76 -45.94 -32.22
CA ILE C 9 -18.79 -45.54 -30.82
C ILE C 9 -17.64 -46.24 -30.11
N GLY C 10 -16.74 -45.44 -29.53
CA GLY C 10 -15.63 -46.00 -28.78
C GLY C 10 -16.04 -46.44 -27.39
N GLY C 11 -15.20 -47.28 -26.79
CA GLY C 11 -15.45 -47.76 -25.44
C GLY C 11 -14.18 -48.11 -24.70
N LEU C 12 -14.08 -47.65 -23.45
CA LEU C 12 -12.90 -47.89 -22.61
C LEU C 12 -13.36 -48.70 -21.40
N PHE C 13 -13.16 -50.03 -21.45
CA PHE C 13 -13.67 -50.81 -20.34
C PHE C 13 -12.52 -51.32 -19.46
N PRO C 14 -12.69 -51.32 -18.14
CA PRO C 14 -11.61 -51.78 -17.26
C PRO C 14 -11.23 -53.24 -17.46
N ASN C 15 -12.19 -54.11 -17.76
CA ASN C 15 -11.89 -55.52 -17.96
C ASN C 15 -12.93 -56.12 -18.90
N GLN C 16 -12.55 -57.24 -19.52
CA GLN C 16 -13.46 -57.88 -20.47
C GLN C 16 -14.60 -58.60 -19.76
N GLN C 17 -14.31 -59.27 -18.65
CA GLN C 17 -15.33 -59.99 -17.89
C GLN C 17 -15.95 -59.07 -16.85
N SER C 18 -17.18 -58.64 -17.10
CA SER C 18 -17.90 -57.77 -16.18
C SER C 18 -19.39 -57.82 -16.52
N GLN C 19 -20.21 -57.42 -15.55
CA GLN C 19 -21.64 -57.29 -15.80
C GLN C 19 -21.95 -56.05 -16.62
N GLU C 20 -21.12 -55.01 -16.51
CA GLU C 20 -21.32 -53.80 -17.29
C GLU C 20 -21.15 -54.06 -18.78
N HIS C 21 -20.19 -54.91 -19.15
CA HIS C 21 -20.01 -55.26 -20.55
C HIS C 21 -21.21 -56.05 -21.08
N ALA C 22 -21.77 -56.94 -20.26
CA ALA C 22 -22.97 -57.68 -20.66
C ALA C 22 -24.15 -56.75 -20.84
N ALA C 23 -24.31 -55.77 -19.94
CA ALA C 23 -25.37 -54.77 -20.11
C ALA C 23 -25.16 -53.95 -21.36
N PHE C 24 -23.90 -53.57 -21.64
CA PHE C 24 -23.55 -52.84 -22.87
C PHE C 24 -23.97 -53.62 -24.11
N ARG C 25 -23.60 -54.90 -24.16
CA ARG C 25 -23.90 -55.73 -25.32
C ARG C 25 -25.41 -55.95 -25.47
N PHE C 26 -26.12 -56.20 -24.36
CA PHE C 26 -27.56 -56.42 -24.44
C PHE C 26 -28.29 -55.16 -24.88
N ALA C 27 -27.89 -54.00 -24.34
CA ALA C 27 -28.52 -52.75 -24.74
C ALA C 27 -28.23 -52.40 -26.19
N LEU C 28 -27.04 -52.74 -26.69
CA LEU C 28 -26.76 -52.55 -28.11
C LEU C 28 -27.61 -53.49 -28.96
N SER C 29 -27.78 -54.74 -28.52
CA SER C 29 -28.56 -55.70 -29.28
C SER C 29 -30.05 -55.39 -29.27
N GLN C 30 -30.54 -54.68 -28.25
CA GLN C 30 -31.97 -54.39 -28.16
C GLN C 30 -32.41 -53.42 -29.25
N LEU C 31 -31.59 -52.42 -29.57
CA LEU C 31 -31.99 -51.36 -30.48
C LEU C 31 -32.14 -51.89 -31.91
N THR C 32 -33.23 -51.46 -32.56
CA THR C 32 -33.52 -51.85 -33.94
C THR C 32 -33.72 -50.65 -34.86
N GLU C 33 -33.42 -49.44 -34.40
CA GLU C 33 -33.66 -48.25 -35.19
C GLU C 33 -32.64 -48.15 -36.34
N PRO C 34 -32.97 -47.42 -37.40
CA PRO C 34 -32.06 -47.29 -38.56
C PRO C 34 -30.68 -46.74 -38.21
N PRO C 35 -30.54 -45.77 -37.24
CA PRO C 35 -29.17 -45.42 -36.83
C PRO C 35 -28.50 -46.54 -36.05
N LYS C 36 -27.54 -47.21 -36.68
CA LYS C 36 -26.83 -48.31 -36.07
C LYS C 36 -25.54 -47.82 -35.43
N LEU C 37 -25.21 -48.37 -34.26
CA LEU C 37 -24.02 -48.00 -33.52
C LEU C 37 -23.04 -49.16 -33.55
N LEU C 38 -21.86 -48.94 -34.13
CA LEU C 38 -20.82 -49.96 -34.21
C LEU C 38 -19.85 -49.75 -33.06
N PRO C 39 -19.71 -50.72 -32.15
CA PRO C 39 -18.86 -50.53 -30.98
C PRO C 39 -17.41 -50.92 -31.21
N GLN C 40 -16.50 -50.13 -30.64
CA GLN C 40 -15.07 -50.43 -30.63
C GLN C 40 -14.61 -50.37 -29.18
N ILE C 41 -14.55 -51.54 -28.53
CA ILE C 41 -14.28 -51.64 -27.11
C ILE C 41 -12.84 -52.06 -26.88
N ASP C 42 -12.13 -51.30 -26.06
CA ASP C 42 -10.75 -51.59 -25.70
C ASP C 42 -10.65 -51.78 -24.19
N ILE C 43 -9.93 -52.82 -23.78
CA ILE C 43 -9.65 -53.06 -22.37
C ILE C 43 -8.42 -52.23 -21.99
N VAL C 44 -8.61 -51.29 -21.07
CA VAL C 44 -7.57 -50.34 -20.70
C VAL C 44 -7.56 -50.18 -19.19
N ASN C 45 -6.35 -50.18 -18.61
CA ASN C 45 -6.18 -49.90 -17.19
C ASN C 45 -6.62 -48.47 -16.89
N ILE C 46 -7.63 -48.33 -16.04
CA ILE C 46 -8.20 -47.02 -15.75
C ILE C 46 -7.37 -46.21 -14.77
N SER C 47 -6.37 -46.82 -14.13
CA SER C 47 -5.52 -46.13 -13.17
C SER C 47 -4.27 -45.54 -13.81
N ASP C 48 -4.06 -45.76 -15.11
CA ASP C 48 -2.90 -45.24 -15.82
C ASP C 48 -3.37 -44.23 -16.86
N SER C 49 -2.83 -43.01 -16.78
CA SER C 49 -3.22 -41.98 -17.75
C SER C 49 -2.55 -42.17 -19.10
N PHE C 50 -1.38 -42.79 -19.14
CA PHE C 50 -0.69 -42.99 -20.41
C PHE C 50 -1.42 -43.99 -21.29
N GLU C 51 -1.80 -45.15 -20.72
CA GLU C 51 -2.55 -46.14 -21.48
C GLU C 51 -3.92 -45.60 -21.88
N MET C 52 -4.57 -44.87 -20.97
CA MET C 52 -5.90 -44.33 -21.26
C MET C 52 -5.83 -43.28 -22.37
N THR C 53 -4.79 -42.43 -22.36
CA THR C 53 -4.68 -41.43 -23.42
C THR C 53 -4.24 -42.05 -24.74
N TYR C 54 -3.47 -43.15 -24.69
CA TYR C 54 -3.16 -43.86 -25.93
C TYR C 54 -4.42 -44.47 -26.54
N ARG C 55 -5.26 -45.08 -25.71
CA ARG C 55 -6.53 -45.63 -26.21
C ARG C 55 -7.45 -44.52 -26.71
N PHE C 56 -7.50 -43.39 -26.00
CA PHE C 56 -8.34 -42.28 -26.43
C PHE C 56 -7.88 -41.72 -27.77
N CYS C 57 -6.58 -41.55 -27.96
CA CYS C 57 -6.06 -41.03 -29.22
C CYS C 57 -6.24 -42.04 -30.36
N SER C 58 -6.08 -43.32 -30.07
CA SER C 58 -6.32 -44.35 -31.08
C SER C 58 -7.78 -44.36 -31.52
N GLN C 59 -8.70 -44.25 -30.58
CA GLN C 59 -10.12 -44.22 -30.93
C GLN C 59 -10.50 -42.93 -31.65
N PHE C 60 -9.88 -41.82 -31.27
CA PHE C 60 -10.14 -40.55 -31.98
C PHE C 60 -9.61 -40.60 -33.41
N SER C 61 -8.44 -41.21 -33.61
CA SER C 61 -7.91 -41.35 -34.96
C SER C 61 -8.70 -42.37 -35.77
N LYS C 62 -9.32 -43.34 -35.11
CA LYS C 62 -10.15 -44.30 -35.83
C LYS C 62 -11.40 -43.64 -36.41
N GLY C 63 -11.95 -42.66 -35.70
CA GLY C 63 -13.09 -41.92 -36.22
C GLY C 63 -14.36 -42.09 -35.43
N VAL C 64 -14.23 -42.30 -34.12
CA VAL C 64 -15.42 -42.48 -33.28
C VAL C 64 -16.13 -41.14 -33.09
N TYR C 65 -17.42 -41.22 -32.77
CA TYR C 65 -18.24 -40.04 -32.53
C TYR C 65 -18.47 -39.79 -31.04
N ALA C 66 -18.55 -40.83 -30.23
CA ALA C 66 -18.66 -40.70 -28.79
C ALA C 66 -17.98 -41.90 -28.14
N ILE C 67 -17.56 -41.71 -26.89
CA ILE C 67 -16.83 -42.72 -26.14
C ILE C 67 -17.59 -43.02 -24.86
N PHE C 68 -17.83 -44.29 -24.60
CA PHE C 68 -18.51 -44.75 -23.39
C PHE C 68 -17.51 -45.57 -22.57
N GLY C 69 -17.09 -45.03 -21.44
CA GLY C 69 -16.11 -45.72 -20.63
C GLY C 69 -16.16 -45.30 -19.18
N PHE C 70 -15.16 -45.75 -18.43
CA PHE C 70 -15.03 -45.47 -17.00
C PHE C 70 -13.72 -44.75 -16.76
N TYR C 71 -13.66 -44.00 -15.66
CA TYR C 71 -12.45 -43.32 -15.24
C TYR C 71 -12.24 -43.52 -13.75
N GLU C 72 -11.19 -42.89 -13.23
CA GLU C 72 -10.88 -42.92 -11.81
C GLU C 72 -10.49 -41.50 -11.38
N ARG C 73 -9.96 -41.37 -10.17
CA ARG C 73 -9.51 -40.06 -9.70
C ARG C 73 -8.26 -39.59 -10.45
N ARG C 74 -7.47 -40.54 -10.96
CA ARG C 74 -6.24 -40.17 -11.67
C ARG C 74 -6.52 -39.67 -13.08
N THR C 75 -7.48 -40.27 -13.77
CA THR C 75 -7.71 -40.00 -15.18
C THR C 75 -8.91 -39.09 -15.45
N VAL C 76 -9.53 -38.54 -14.40
CA VAL C 76 -10.70 -37.69 -14.62
C VAL C 76 -10.31 -36.36 -15.24
N ASN C 77 -9.23 -35.74 -14.74
CA ASN C 77 -8.81 -34.44 -15.25
C ASN C 77 -8.31 -34.54 -16.69
N MET C 78 -7.57 -35.60 -17.00
CA MET C 78 -7.08 -35.81 -18.35
C MET C 78 -8.23 -35.99 -19.34
N LEU C 79 -9.22 -36.82 -18.97
CA LEU C 79 -10.38 -37.03 -19.84
C LEU C 79 -11.17 -35.75 -20.01
N THR C 80 -11.35 -34.98 -18.93
CA THR C 80 -12.06 -33.71 -19.01
C THR C 80 -11.36 -32.74 -19.94
N SER C 81 -10.02 -32.63 -19.82
CA SER C 81 -9.27 -31.72 -20.67
C SER C 81 -9.31 -32.14 -22.13
N PHE C 82 -9.13 -33.44 -22.41
CA PHE C 82 -9.15 -33.91 -23.79
C PHE C 82 -10.53 -33.75 -24.41
N CYS C 83 -11.58 -34.00 -23.65
CA CYS C 83 -12.93 -33.85 -24.17
C CYS C 83 -13.28 -32.39 -24.40
N GLY C 84 -12.81 -31.49 -23.53
CA GLY C 84 -13.04 -30.07 -23.74
C GLY C 84 -12.20 -29.48 -24.85
N ALA C 85 -11.06 -30.10 -25.17
CA ALA C 85 -10.20 -29.60 -26.24
C ALA C 85 -10.62 -30.12 -27.61
N LEU C 86 -10.90 -31.42 -27.72
CA LEU C 86 -11.22 -32.04 -29.00
C LEU C 86 -12.71 -32.09 -29.28
N HIS C 87 -13.55 -31.61 -28.35
CA HIS C 87 -15.02 -31.59 -28.49
C HIS C 87 -15.57 -32.98 -28.77
N VAL C 88 -15.07 -33.98 -28.06
CA VAL C 88 -15.54 -35.36 -28.17
C VAL C 88 -16.28 -35.71 -26.90
N CYS C 89 -17.52 -36.19 -27.04
CA CYS C 89 -18.34 -36.50 -25.88
C CYS C 89 -17.87 -37.79 -25.22
N PHE C 90 -17.95 -37.81 -23.88
CA PHE C 90 -17.60 -38.97 -23.08
C PHE C 90 -18.75 -39.26 -22.12
N ILE C 91 -19.38 -40.41 -22.28
CA ILE C 91 -20.49 -40.83 -21.44
C ILE C 91 -19.98 -41.85 -20.45
N THR C 92 -20.21 -41.59 -19.16
CA THR C 92 -19.63 -42.44 -18.13
C THR C 92 -20.66 -42.79 -17.05
N PRO C 93 -20.60 -44.01 -16.54
CA PRO C 93 -21.37 -44.37 -15.34
C PRO C 93 -20.61 -44.27 -14.03
N SER C 94 -19.41 -43.69 -14.04
CA SER C 94 -18.57 -43.64 -12.86
C SER C 94 -19.07 -42.56 -11.89
N PHE C 95 -18.31 -42.37 -10.81
CA PHE C 95 -18.72 -41.44 -9.77
C PHE C 95 -18.69 -40.00 -10.29
N PRO C 96 -19.67 -39.18 -9.94
CA PRO C 96 -19.66 -37.78 -10.38
C PRO C 96 -18.58 -36.98 -9.68
N VAL C 97 -18.07 -35.96 -10.36
CA VAL C 97 -17.07 -35.07 -9.83
C VAL C 97 -17.46 -33.63 -10.16
N ASP C 98 -17.00 -32.70 -9.34
CA ASP C 98 -17.30 -31.28 -9.56
C ASP C 98 -16.48 -30.68 -10.69
N THR C 99 -15.26 -31.16 -10.90
CA THR C 99 -14.38 -30.63 -11.94
C THR C 99 -14.63 -31.41 -13.22
N SER C 100 -15.52 -30.87 -14.07
CA SER C 100 -15.87 -31.51 -15.32
C SER C 100 -16.29 -30.44 -16.33
N ASN C 101 -16.35 -30.85 -17.59
CA ASN C 101 -16.80 -29.99 -18.68
C ASN C 101 -18.22 -30.38 -19.07
N GLN C 102 -18.74 -29.69 -20.10
CA GLN C 102 -20.05 -29.99 -20.63
C GLN C 102 -20.04 -31.17 -21.59
N PHE C 103 -18.88 -31.67 -21.98
CA PHE C 103 -18.76 -32.80 -22.89
C PHE C 103 -18.66 -34.13 -22.16
N VAL C 104 -18.72 -34.13 -20.84
CA VAL C 104 -18.68 -35.36 -20.03
C VAL C 104 -20.05 -35.55 -19.42
N LEU C 105 -20.74 -36.60 -19.85
CA LEU C 105 -22.08 -36.92 -19.37
C LEU C 105 -21.98 -37.99 -18.30
N GLN C 106 -22.18 -37.60 -17.04
CA GLN C 106 -22.10 -38.52 -15.90
C GLN C 106 -23.49 -39.08 -15.62
N LEU C 107 -23.67 -40.37 -15.88
CA LEU C 107 -24.97 -40.99 -15.69
C LEU C 107 -25.29 -41.23 -14.22
N ARG C 108 -24.27 -41.37 -13.37
CA ARG C 108 -24.50 -41.60 -11.95
C ARG C 108 -24.92 -40.32 -11.26
N PRO C 109 -26.10 -40.26 -10.66
CA PRO C 109 -26.52 -39.04 -9.97
C PRO C 109 -25.77 -38.82 -8.67
N GLU C 110 -25.71 -37.56 -8.25
CA GLU C 110 -25.00 -37.20 -7.04
C GLU C 110 -25.77 -37.65 -5.80
N LEU C 111 -25.04 -37.80 -4.69
CA LEU C 111 -25.61 -38.27 -3.44
C LEU C 111 -25.18 -37.42 -2.25
N GLN C 112 -24.32 -36.42 -2.47
CA GLN C 112 -23.79 -35.63 -1.36
C GLN C 112 -24.83 -34.77 -0.67
N GLU C 113 -25.99 -34.55 -1.31
CA GLU C 113 -27.05 -33.75 -0.70
C GLU C 113 -28.14 -34.60 -0.05
N ALA C 114 -28.43 -35.77 -0.61
CA ALA C 114 -29.42 -36.67 0.00
C ALA C 114 -28.91 -37.22 1.32
N LEU C 115 -27.60 -37.48 1.42
CA LEU C 115 -27.02 -37.95 2.67
C LEU C 115 -27.16 -36.91 3.78
N ILE C 116 -26.91 -35.64 3.45
CA ILE C 116 -27.03 -34.57 4.43
C ILE C 116 -28.49 -34.43 4.88
N SER C 117 -29.43 -34.54 3.94
CA SER C 117 -30.84 -34.45 4.29
C SER C 117 -31.27 -35.61 5.18
N ILE C 118 -30.75 -36.81 4.90
CA ILE C 118 -31.08 -37.97 5.73
C ILE C 118 -30.51 -37.82 7.13
N ILE C 119 -29.27 -37.33 7.23
CA ILE C 119 -28.65 -37.10 8.54
C ILE C 119 -29.44 -36.05 9.32
N ASP C 120 -29.86 -34.98 8.64
CA ASP C 120 -30.66 -33.94 9.30
C ASP C 120 -32.02 -34.48 9.73
N HIS C 121 -32.61 -35.39 8.94
CA HIS C 121 -33.88 -35.99 9.32
C HIS C 121 -33.75 -36.83 10.59
N TYR C 122 -32.64 -37.54 10.74
CA TYR C 122 -32.42 -38.38 11.90
C TYR C 122 -31.87 -37.61 13.10
N LYS C 123 -31.65 -36.30 12.95
CA LYS C 123 -31.17 -35.42 14.04
C LYS C 123 -29.84 -35.89 14.60
N TRP C 124 -28.94 -36.32 13.72
CA TRP C 124 -27.62 -36.78 14.13
C TRP C 124 -26.70 -35.60 14.40
N GLN C 125 -25.97 -35.66 15.51
CA GLN C 125 -25.02 -34.62 15.88
C GLN C 125 -23.60 -35.12 16.15
N THR C 126 -23.42 -36.41 16.44
CA THR C 126 -22.10 -36.98 16.67
C THR C 126 -22.05 -38.35 16.01
N PHE C 127 -21.20 -38.49 14.99
CA PHE C 127 -21.16 -39.73 14.23
C PHE C 127 -19.77 -39.95 13.64
N VAL C 128 -19.56 -41.16 13.16
CA VAL C 128 -18.29 -41.59 12.59
C VAL C 128 -18.49 -41.80 11.09
N TYR C 129 -17.71 -41.09 10.28
CA TYR C 129 -17.83 -41.12 8.83
C TYR C 129 -16.68 -41.97 8.29
N ILE C 130 -17.00 -43.18 7.84
CA ILE C 130 -16.02 -44.09 7.28
C ILE C 130 -16.09 -43.95 5.77
N TYR C 131 -15.00 -43.44 5.17
CA TYR C 131 -14.99 -43.12 3.75
C TYR C 131 -13.83 -43.82 3.05
N ASP C 132 -13.91 -43.84 1.73
CA ASP C 132 -12.90 -44.42 0.86
C ASP C 132 -12.10 -43.30 0.20
N ALA C 133 -10.78 -43.42 0.23
CA ALA C 133 -9.93 -42.36 -0.31
C ALA C 133 -10.01 -42.30 -1.84
N ASP C 134 -10.04 -43.46 -2.49
CA ASP C 134 -10.05 -43.50 -3.96
C ASP C 134 -11.46 -43.53 -4.52
N ARG C 135 -12.30 -42.62 -4.02
CA ARG C 135 -13.67 -42.49 -4.52
C ARG C 135 -14.10 -41.03 -4.66
N GLY C 136 -13.23 -40.07 -4.41
CA GLY C 136 -13.61 -38.68 -4.44
C GLY C 136 -13.88 -38.14 -3.05
N LEU C 137 -13.22 -37.03 -2.69
CA LEU C 137 -13.34 -36.46 -1.36
C LEU C 137 -14.28 -35.26 -1.30
N SER C 138 -15.05 -35.02 -2.37
CA SER C 138 -16.00 -33.90 -2.36
C SER C 138 -17.10 -34.11 -1.33
N VAL C 139 -17.59 -35.34 -1.20
CA VAL C 139 -18.63 -35.64 -0.22
C VAL C 139 -18.09 -35.49 1.20
N LEU C 140 -16.81 -35.79 1.41
CA LEU C 140 -16.21 -35.61 2.73
C LEU C 140 -16.09 -34.14 3.06
N GLN C 141 -15.69 -33.31 2.10
CA GLN C 141 -15.67 -31.87 2.32
C GLN C 141 -17.05 -31.35 2.66
N ARG C 142 -18.06 -31.80 1.90
CA ARG C 142 -19.43 -31.34 2.14
C ARG C 142 -19.91 -31.72 3.54
N VAL C 143 -19.60 -32.94 3.96
CA VAL C 143 -19.96 -33.39 5.31
C VAL C 143 -19.25 -32.53 6.36
N LEU C 144 -17.95 -32.28 6.16
CA LEU C 144 -17.19 -31.48 7.12
C LEU C 144 -17.68 -30.04 7.18
N ASP C 145 -18.00 -29.45 6.03
CA ASP C 145 -18.49 -28.08 5.99
C ASP C 145 -19.86 -27.97 6.65
N THR C 146 -20.75 -28.93 6.37
CA THR C 146 -22.07 -28.93 7.01
C THR C 146 -21.94 -29.12 8.52
N ALA C 147 -20.95 -29.92 8.95
CA ALA C 147 -20.66 -30.04 10.37
C ALA C 147 -20.17 -28.71 10.94
N ALA C 148 -19.37 -27.98 10.17
CA ALA C 148 -18.87 -26.68 10.64
C ALA C 148 -20.00 -25.68 10.84
N GLU C 149 -20.97 -25.65 9.91
CA GLU C 149 -22.12 -24.77 10.11
C GLU C 149 -23.01 -25.25 11.24
N LYS C 150 -23.24 -26.56 11.35
CA LYS C 150 -24.23 -27.11 12.26
C LYS C 150 -23.64 -27.66 13.55
N ASN C 151 -22.34 -27.43 13.79
CA ASN C 151 -21.67 -27.80 15.04
C ASN C 151 -21.77 -29.29 15.33
N TRP C 152 -21.61 -30.12 14.30
CA TRP C 152 -21.62 -31.56 14.47
C TRP C 152 -20.28 -32.05 15.01
N GLN C 153 -20.20 -33.35 15.28
CA GLN C 153 -18.97 -33.99 15.72
C GLN C 153 -18.75 -35.22 14.84
N VAL C 154 -17.94 -35.07 13.80
CA VAL C 154 -17.70 -36.11 12.82
C VAL C 154 -16.30 -36.67 13.03
N THR C 155 -16.20 -37.98 13.19
CA THR C 155 -14.93 -38.68 13.28
C THR C 155 -14.64 -39.31 11.91
N ALA C 156 -13.74 -38.70 11.16
CA ALA C 156 -13.46 -39.15 9.80
C ALA C 156 -12.45 -40.29 9.81
N VAL C 157 -12.84 -41.44 9.28
CA VAL C 157 -12.01 -42.65 9.28
C VAL C 157 -11.84 -43.12 7.85
N ASN C 158 -10.59 -43.25 7.41
CA ASN C 158 -10.27 -43.78 6.09
C ASN C 158 -10.16 -45.29 6.14
N ILE C 159 -10.70 -45.94 5.10
CA ILE C 159 -10.68 -47.41 5.06
C ILE C 159 -9.26 -47.93 4.84
N LEU C 160 -8.52 -47.32 3.92
CA LEU C 160 -7.19 -47.82 3.56
C LEU C 160 -6.21 -47.65 4.71
N THR C 161 -6.25 -46.51 5.40
CA THR C 161 -5.24 -46.17 6.39
C THR C 161 -5.53 -46.73 7.77
N THR C 162 -6.64 -47.44 7.96
CA THR C 162 -7.02 -47.99 9.25
C THR C 162 -6.90 -49.51 9.23
N THR C 163 -6.17 -50.05 10.19
CA THR C 163 -6.02 -51.50 10.32
C THR C 163 -7.15 -52.03 11.21
N GLU C 164 -7.07 -53.32 11.55
CA GLU C 164 -8.12 -53.93 12.36
C GLU C 164 -8.10 -53.40 13.79
N GLU C 165 -6.89 -53.15 14.33
CA GLU C 165 -6.78 -52.66 15.70
C GLU C 165 -7.33 -51.25 15.83
N GLY C 166 -7.09 -50.39 14.83
CA GLY C 166 -7.67 -49.06 14.85
C GLY C 166 -9.17 -49.08 14.78
N TYR C 167 -9.74 -49.99 13.97
CA TYR C 167 -11.18 -50.16 13.93
C TYR C 167 -11.72 -50.63 15.28
N ARG C 168 -11.00 -51.55 15.93
CA ARG C 168 -11.43 -52.03 17.24
C ARG C 168 -11.43 -50.92 18.28
N MET C 169 -10.37 -50.09 18.29
CA MET C 169 -10.32 -48.97 19.23
C MET C 169 -11.41 -47.95 18.94
N LEU C 170 -11.66 -47.66 17.66
CA LEU C 170 -12.70 -46.72 17.28
C LEU C 170 -14.07 -47.23 17.73
N PHE C 171 -14.33 -48.52 17.54
CA PHE C 171 -15.64 -49.05 17.91
C PHE C 171 -15.78 -49.20 19.42
N GLN C 172 -14.68 -49.43 20.14
CA GLN C 172 -14.75 -49.39 21.60
C GLN C 172 -15.09 -47.98 22.09
N ASP C 173 -14.48 -46.96 21.46
CA ASP C 173 -14.86 -45.59 21.77
C ASP C 173 -16.31 -45.30 21.40
N LEU C 174 -16.83 -45.98 20.38
CA LEU C 174 -18.24 -45.83 20.01
C LEU C 174 -19.15 -46.44 21.07
N GLU C 175 -18.84 -47.65 21.54
CA GLU C 175 -19.62 -48.27 22.60
C GLU C 175 -19.38 -47.63 23.97
N LYS C 176 -18.41 -46.72 24.09
CA LYS C 176 -18.30 -45.93 25.32
C LYS C 176 -19.56 -45.11 25.57
N LYS C 177 -20.13 -44.53 24.52
CA LYS C 177 -21.39 -43.82 24.61
C LYS C 177 -22.54 -44.76 24.23
N LYS C 178 -23.76 -44.24 24.27
CA LYS C 178 -24.95 -45.04 24.04
C LYS C 178 -25.37 -45.06 22.57
N GLU C 179 -25.43 -43.89 21.94
CA GLU C 179 -25.90 -43.78 20.56
C GLU C 179 -24.69 -43.91 19.63
N ARG C 180 -24.59 -45.07 18.97
CA ARG C 180 -23.52 -45.32 18.01
C ARG C 180 -24.05 -45.01 16.61
N LEU C 181 -23.49 -43.99 15.96
CA LEU C 181 -23.95 -43.53 14.66
C LEU C 181 -22.78 -43.58 13.69
N VAL C 182 -22.94 -44.33 12.60
CA VAL C 182 -21.90 -44.54 11.60
C VAL C 182 -22.48 -44.27 10.22
N VAL C 183 -21.79 -43.46 9.43
CA VAL C 183 -22.12 -43.23 8.03
C VAL C 183 -20.98 -43.79 7.19
N VAL C 184 -21.29 -44.77 6.34
CA VAL C 184 -20.29 -45.43 5.50
C VAL C 184 -20.51 -44.96 4.06
N ASP C 185 -19.48 -44.40 3.46
CA ASP C 185 -19.51 -43.94 2.07
C ASP C 185 -18.42 -44.71 1.32
N CYS C 186 -18.79 -45.83 0.72
CA CYS C 186 -17.82 -46.69 0.05
C CYS C 186 -18.56 -47.55 -0.97
N GLU C 187 -17.80 -48.06 -1.93
CA GLU C 187 -18.37 -48.84 -3.02
C GLU C 187 -18.74 -50.26 -2.55
N SER C 188 -19.65 -50.89 -3.31
CA SER C 188 -20.24 -52.15 -2.88
C SER C 188 -19.21 -53.27 -2.79
N GLU C 189 -18.31 -53.36 -3.78
CA GLU C 189 -17.33 -54.44 -3.81
C GLU C 189 -16.35 -54.38 -2.64
N ARG C 190 -16.19 -53.21 -2.02
CA ARG C 190 -15.43 -53.08 -0.78
C ARG C 190 -16.33 -53.00 0.44
N LEU C 191 -17.56 -52.49 0.29
CA LEU C 191 -18.49 -52.45 1.41
C LEU C 191 -18.88 -53.85 1.87
N ASN C 192 -18.83 -54.84 0.98
CA ASN C 192 -19.08 -56.23 1.39
C ASN C 192 -18.04 -56.69 2.40
N ALA C 193 -16.76 -56.47 2.10
CA ALA C 193 -15.70 -56.82 3.03
C ALA C 193 -15.75 -55.96 4.29
N ILE C 194 -16.12 -54.68 4.15
CA ILE C 194 -16.22 -53.80 5.31
C ILE C 194 -17.31 -54.30 6.27
N LEU C 195 -18.48 -54.67 5.73
CA LEU C 195 -19.56 -55.18 6.56
C LEU C 195 -19.21 -56.53 7.15
N GLY C 196 -18.46 -57.37 6.42
CA GLY C 196 -17.97 -58.61 7.00
C GLY C 196 -17.03 -58.36 8.17
N GLN C 197 -16.17 -57.35 8.04
CA GLN C 197 -15.31 -56.94 9.15
C GLN C 197 -16.13 -56.47 10.35
N ILE C 198 -17.18 -55.68 10.09
CA ILE C 198 -18.01 -55.16 11.19
C ILE C 198 -18.74 -56.30 11.89
N VAL C 199 -19.30 -57.23 11.13
CA VAL C 199 -20.11 -58.29 11.72
C VAL C 199 -19.26 -59.42 12.32
N LYS C 200 -18.00 -59.57 11.90
CA LYS C 200 -17.22 -60.71 12.36
C LYS C 200 -16.60 -60.45 13.74
N LEU C 201 -15.74 -59.44 13.85
CA LEU C 201 -15.07 -59.18 15.12
C LEU C 201 -15.81 -58.16 15.97
N GLU C 202 -16.28 -57.07 15.38
CA GLU C 202 -17.11 -56.13 16.11
C GLU C 202 -18.54 -56.67 16.20
N LYS C 203 -19.42 -55.90 16.83
CA LYS C 203 -20.79 -56.35 17.04
C LYS C 203 -21.73 -55.15 16.92
N ASN C 204 -23.02 -55.43 17.00
CA ASN C 204 -24.07 -54.42 16.93
C ASN C 204 -25.27 -54.92 17.71
N GLY C 205 -26.41 -54.25 17.54
CA GLY C 205 -27.62 -54.66 18.22
C GLY C 205 -27.98 -53.69 19.33
N ILE C 206 -29.27 -53.34 19.39
CA ILE C 206 -29.82 -52.34 20.32
C ILE C 206 -29.02 -51.04 20.18
N GLY C 207 -29.14 -50.41 19.02
CA GLY C 207 -28.32 -49.27 18.68
C GLY C 207 -27.53 -49.51 17.43
N TYR C 208 -26.40 -48.81 17.27
CA TYR C 208 -25.50 -48.94 16.12
C TYR C 208 -26.25 -48.70 14.81
N HIS C 209 -26.76 -47.48 14.66
CA HIS C 209 -27.50 -47.10 13.46
C HIS C 209 -26.53 -46.78 12.34
N TYR C 210 -26.65 -47.48 11.22
CA TYR C 210 -25.77 -47.29 10.07
C TYR C 210 -26.54 -46.59 8.95
N ILE C 211 -25.87 -45.63 8.31
CA ILE C 211 -26.37 -44.99 7.11
C ILE C 211 -25.37 -45.29 6.00
N LEU C 212 -25.77 -46.14 5.05
CA LEU C 212 -24.89 -46.55 3.96
C LEU C 212 -25.08 -45.61 2.78
N ALA C 213 -24.02 -44.87 2.45
CA ALA C 213 -24.07 -43.88 1.37
C ALA C 213 -23.70 -44.59 0.07
N ASN C 214 -24.70 -45.16 -0.58
CA ASN C 214 -24.51 -45.83 -1.87
C ASN C 214 -25.79 -45.75 -2.67
N LEU C 215 -25.67 -45.96 -3.98
CA LEU C 215 -26.83 -45.93 -4.86
C LEU C 215 -27.59 -47.25 -4.90
N GLY C 216 -27.02 -48.32 -4.35
CA GLY C 216 -27.68 -49.61 -4.38
C GLY C 216 -27.81 -50.25 -3.01
N PHE C 217 -29.05 -50.44 -2.55
CA PHE C 217 -29.30 -51.07 -1.26
C PHE C 217 -29.49 -52.57 -1.36
N MET C 218 -30.08 -53.05 -2.46
CA MET C 218 -30.26 -54.48 -2.68
C MET C 218 -29.01 -55.14 -3.25
N ASP C 219 -27.96 -54.38 -3.51
CA ASP C 219 -26.75 -54.91 -4.13
C ASP C 219 -25.81 -55.56 -3.12
N ILE C 220 -26.13 -55.47 -1.83
CA ILE C 220 -25.25 -55.97 -0.77
C ILE C 220 -26.00 -57.04 0.01
N ASP C 221 -25.22 -57.93 0.64
CA ASP C 221 -25.76 -58.99 1.47
C ASP C 221 -25.91 -58.47 2.90
N LEU C 222 -27.15 -58.21 3.30
CA LEU C 222 -27.44 -57.69 4.62
C LEU C 222 -27.90 -58.77 5.60
N ASN C 223 -27.74 -60.05 5.22
CA ASN C 223 -28.13 -61.13 6.12
C ASN C 223 -27.25 -61.19 7.35
N LYS C 224 -25.96 -60.85 7.22
CA LYS C 224 -25.08 -60.77 8.38
C LYS C 224 -25.53 -59.66 9.33
N PHE C 225 -25.93 -58.51 8.78
CA PHE C 225 -26.46 -57.41 9.58
C PHE C 225 -27.90 -57.66 10.03
N LYS C 226 -28.56 -58.67 9.48
CA LYS C 226 -29.91 -59.02 9.91
C LYS C 226 -29.85 -59.81 11.21
N GLU C 227 -31.03 -60.11 11.76
CA GLU C 227 -31.19 -60.86 13.01
C GLU C 227 -30.51 -60.16 14.19
N SER C 228 -30.43 -58.83 14.12
CA SER C 228 -29.83 -58.03 15.18
C SER C 228 -30.58 -56.72 15.30
N GLY C 229 -30.24 -55.95 16.32
CA GLY C 229 -30.89 -54.67 16.57
C GLY C 229 -30.32 -53.49 15.80
N ALA C 230 -29.34 -53.72 14.94
CA ALA C 230 -28.77 -52.63 14.16
C ALA C 230 -29.74 -52.17 13.08
N ASN C 231 -29.83 -50.85 12.91
CA ASN C 231 -30.69 -50.24 11.91
C ASN C 231 -29.85 -49.73 10.75
N VAL C 232 -30.23 -50.11 9.53
CA VAL C 232 -29.50 -49.74 8.33
C VAL C 232 -30.42 -48.92 7.43
N THR C 233 -29.95 -47.74 7.04
CA THR C 233 -30.68 -46.85 6.15
C THR C 233 -29.82 -46.55 4.92
N GLY C 234 -30.38 -46.74 3.73
CA GLY C 234 -29.65 -46.49 2.52
C GLY C 234 -30.47 -45.84 1.43
N PHE C 235 -29.92 -45.80 0.22
CA PHE C 235 -30.57 -45.19 -0.93
C PHE C 235 -30.69 -46.21 -2.06
N GLN C 236 -31.84 -46.18 -2.74
CA GLN C 236 -32.10 -47.07 -3.86
C GLN C 236 -32.48 -46.25 -5.08
N LEU C 237 -31.78 -46.47 -6.19
CA LEU C 237 -32.03 -45.76 -7.44
C LEU C 237 -32.93 -46.56 -8.38
N VAL C 238 -32.70 -47.87 -8.50
CA VAL C 238 -33.49 -48.74 -9.37
C VAL C 238 -34.15 -49.81 -8.52
N ASN C 239 -35.43 -50.05 -8.76
CA ASN C 239 -36.16 -51.15 -8.14
C ASN C 239 -36.99 -51.87 -9.20
N TYR C 240 -36.99 -53.20 -9.12
CA TYR C 240 -37.49 -54.04 -10.20
C TYR C 240 -38.93 -54.46 -9.94
N THR C 241 -39.81 -53.46 -9.82
CA THR C 241 -41.23 -53.71 -9.64
C THR C 241 -42.02 -52.89 -10.65
N ASP C 242 -41.50 -51.73 -11.01
CA ASP C 242 -42.15 -50.85 -11.97
C ASP C 242 -42.17 -51.49 -13.36
N THR C 243 -43.06 -50.98 -14.22
CA THR C 243 -43.36 -51.64 -15.48
C THR C 243 -42.14 -51.69 -16.41
N ILE C 244 -41.50 -50.53 -16.63
CA ILE C 244 -40.35 -50.49 -17.53
C ILE C 244 -39.16 -51.30 -17.03
N PRO C 245 -38.72 -51.19 -15.76
CA PRO C 245 -37.60 -52.05 -15.32
C PRO C 245 -37.93 -53.53 -15.33
N ALA C 246 -39.16 -53.90 -14.95
CA ALA C 246 -39.55 -55.30 -14.97
C ALA C 246 -39.57 -55.83 -16.40
N ARG C 247 -40.08 -55.04 -17.35
CA ARG C 247 -40.09 -55.46 -18.74
C ARG C 247 -38.67 -55.61 -19.28
N ILE C 248 -37.78 -54.67 -18.95
CA ILE C 248 -36.40 -54.75 -19.41
C ILE C 248 -35.70 -55.97 -18.83
N MET C 249 -35.91 -56.24 -17.55
CA MET C 249 -35.28 -57.40 -16.92
C MET C 249 -35.88 -58.70 -17.43
N GLN C 250 -37.16 -58.72 -17.78
CA GLN C 250 -37.76 -59.90 -18.36
C GLN C 250 -37.23 -60.17 -19.76
N GLN C 251 -37.03 -59.12 -20.55
CA GLN C 251 -36.40 -59.30 -21.86
C GLN C 251 -34.96 -59.75 -21.74
N TRP C 252 -34.26 -59.26 -20.71
CA TRP C 252 -32.90 -59.70 -20.44
C TRP C 252 -32.85 -61.16 -20.02
N ARG C 253 -33.83 -61.59 -19.23
CA ARG C 253 -33.85 -62.97 -18.74
C ARG C 253 -34.10 -63.96 -19.88
N THR C 254 -35.12 -63.71 -20.69
CA THR C 254 -35.46 -64.59 -21.82
C THR C 254 -34.83 -64.06 -23.10
N SER C 255 -33.50 -64.03 -23.10
CA SER C 255 -32.74 -63.53 -24.24
C SER C 255 -32.33 -64.70 -25.12
N ASP C 256 -32.63 -64.60 -26.42
CA ASP C 256 -32.24 -65.64 -27.36
C ASP C 256 -30.73 -65.68 -27.56
N SER C 257 -30.06 -64.53 -27.46
CA SER C 257 -28.61 -64.45 -27.58
C SER C 257 -28.00 -64.57 -26.18
N ARG C 258 -27.18 -65.60 -25.98
CA ARG C 258 -26.56 -65.82 -24.68
C ARG C 258 -25.52 -64.75 -24.39
N ASP C 259 -25.49 -64.27 -23.16
CA ASP C 259 -24.58 -63.22 -22.75
C ASP C 259 -23.18 -63.78 -22.50
N HIS C 260 -22.21 -62.87 -22.43
CA HIS C 260 -20.81 -63.22 -22.26
C HIS C 260 -20.53 -63.49 -20.78
N THR C 261 -19.25 -63.58 -20.43
CA THR C 261 -18.74 -63.78 -19.06
C THR C 261 -19.31 -65.11 -18.54
N ARG C 262 -19.75 -65.16 -17.29
CA ARG C 262 -20.33 -66.36 -16.69
C ARG C 262 -21.80 -66.22 -16.36
N VAL C 263 -22.17 -65.19 -15.60
CA VAL C 263 -23.55 -64.98 -15.17
C VAL C 263 -23.89 -63.51 -15.27
N ASP C 264 -25.18 -63.21 -15.19
CA ASP C 264 -25.70 -61.84 -15.20
C ASP C 264 -26.61 -61.61 -13.99
N TRP C 265 -26.47 -62.41 -12.95
CA TRP C 265 -27.43 -62.50 -11.86
C TRP C 265 -26.63 -62.54 -10.56
N LYS C 266 -27.26 -63.01 -9.48
CA LYS C 266 -26.66 -63.09 -8.15
C LYS C 266 -26.29 -61.69 -7.63
N ARG C 267 -27.36 -60.94 -7.33
CA ARG C 267 -27.35 -59.54 -6.88
C ARG C 267 -26.84 -58.62 -7.97
N PRO C 268 -27.60 -58.42 -9.05
CA PRO C 268 -27.15 -57.53 -10.12
C PRO C 268 -26.98 -56.10 -9.64
N LYS C 269 -25.96 -55.43 -10.17
CA LYS C 269 -25.51 -54.13 -9.71
C LYS C 269 -26.18 -53.00 -10.48
N TYR C 270 -26.22 -51.82 -9.85
CA TYR C 270 -26.83 -50.65 -10.49
C TYR C 270 -25.95 -50.07 -11.59
N THR C 271 -24.66 -50.40 -11.61
CA THR C 271 -23.79 -49.92 -12.68
C THR C 271 -24.17 -50.52 -14.02
N SER C 272 -24.71 -51.75 -14.01
CA SER C 272 -25.25 -52.31 -15.24
C SER C 272 -26.45 -51.52 -15.73
N ALA C 273 -27.31 -51.07 -14.82
CA ALA C 273 -28.44 -50.23 -15.20
C ALA C 273 -27.96 -48.88 -15.75
N LEU C 274 -26.90 -48.33 -15.15
CA LEU C 274 -26.33 -47.09 -15.66
C LEU C 274 -25.74 -47.28 -17.06
N THR C 275 -25.08 -48.41 -17.30
CA THR C 275 -24.56 -48.71 -18.63
C THR C 275 -25.69 -48.87 -19.65
N TYR C 276 -26.75 -49.56 -19.26
CA TYR C 276 -27.92 -49.72 -20.12
C TYR C 276 -28.51 -48.36 -20.50
N ASP C 277 -28.71 -47.50 -19.51
CA ASP C 277 -29.27 -46.19 -19.81
C ASP C 277 -28.30 -45.29 -20.55
N GLY C 278 -26.99 -45.49 -20.40
CA GLY C 278 -26.02 -44.76 -21.21
C GLY C 278 -26.09 -45.13 -22.68
N VAL C 279 -26.18 -46.43 -22.97
CA VAL C 279 -26.41 -46.86 -24.34
C VAL C 279 -27.72 -46.29 -24.86
N LYS C 280 -28.75 -46.26 -24.00
CA LYS C 280 -30.04 -45.76 -24.44
C LYS C 280 -30.00 -44.26 -24.77
N VAL C 281 -29.32 -43.45 -23.93
CA VAL C 281 -29.27 -42.01 -24.22
C VAL C 281 -28.44 -41.76 -25.46
N MET C 282 -27.36 -42.54 -25.65
CA MET C 282 -26.60 -42.45 -26.90
C MET C 282 -27.48 -42.72 -28.11
N ALA C 283 -28.28 -43.80 -28.04
CA ALA C 283 -29.13 -44.18 -29.17
C ALA C 283 -30.19 -43.12 -29.45
N GLU C 284 -30.88 -42.64 -28.40
CA GLU C 284 -31.92 -41.64 -28.60
C GLU C 284 -31.35 -40.32 -29.09
N ALA C 285 -30.16 -39.93 -28.60
CA ALA C 285 -29.54 -38.70 -29.06
C ALA C 285 -29.15 -38.78 -30.53
N PHE C 286 -28.60 -39.93 -30.96
CA PHE C 286 -28.24 -40.05 -32.36
C PHE C 286 -29.47 -40.15 -33.26
N GLN C 287 -30.54 -40.80 -32.79
CA GLN C 287 -31.79 -40.83 -33.55
C GLN C 287 -32.42 -39.45 -33.64
N SER C 288 -32.30 -38.64 -32.58
CA SER C 288 -32.77 -37.26 -32.64
C SER C 288 -31.92 -36.42 -33.58
N LEU C 289 -30.62 -36.70 -33.65
CA LEU C 289 -29.77 -36.04 -34.64
C LEU C 289 -30.21 -36.38 -36.06
N ARG C 290 -30.55 -37.65 -36.30
CA ARG C 290 -31.03 -38.04 -37.62
C ARG C 290 -32.41 -37.44 -37.91
N ARG C 291 -33.24 -37.28 -36.89
CA ARG C 291 -34.59 -36.75 -37.10
C ARG C 291 -34.58 -35.29 -37.53
N GLN C 292 -33.67 -34.50 -36.97
CA GLN C 292 -33.60 -33.08 -37.29
C GLN C 292 -32.82 -32.79 -38.57
N ARG C 293 -32.30 -33.83 -39.24
CA ARG C 293 -31.57 -33.70 -40.51
C ARG C 293 -30.35 -32.79 -40.38
N ILE C 294 -29.63 -32.92 -39.27
CA ILE C 294 -28.40 -32.18 -39.04
C ILE C 294 -27.23 -33.10 -39.40
N ASP C 295 -26.36 -32.63 -40.28
CA ASP C 295 -25.29 -33.47 -40.81
C ASP C 295 -24.24 -33.73 -39.74
N ILE C 296 -23.97 -35.01 -39.48
CA ILE C 296 -23.01 -35.42 -38.47
C ILE C 296 -21.80 -36.14 -39.08
N SER C 297 -21.94 -36.70 -40.29
CA SER C 297 -20.90 -37.55 -40.87
C SER C 297 -19.59 -36.79 -41.07
N ARG C 298 -18.49 -37.50 -40.86
CA ARG C 298 -17.17 -36.89 -40.87
C ARG C 298 -16.75 -36.52 -42.29
N ARG C 299 -16.30 -35.28 -42.47
CA ARG C 299 -15.79 -34.81 -43.75
C ARG C 299 -14.27 -34.86 -43.71
N GLY C 300 -13.74 -36.05 -43.86
CA GLY C 300 -12.31 -36.26 -43.83
C GLY C 300 -11.88 -37.03 -42.59
N ASN C 301 -10.81 -37.79 -42.73
CA ASN C 301 -10.29 -38.60 -41.63
C ASN C 301 -9.70 -37.71 -40.54
N ALA C 302 -9.97 -38.08 -39.28
CA ALA C 302 -9.42 -37.34 -38.15
C ALA C 302 -7.92 -37.56 -38.06
N GLY C 303 -7.20 -36.49 -37.71
CA GLY C 303 -5.76 -36.53 -37.61
C GLY C 303 -5.27 -36.94 -36.24
N ASP C 304 -4.03 -36.59 -35.95
CA ASP C 304 -3.43 -36.91 -34.66
C ASP C 304 -4.09 -36.10 -33.55
N CYS C 305 -4.19 -36.71 -32.36
CA CYS C 305 -4.81 -36.04 -31.23
C CYS C 305 -3.93 -34.92 -30.69
N LEU C 306 -2.61 -35.00 -30.88
CA LEU C 306 -1.66 -34.05 -30.31
C LEU C 306 -1.30 -32.93 -31.28
N ALA C 307 -2.21 -32.57 -32.18
CA ALA C 307 -1.98 -31.41 -33.05
C ALA C 307 -2.08 -30.13 -32.22
N ASN C 308 -1.03 -29.32 -32.24
CA ASN C 308 -1.01 -28.10 -31.44
C ASN C 308 -2.08 -27.10 -31.87
N PRO C 309 -2.30 -26.80 -33.17
CA PRO C 309 -3.50 -25.99 -33.47
C PRO C 309 -4.74 -26.85 -33.58
N ALA C 310 -5.14 -27.45 -32.46
CA ALA C 310 -6.26 -28.38 -32.42
C ALA C 310 -7.56 -27.59 -32.54
N VAL C 311 -8.14 -27.58 -33.73
CA VAL C 311 -9.44 -26.95 -33.94
C VAL C 311 -10.52 -27.98 -33.64
N PRO C 312 -11.65 -27.58 -33.07
CA PRO C 312 -12.74 -28.54 -32.84
C PRO C 312 -13.59 -28.72 -34.09
N TRP C 313 -14.06 -29.94 -34.28
CA TRP C 313 -14.99 -30.21 -35.37
C TRP C 313 -16.34 -29.56 -35.09
N GLY C 314 -16.99 -29.09 -36.15
CA GLY C 314 -18.21 -28.32 -36.02
C GLY C 314 -19.41 -29.12 -35.56
N GLN C 315 -19.40 -30.43 -35.77
CA GLN C 315 -20.51 -31.28 -35.34
C GLN C 315 -20.43 -31.67 -33.88
N GLY C 316 -19.32 -31.37 -33.19
CA GLY C 316 -19.19 -31.75 -31.80
C GLY C 316 -20.15 -31.03 -30.89
N ILE C 317 -20.38 -29.74 -31.13
CA ILE C 317 -21.33 -28.99 -30.32
C ILE C 317 -22.75 -29.48 -30.55
N ASP C 318 -23.09 -29.84 -31.79
CA ASP C 318 -24.39 -30.42 -32.08
C ASP C 318 -24.57 -31.77 -31.40
N ILE C 319 -23.52 -32.60 -31.42
CA ILE C 319 -23.57 -33.90 -30.75
C ILE C 319 -23.76 -33.73 -29.25
N GLN C 320 -23.03 -32.77 -28.65
CA GLN C 320 -23.17 -32.52 -27.22
C GLN C 320 -24.55 -32.00 -26.87
N ARG C 321 -25.10 -31.10 -27.70
CA ARG C 321 -26.44 -30.58 -27.45
C ARG C 321 -27.50 -31.66 -27.58
N ALA C 322 -27.35 -32.55 -28.57
CA ALA C 322 -28.29 -33.66 -28.71
C ALA C 322 -28.18 -34.63 -27.55
N LEU C 323 -26.96 -34.89 -27.07
CA LEU C 323 -26.76 -35.79 -25.95
C LEU C 323 -27.28 -35.18 -24.65
N GLN C 324 -27.28 -33.85 -24.54
CA GLN C 324 -27.68 -33.17 -23.32
C GLN C 324 -29.19 -32.95 -23.24
N GLN C 325 -29.83 -32.68 -24.38
CA GLN C 325 -31.28 -32.44 -24.42
C GLN C 325 -32.04 -33.74 -24.64
N VAL C 326 -31.87 -34.65 -23.68
CA VAL C 326 -32.49 -35.98 -23.71
C VAL C 326 -33.31 -36.17 -22.44
N ARG C 327 -34.52 -36.72 -22.59
CA ARG C 327 -35.38 -37.03 -21.45
C ARG C 327 -36.17 -38.29 -21.80
N PHE C 328 -35.79 -39.42 -21.19
CA PHE C 328 -36.52 -40.66 -21.37
C PHE C 328 -36.61 -41.38 -20.02
N GLU C 329 -37.41 -42.44 -19.99
CA GLU C 329 -37.52 -43.31 -18.83
C GLU C 329 -36.79 -44.61 -19.14
N GLY C 330 -35.81 -44.95 -18.30
CA GLY C 330 -35.03 -46.16 -18.50
C GLY C 330 -35.05 -47.09 -17.31
N LEU C 331 -33.94 -47.80 -17.09
CA LEU C 331 -33.85 -48.70 -15.94
C LEU C 331 -33.86 -47.91 -14.64
N THR C 332 -33.00 -46.89 -14.54
CA THR C 332 -32.85 -46.11 -13.32
C THR C 332 -33.92 -45.04 -13.15
N GLY C 333 -34.83 -44.91 -14.10
CA GLY C 333 -35.90 -43.93 -14.00
C GLY C 333 -35.79 -42.82 -15.02
N ASN C 334 -36.07 -41.58 -14.61
CA ASN C 334 -35.99 -40.44 -15.50
C ASN C 334 -34.53 -40.06 -15.72
N VAL C 335 -34.11 -40.02 -16.98
CA VAL C 335 -32.75 -39.67 -17.35
C VAL C 335 -32.78 -38.30 -18.00
N GLN C 336 -32.14 -37.32 -17.36
CA GLN C 336 -32.14 -35.95 -17.84
C GLN C 336 -30.90 -35.24 -17.32
N PHE C 337 -30.18 -34.57 -18.22
CA PHE C 337 -28.96 -33.86 -17.87
C PHE C 337 -29.19 -32.36 -17.95
N ASN C 338 -28.55 -31.62 -17.05
CA ASN C 338 -28.64 -30.16 -17.04
C ASN C 338 -27.58 -29.58 -17.97
N GLU C 339 -27.36 -28.27 -17.88
CA GLU C 339 -26.39 -27.61 -18.76
C GLU C 339 -24.96 -27.99 -18.45
N LYS C 340 -24.69 -28.54 -17.26
CA LYS C 340 -23.33 -28.91 -16.86
C LYS C 340 -23.00 -30.37 -17.16
N GLY C 341 -23.92 -31.12 -17.75
CA GLY C 341 -23.64 -32.49 -18.14
C GLY C 341 -23.83 -33.52 -17.06
N ARG C 342 -24.40 -33.16 -15.91
CA ARG C 342 -24.68 -34.10 -14.84
C ARG C 342 -26.18 -34.36 -14.78
N ARG C 343 -26.55 -35.48 -14.17
CA ARG C 343 -27.96 -35.86 -14.10
C ARG C 343 -28.70 -34.99 -13.09
N THR C 344 -29.90 -34.58 -13.47
CA THR C 344 -30.74 -33.73 -12.64
C THR C 344 -32.19 -34.17 -12.77
N ASN C 345 -33.01 -33.72 -11.82
CA ASN C 345 -34.45 -33.98 -11.79
C ASN C 345 -34.71 -35.49 -11.74
N TYR C 346 -34.27 -36.09 -10.63
CA TYR C 346 -34.34 -37.53 -10.42
C TYR C 346 -34.89 -37.83 -9.03
N THR C 347 -34.86 -39.09 -8.62
CA THR C 347 -35.39 -39.49 -7.33
C THR C 347 -34.62 -40.68 -6.78
N LEU C 348 -34.61 -40.79 -5.46
CA LEU C 348 -34.03 -41.93 -4.76
C LEU C 348 -35.05 -42.47 -3.76
N HIS C 349 -35.15 -43.79 -3.67
CA HIS C 349 -36.07 -44.43 -2.73
C HIS C 349 -35.33 -44.71 -1.44
N VAL C 350 -35.65 -43.97 -0.39
CA VAL C 350 -35.00 -44.14 0.90
C VAL C 350 -35.57 -45.37 1.59
N ILE C 351 -34.70 -46.34 1.87
CA ILE C 351 -35.10 -47.65 2.35
C ILE C 351 -34.44 -47.91 3.69
N GLU C 352 -35.24 -48.32 4.68
CA GLU C 352 -34.76 -48.64 6.01
C GLU C 352 -35.07 -50.10 6.31
N MET C 353 -34.18 -50.72 7.09
CA MET C 353 -34.32 -52.12 7.49
C MET C 353 -34.00 -52.21 8.98
N LYS C 354 -35.02 -52.52 9.79
CA LYS C 354 -34.86 -52.63 11.24
C LYS C 354 -35.44 -53.98 11.69
N HIS C 355 -34.64 -55.04 11.55
CA HIS C 355 -34.91 -56.42 11.98
C HIS C 355 -36.31 -56.92 11.66
N ASP C 356 -36.93 -56.38 10.63
CA ASP C 356 -38.26 -56.81 10.19
C ASP C 356 -38.32 -57.08 8.69
N GLY C 357 -37.61 -56.29 7.89
CA GLY C 357 -37.66 -56.41 6.44
C GLY C 357 -37.23 -55.10 5.80
N ILE C 358 -37.73 -54.88 4.58
CA ILE C 358 -37.42 -53.70 3.80
C ILE C 358 -38.63 -52.77 3.83
N ARG C 359 -38.43 -51.54 4.28
CA ARG C 359 -39.51 -50.56 4.34
C ARG C 359 -39.05 -49.25 3.73
N LYS C 360 -39.80 -48.73 2.78
CA LYS C 360 -39.49 -47.44 2.17
C LYS C 360 -40.08 -46.33 3.04
N ILE C 361 -39.22 -45.39 3.45
CA ILE C 361 -39.64 -44.35 4.39
C ILE C 361 -39.87 -43.01 3.71
N GLY C 362 -39.64 -42.91 2.41
CA GLY C 362 -39.84 -41.67 1.70
C GLY C 362 -38.95 -41.63 0.47
N TYR C 363 -38.83 -40.43 -0.10
CA TYR C 363 -38.01 -40.27 -1.29
C TYR C 363 -37.40 -38.87 -1.30
N TRP C 364 -36.23 -38.77 -1.94
CA TRP C 364 -35.49 -37.51 -2.01
C TRP C 364 -35.47 -37.01 -3.45
N ASN C 365 -35.78 -35.73 -3.63
CA ASN C 365 -35.72 -35.06 -4.93
C ASN C 365 -34.80 -33.85 -4.83
N GLU C 366 -34.51 -33.26 -5.99
CA GLU C 366 -33.69 -32.05 -6.04
C GLU C 366 -34.48 -30.80 -5.72
N ASP C 367 -35.80 -30.86 -5.71
CA ASP C 367 -36.65 -29.71 -5.43
C ASP C 367 -37.43 -29.86 -4.13
N ASP C 368 -38.10 -30.99 -3.93
CA ASP C 368 -38.88 -31.23 -2.73
C ASP C 368 -38.04 -31.79 -1.58
N LYS C 369 -36.77 -32.07 -1.81
CA LYS C 369 -35.82 -32.63 -0.83
C LYS C 369 -36.38 -33.96 -0.33
N PHE C 370 -36.12 -34.29 0.95
CA PHE C 370 -36.59 -35.55 1.52
C PHE C 370 -38.05 -35.40 1.93
N VAL C 371 -38.93 -36.09 1.21
CA VAL C 371 -40.36 -36.13 1.53
C VAL C 371 -40.62 -37.48 2.19
N PRO C 372 -41.12 -37.52 3.42
CA PRO C 372 -41.41 -38.80 4.07
C PRO C 372 -42.65 -39.45 3.48
N ALA C 373 -42.73 -40.76 3.66
CA ALA C 373 -43.87 -41.54 3.19
C ALA C 373 -44.18 -42.70 4.12
N ALA D 1 33.02 -42.64 -22.54
CA ALA D 1 32.71 -41.67 -23.59
C ALA D 1 31.40 -40.95 -23.29
N PHE D 2 31.35 -40.28 -22.15
CA PHE D 2 30.17 -39.52 -21.78
C PHE D 2 30.00 -38.33 -22.73
N PRO D 3 28.78 -37.99 -23.13
CA PRO D 3 28.58 -36.84 -24.00
C PRO D 3 28.94 -35.53 -23.32
N SER D 4 29.46 -34.60 -24.12
CA SER D 4 29.85 -33.29 -23.60
C SER D 4 28.64 -32.42 -23.31
N SER D 5 27.49 -32.72 -23.91
CA SER D 5 26.26 -31.98 -23.66
C SER D 5 25.16 -32.95 -23.30
N VAL D 6 24.52 -32.71 -22.16
CA VAL D 6 23.40 -33.53 -21.68
C VAL D 6 22.14 -32.69 -21.73
N GLN D 7 21.11 -33.22 -22.39
CA GLN D 7 19.87 -32.50 -22.59
C GLN D 7 18.90 -32.78 -21.45
N ILE D 8 18.40 -31.72 -20.81
CA ILE D 8 17.40 -31.83 -19.78
C ILE D 8 16.17 -31.05 -20.23
N GLY D 9 15.03 -31.38 -19.61
CA GLY D 9 13.77 -30.74 -19.93
C GLY D 9 13.31 -29.85 -18.78
N GLY D 10 12.62 -28.77 -19.13
CA GLY D 10 12.06 -27.89 -18.14
C GLY D 10 10.64 -27.52 -18.49
N LEU D 11 9.71 -27.80 -17.59
CA LEU D 11 8.29 -27.48 -17.78
C LEU D 11 7.91 -26.48 -16.68
N PHE D 12 7.40 -25.32 -17.09
CA PHE D 12 7.10 -24.27 -16.13
C PHE D 12 5.64 -23.86 -16.19
N ILE D 13 5.21 -23.21 -15.11
CA ILE D 13 3.82 -23.01 -14.77
C ILE D 13 3.55 -21.51 -14.83
N ARG D 14 2.27 -21.13 -14.92
CA ARG D 14 1.91 -19.72 -14.79
C ARG D 14 2.41 -19.17 -13.45
N ASN D 15 2.89 -17.92 -13.48
CA ASN D 15 3.49 -17.25 -12.32
C ASN D 15 4.69 -18.03 -11.78
N THR D 16 5.66 -18.26 -12.67
CA THR D 16 6.91 -18.94 -12.34
C THR D 16 8.09 -18.18 -12.92
N ASP D 17 8.10 -16.86 -12.75
CA ASP D 17 9.21 -16.07 -13.25
C ASP D 17 10.45 -16.23 -12.36
N GLN D 18 10.26 -16.24 -11.05
CA GLN D 18 11.39 -16.27 -10.12
C GLN D 18 12.04 -17.65 -10.11
N GLU D 19 11.24 -18.71 -10.16
CA GLU D 19 11.82 -20.06 -10.20
C GLU D 19 12.54 -20.32 -11.51
N TYR D 20 12.01 -19.80 -12.62
CA TYR D 20 12.73 -19.89 -13.89
C TYR D 20 14.02 -19.08 -13.87
N THR D 21 13.99 -17.92 -13.19
CA THR D 21 15.21 -17.13 -13.03
C THR D 21 16.25 -17.88 -12.23
N ALA D 22 15.84 -18.56 -11.15
CA ALA D 22 16.76 -19.38 -10.37
C ALA D 22 17.30 -20.54 -11.19
N PHE D 23 16.45 -21.16 -12.01
CA PHE D 23 16.88 -22.23 -12.89
C PHE D 23 17.93 -21.75 -13.89
N ARG D 24 17.70 -20.59 -14.49
CA ARG D 24 18.66 -20.03 -15.44
C ARG D 24 19.96 -19.63 -14.75
N LEU D 25 19.87 -19.08 -13.54
CA LEU D 25 21.07 -18.72 -12.80
C LEU D 25 21.89 -19.96 -12.44
N ALA D 26 21.23 -21.04 -12.04
CA ALA D 26 21.92 -22.28 -11.74
C ALA D 26 22.56 -22.88 -12.99
N ILE D 27 21.86 -22.78 -14.13
CA ILE D 27 22.44 -23.24 -15.40
C ILE D 27 23.68 -22.42 -15.76
N PHE D 28 23.62 -21.10 -15.55
CA PHE D 28 24.77 -20.23 -15.79
C PHE D 28 25.93 -20.65 -14.89
N LEU D 29 25.66 -20.83 -13.60
CA LEU D 29 26.73 -21.13 -12.65
C LEU D 29 27.34 -22.50 -12.88
N HIS D 30 26.54 -23.46 -13.35
CA HIS D 30 27.09 -24.78 -13.66
C HIS D 30 27.89 -24.76 -14.96
N ASN D 31 27.36 -24.10 -15.99
CA ASN D 31 27.99 -24.17 -17.31
C ASN D 31 29.32 -23.42 -17.33
N THR D 32 29.35 -22.19 -16.81
CA THR D 32 30.57 -21.39 -16.77
C THR D 32 31.15 -21.49 -15.36
N SER D 33 31.79 -22.62 -15.09
CA SER D 33 32.42 -22.88 -13.81
C SER D 33 33.93 -22.98 -13.98
N PRO D 34 34.71 -22.27 -13.17
CA PRO D 34 36.18 -22.36 -13.29
C PRO D 34 36.72 -23.75 -13.04
N ASN D 35 36.10 -24.53 -12.16
CA ASN D 35 36.56 -25.88 -11.87
C ASN D 35 36.14 -26.82 -12.99
N ALA D 36 37.07 -27.65 -13.44
CA ALA D 36 36.77 -28.63 -14.49
C ALA D 36 36.07 -29.87 -13.95
N SER D 37 36.08 -30.09 -12.64
CA SER D 37 35.37 -31.21 -12.05
C SER D 37 33.90 -30.90 -11.78
N GLU D 38 33.58 -29.64 -11.48
CA GLU D 38 32.19 -29.27 -11.27
C GLU D 38 31.40 -29.28 -12.57
N ALA D 39 32.06 -29.03 -13.69
CA ALA D 39 31.41 -29.00 -15.01
C ALA D 39 32.19 -29.85 -16.00
N PRO D 40 32.06 -31.17 -15.94
CA PRO D 40 32.64 -32.02 -16.99
C PRO D 40 31.78 -32.14 -18.23
N PHE D 41 30.59 -31.54 -18.21
CA PHE D 41 29.66 -31.58 -19.34
C PHE D 41 29.01 -30.21 -19.45
N ASN D 42 27.94 -30.13 -20.24
CA ASN D 42 27.17 -28.89 -20.40
C ASN D 42 25.69 -29.25 -20.39
N LEU D 43 24.94 -28.60 -19.50
CA LEU D 43 23.50 -28.84 -19.43
C LEU D 43 22.78 -28.02 -20.49
N VAL D 44 21.95 -28.70 -21.28
CA VAL D 44 21.17 -28.05 -22.34
C VAL D 44 19.70 -28.12 -21.95
N PRO D 45 19.11 -27.03 -21.46
CA PRO D 45 17.71 -27.08 -21.06
C PRO D 45 16.75 -26.77 -22.20
N HIS D 46 15.77 -27.65 -22.41
CA HIS D 46 14.67 -27.40 -23.33
C HIS D 46 13.48 -26.93 -22.50
N VAL D 47 13.18 -25.64 -22.56
CA VAL D 47 12.27 -24.99 -21.63
C VAL D 47 10.94 -24.73 -22.33
N ASP D 48 9.85 -25.07 -21.65
CA ASP D 48 8.50 -24.83 -22.13
C ASP D 48 7.69 -24.16 -21.03
N ASN D 49 7.28 -22.91 -21.26
CA ASN D 49 6.33 -22.19 -20.41
C ASN D 49 4.98 -22.25 -21.11
N ILE D 50 4.05 -23.02 -20.55
CA ILE D 50 2.87 -23.43 -21.31
C ILE D 50 1.65 -22.58 -20.98
N GLU D 51 1.61 -22.01 -19.77
CA GLU D 51 0.40 -21.38 -19.22
C GLU D 51 -0.78 -22.37 -19.31
N THR D 52 -0.62 -23.42 -18.51
CA THR D 52 -1.23 -24.74 -18.69
C THR D 52 -2.69 -24.71 -19.10
N ALA D 53 -3.02 -25.50 -20.12
CA ALA D 53 -4.38 -25.83 -20.51
C ALA D 53 -4.72 -27.25 -20.09
N ASN D 54 -4.26 -27.61 -18.89
CA ASN D 54 -4.39 -28.92 -18.27
C ASN D 54 -3.62 -30.01 -19.01
N SER D 55 -4.17 -31.23 -19.00
CA SER D 55 -3.43 -32.41 -19.44
C SER D 55 -3.11 -32.35 -20.94
N PHE D 56 -3.93 -31.67 -21.73
CA PHE D 56 -3.64 -31.53 -23.16
C PHE D 56 -2.33 -30.78 -23.38
N ALA D 57 -2.20 -29.60 -22.77
CA ALA D 57 -0.98 -28.82 -22.91
C ALA D 57 0.20 -29.52 -22.26
N VAL D 58 -0.02 -30.18 -21.12
CA VAL D 58 1.06 -30.89 -20.46
C VAL D 58 1.58 -32.03 -21.32
N THR D 59 0.67 -32.80 -21.94
CA THR D 59 1.07 -33.88 -22.82
C THR D 59 1.78 -33.36 -24.06
N ASN D 60 1.30 -32.23 -24.61
CA ASN D 60 1.97 -31.66 -25.78
C ASN D 60 3.39 -31.22 -25.45
N ALA D 61 3.57 -30.56 -24.31
CA ALA D 61 4.91 -30.14 -23.89
C ALA D 61 5.81 -31.33 -23.60
N PHE D 62 5.26 -32.36 -22.95
CA PHE D 62 6.04 -33.55 -22.64
C PHE D 62 6.49 -34.27 -23.91
N CYS D 63 5.59 -34.37 -24.90
CA CYS D 63 5.96 -35.01 -26.15
C CYS D 63 6.99 -34.18 -26.92
N SER D 64 6.85 -32.85 -26.90
CA SER D 64 7.82 -31.99 -27.56
C SER D 64 9.20 -32.12 -26.94
N GLN D 65 9.27 -32.19 -25.61
CA GLN D 65 10.56 -32.37 -24.96
C GLN D 65 11.10 -33.78 -25.12
N TYR D 66 10.22 -34.78 -25.16
CA TYR D 66 10.64 -36.18 -25.32
C TYR D 66 11.20 -36.44 -26.71
N SER D 67 10.66 -35.77 -27.73
CA SER D 67 11.19 -35.93 -29.08
C SER D 67 12.59 -35.35 -29.23
N ARG D 68 12.95 -34.38 -28.39
CA ARG D 68 14.27 -33.76 -28.46
C ARG D 68 15.37 -34.62 -27.85
N GLY D 69 15.02 -35.66 -27.10
CA GLY D 69 16.01 -36.55 -26.54
C GLY D 69 16.50 -36.14 -25.17
N VAL D 70 15.61 -35.62 -24.33
CA VAL D 70 15.97 -35.23 -22.97
C VAL D 70 16.11 -36.47 -22.11
N PHE D 71 16.99 -36.39 -21.12
CA PHE D 71 17.20 -37.49 -20.19
C PHE D 71 16.34 -37.35 -18.93
N ALA D 72 16.25 -36.16 -18.38
CA ALA D 72 15.40 -35.89 -17.22
C ALA D 72 14.64 -34.59 -17.47
N ILE D 73 13.47 -34.48 -16.86
CA ILE D 73 12.59 -33.32 -17.03
C ILE D 73 12.40 -32.66 -15.68
N PHE D 74 12.74 -31.37 -15.60
CA PHE D 74 12.51 -30.57 -14.40
C PHE D 74 11.19 -29.83 -14.60
N GLY D 75 10.10 -30.44 -14.17
CA GLY D 75 8.79 -29.87 -14.40
C GLY D 75 7.98 -29.62 -13.15
N LEU D 76 7.01 -28.71 -13.26
CA LEU D 76 6.08 -28.41 -12.18
C LEU D 76 4.69 -28.89 -12.58
N TYR D 77 3.81 -29.02 -11.59
CA TYR D 77 2.45 -29.45 -11.84
C TYR D 77 1.51 -28.82 -10.83
N ASP D 78 0.22 -28.93 -11.10
CA ASP D 78 -0.83 -28.52 -10.17
C ASP D 78 -1.78 -29.69 -9.95
N LYS D 79 -2.92 -29.43 -9.30
CA LYS D 79 -3.88 -30.49 -9.04
C LYS D 79 -4.49 -31.06 -10.32
N ARG D 80 -4.45 -30.32 -11.42
CA ARG D 80 -5.03 -30.76 -12.69
C ARG D 80 -4.01 -31.38 -13.63
N SER D 81 -2.74 -31.48 -13.23
CA SER D 81 -1.71 -31.97 -14.13
C SER D 81 -0.70 -32.91 -13.51
N VAL D 82 -0.83 -33.26 -12.23
CA VAL D 82 0.16 -34.12 -11.58
C VAL D 82 0.08 -35.54 -12.10
N HIS D 83 -1.13 -36.06 -12.30
CA HIS D 83 -1.31 -37.48 -12.61
C HIS D 83 -0.80 -37.81 -14.01
N THR D 84 -1.18 -37.00 -15.01
CA THR D 84 -0.76 -37.27 -16.37
C THR D 84 0.75 -37.13 -16.54
N LEU D 85 1.35 -36.10 -15.92
CA LEU D 85 2.79 -35.91 -16.02
C LEU D 85 3.55 -37.04 -15.33
N THR D 86 3.11 -37.45 -14.13
CA THR D 86 3.78 -38.53 -13.42
C THR D 86 3.64 -39.85 -14.17
N SER D 87 2.46 -40.13 -14.73
CA SER D 87 2.27 -41.37 -15.47
C SER D 87 3.10 -41.39 -16.75
N PHE D 88 3.17 -40.26 -17.45
CA PHE D 88 3.99 -40.20 -18.66
C PHE D 88 5.47 -40.34 -18.33
N CYS D 89 5.91 -39.77 -17.20
CA CYS D 89 7.31 -39.89 -16.81
C CYS D 89 7.65 -41.31 -16.37
N SER D 90 6.72 -41.98 -15.69
CA SER D 90 6.98 -43.34 -15.22
C SER D 90 6.89 -44.37 -16.34
N ALA D 91 5.98 -44.16 -17.30
CA ALA D 91 5.78 -45.15 -18.35
C ALA D 91 6.95 -45.16 -19.34
N LEU D 92 7.50 -43.98 -19.63
CA LEU D 92 8.58 -43.85 -20.62
C LEU D 92 9.96 -43.81 -19.98
N HIS D 93 10.05 -44.07 -18.68
CA HIS D 93 11.32 -44.14 -17.94
C HIS D 93 12.10 -42.83 -18.04
N ILE D 94 11.39 -41.71 -17.93
CA ILE D 94 11.99 -40.38 -17.91
C ILE D 94 11.82 -39.82 -16.50
N SER D 95 12.93 -39.40 -15.89
CA SER D 95 12.89 -38.91 -14.53
C SER D 95 12.23 -37.53 -14.48
N LEU D 96 11.51 -37.27 -13.39
CA LEU D 96 10.82 -36.01 -13.18
C LEU D 96 11.26 -35.44 -11.84
N ILE D 97 12.02 -34.35 -11.87
CA ILE D 97 12.44 -33.63 -10.68
C ILE D 97 11.46 -32.47 -10.48
N THR D 98 10.70 -32.51 -9.38
CA THR D 98 9.63 -31.54 -9.17
C THR D 98 9.78 -30.87 -7.80
N PRO D 99 9.86 -29.55 -7.73
CA PRO D 99 9.76 -28.85 -6.45
C PRO D 99 8.33 -28.52 -6.02
N SER D 100 7.32 -29.10 -6.66
CA SER D 100 5.93 -28.79 -6.36
C SER D 100 5.48 -29.56 -5.12
N PHE D 101 4.18 -29.58 -4.87
CA PHE D 101 3.66 -30.17 -3.64
C PHE D 101 3.89 -31.67 -3.63
N PRO D 102 4.28 -32.24 -2.49
CA PRO D 102 4.56 -33.68 -2.43
C PRO D 102 3.29 -34.50 -2.54
N THR D 103 3.45 -35.74 -3.03
CA THR D 103 2.36 -36.68 -3.18
C THR D 103 2.81 -38.04 -2.66
N GLU D 104 1.90 -39.01 -2.71
CA GLU D 104 2.13 -40.35 -2.17
C GLU D 104 1.98 -41.45 -3.21
N GLY D 105 0.99 -41.34 -4.10
CA GLY D 105 0.72 -42.43 -5.02
C GLY D 105 1.83 -42.67 -6.03
N GLU D 106 2.46 -41.59 -6.51
CA GLU D 106 3.52 -41.71 -7.51
C GLU D 106 4.80 -42.18 -6.83
N SER D 107 5.28 -43.36 -7.22
CA SER D 107 6.44 -43.97 -6.60
C SER D 107 7.54 -44.35 -7.58
N GLN D 108 7.38 -44.06 -8.87
CA GLN D 108 8.37 -44.44 -9.88
C GLN D 108 8.75 -43.23 -10.71
N PHE D 109 10.07 -43.01 -10.84
CA PHE D 109 10.64 -41.97 -11.69
C PHE D 109 10.16 -40.56 -11.32
N VAL D 110 9.88 -40.34 -10.04
CA VAL D 110 9.46 -39.03 -9.53
C VAL D 110 10.32 -38.70 -8.33
N LEU D 111 10.98 -37.54 -8.37
CA LEU D 111 11.78 -37.04 -7.25
C LEU D 111 11.20 -35.70 -6.82
N GLN D 112 10.60 -35.68 -5.63
CA GLN D 112 9.97 -34.48 -5.10
C GLN D 112 10.92 -33.80 -4.12
N LEU D 113 11.16 -32.51 -4.34
CA LEU D 113 12.09 -31.75 -3.51
C LEU D 113 11.41 -31.07 -2.33
N ARG D 114 10.11 -30.82 -2.39
CA ARG D 114 9.41 -30.14 -1.30
C ARG D 114 9.14 -31.13 -0.18
N PRO D 115 9.63 -30.88 1.04
CA PRO D 115 9.35 -31.80 2.14
C PRO D 115 7.90 -31.71 2.60
N SER D 116 7.45 -32.80 3.21
CA SER D 116 6.10 -32.86 3.74
C SER D 116 5.95 -31.96 4.96
N LEU D 117 4.76 -31.41 5.14
CA LEU D 117 4.48 -30.47 6.22
C LEU D 117 3.54 -31.06 7.28
N ARG D 118 3.28 -32.36 7.23
CA ARG D 118 2.34 -32.95 8.18
C ARG D 118 3.00 -33.23 9.53
N GLY D 119 4.25 -33.70 9.54
CA GLY D 119 4.88 -34.08 10.79
C GLY D 119 5.15 -32.88 11.70
N ALA D 120 5.68 -31.80 11.11
CA ALA D 120 5.96 -30.60 11.89
C ALA D 120 4.67 -29.97 12.39
N LEU D 121 3.62 -29.97 11.57
CA LEU D 121 2.34 -29.42 11.99
C LEU D 121 1.74 -30.22 13.14
N LEU D 122 1.79 -31.55 13.06
CA LEU D 122 1.27 -32.38 14.13
C LEU D 122 2.07 -32.21 15.42
N SER D 123 3.40 -32.15 15.31
CA SER D 123 4.23 -31.94 16.48
C SER D 123 3.97 -30.59 17.13
N LEU D 124 3.76 -29.55 16.31
CA LEU D 124 3.46 -28.23 16.85
C LEU D 124 2.07 -28.20 17.50
N LEU D 125 1.10 -28.88 16.89
CA LEU D 125 -0.24 -28.89 17.46
C LEU D 125 -0.35 -29.74 18.72
N ASP D 126 0.56 -30.70 18.92
CA ASP D 126 0.56 -31.48 20.14
C ASP D 126 1.46 -30.93 21.23
N HIS D 127 2.51 -30.18 20.87
CA HIS D 127 3.31 -29.49 21.86
C HIS D 127 2.62 -28.24 22.39
N TYR D 128 1.74 -27.63 21.60
CA TYR D 128 0.94 -26.49 22.03
C TYR D 128 -0.32 -26.91 22.77
N GLU D 129 -0.60 -28.22 22.84
CA GLU D 129 -1.76 -28.79 23.54
C GLU D 129 -3.07 -28.22 23.00
N TRP D 130 -3.17 -28.11 21.68
CA TRP D 130 -4.41 -27.64 21.05
C TRP D 130 -5.40 -28.79 20.97
N ASN D 131 -6.63 -28.54 21.41
CA ASN D 131 -7.69 -29.55 21.36
C ASN D 131 -8.96 -29.07 20.68
N CYS D 132 -9.10 -27.77 20.41
CA CYS D 132 -10.27 -27.25 19.71
C CYS D 132 -9.83 -26.05 18.89
N PHE D 133 -9.79 -26.22 17.57
CA PHE D 133 -9.29 -25.16 16.70
C PHE D 133 -10.00 -25.23 15.36
N VAL D 134 -9.69 -24.25 14.50
CA VAL D 134 -10.32 -24.11 13.19
C VAL D 134 -9.25 -24.25 12.12
N PHE D 135 -9.47 -25.18 11.19
CA PHE D 135 -8.52 -25.48 10.12
C PHE D 135 -9.08 -24.93 8.81
N LEU D 136 -8.50 -23.83 8.34
CA LEU D 136 -8.86 -23.23 7.06
C LEU D 136 -7.90 -23.74 6.00
N TYR D 137 -8.43 -24.49 5.03
CA TYR D 137 -7.58 -25.17 4.06
C TYR D 137 -8.12 -24.98 2.65
N ASP D 138 -7.32 -25.40 1.68
CA ASP D 138 -7.71 -25.44 0.28
C ASP D 138 -7.16 -26.71 -0.36
N THR D 139 -7.77 -27.11 -1.47
CA THR D 139 -7.42 -28.36 -2.13
C THR D 139 -6.57 -28.17 -3.38
N ASP D 140 -5.70 -27.15 -3.37
CA ASP D 140 -4.80 -26.91 -4.48
C ASP D 140 -3.48 -27.67 -4.34
N ARG D 141 -3.30 -28.42 -3.25
CA ARG D 141 -2.05 -29.14 -3.03
C ARG D 141 -2.26 -30.55 -2.50
N GLY D 142 -3.48 -31.09 -2.61
CA GLY D 142 -3.77 -32.43 -2.16
C GLY D 142 -4.62 -32.43 -0.90
N TYR D 143 -4.82 -33.64 -0.36
CA TYR D 143 -5.64 -33.85 0.82
C TYR D 143 -4.87 -34.50 1.96
N SER D 144 -3.53 -34.49 1.90
CA SER D 144 -2.74 -35.19 2.91
C SER D 144 -2.82 -34.49 4.27
N ILE D 145 -2.73 -33.16 4.27
CA ILE D 145 -2.75 -32.42 5.53
C ILE D 145 -4.11 -32.55 6.22
N LEU D 146 -5.20 -32.42 5.45
CA LEU D 146 -6.53 -32.55 6.01
C LEU D 146 -6.78 -33.95 6.55
N GLN D 147 -6.35 -34.97 5.80
CA GLN D 147 -6.53 -36.35 6.25
C GLN D 147 -5.73 -36.62 7.52
N ALA D 148 -4.49 -36.12 7.58
CA ALA D 148 -3.69 -36.31 8.79
C ALA D 148 -4.30 -35.59 9.99
N ILE D 149 -4.82 -34.39 9.78
CA ILE D 149 -5.43 -33.62 10.87
C ILE D 149 -6.69 -34.35 11.37
N MET D 150 -7.52 -34.84 10.46
CA MET D 150 -8.73 -35.55 10.87
C MET D 150 -8.39 -36.87 11.57
N GLU D 151 -7.36 -37.57 11.10
CA GLU D 151 -6.94 -38.80 11.76
C GLU D 151 -6.43 -38.54 13.17
N LYS D 152 -5.63 -37.48 13.34
CA LYS D 152 -5.12 -37.13 14.66
C LYS D 152 -6.26 -36.69 15.59
N ALA D 153 -7.24 -35.95 15.05
CA ALA D 153 -8.39 -35.56 15.84
C ALA D 153 -9.21 -36.76 16.28
N GLY D 154 -9.39 -37.74 15.38
CA GLY D 154 -10.10 -38.95 15.76
C GLY D 154 -9.37 -39.78 16.78
N GLN D 155 -8.04 -39.87 16.66
CA GLN D 155 -7.25 -40.66 17.58
C GLN D 155 -6.97 -39.94 18.91
N ASN D 156 -7.19 -38.63 18.98
CA ASN D 156 -6.92 -37.87 20.19
C ASN D 156 -8.13 -37.16 20.77
N GLY D 157 -9.26 -37.14 20.07
CA GLY D 157 -10.44 -36.49 20.59
C GLY D 157 -10.47 -34.98 20.42
N TRP D 158 -9.76 -34.45 19.43
CA TRP D 158 -9.73 -33.02 19.20
C TRP D 158 -11.03 -32.56 18.56
N HIS D 159 -11.22 -31.23 18.51
CA HIS D 159 -12.37 -30.60 17.88
C HIS D 159 -11.85 -29.67 16.79
N VAL D 160 -11.80 -30.16 15.56
CA VAL D 160 -11.29 -29.40 14.43
C VAL D 160 -12.47 -28.98 13.57
N SER D 161 -12.62 -27.67 13.38
CA SER D 161 -13.63 -27.12 12.47
C SER D 161 -12.95 -26.89 11.13
N ALA D 162 -13.18 -27.81 10.19
CA ALA D 162 -12.49 -27.77 8.89
C ALA D 162 -13.33 -26.97 7.90
N ILE D 163 -12.75 -25.93 7.34
CA ILE D 163 -13.42 -25.07 6.36
C ILE D 163 -12.55 -24.96 5.12
N CYS D 164 -13.15 -25.23 3.96
CA CYS D 164 -12.49 -25.04 2.67
C CYS D 164 -12.80 -23.64 2.16
N VAL D 165 -11.76 -22.86 1.88
CA VAL D 165 -11.91 -21.45 1.54
C VAL D 165 -11.50 -21.21 0.08
N GLU D 166 -11.68 -22.21 -0.77
CA GLU D 166 -11.30 -22.08 -2.17
C GLU D 166 -12.16 -21.07 -2.90
N ASN D 167 -13.47 -21.10 -2.67
CA ASN D 167 -14.41 -20.20 -3.34
C ASN D 167 -14.86 -19.06 -2.45
N PHE D 168 -14.09 -18.73 -1.42
CA PHE D 168 -14.44 -17.66 -0.50
C PHE D 168 -13.89 -16.33 -0.99
N ASN D 169 -14.70 -15.28 -0.88
CA ASN D 169 -14.28 -13.93 -1.21
C ASN D 169 -13.98 -13.16 0.07
N ASP D 170 -13.59 -11.89 -0.09
CA ASP D 170 -13.19 -11.08 1.06
C ASP D 170 -14.37 -10.82 2.00
N VAL D 171 -15.55 -10.54 1.43
CA VAL D 171 -16.74 -10.34 2.26
C VAL D 171 -17.10 -11.62 3.00
N SER D 172 -17.08 -12.75 2.28
CA SER D 172 -17.33 -14.04 2.92
C SER D 172 -16.25 -14.38 3.94
N TYR D 173 -15.01 -13.97 3.67
CA TYR D 173 -13.95 -14.15 4.68
C TYR D 173 -14.26 -13.39 5.95
N ARG D 174 -14.73 -12.14 5.82
CA ARG D 174 -15.06 -11.34 6.99
C ARG D 174 -16.25 -11.93 7.75
N GLN D 175 -17.27 -12.40 7.02
CA GLN D 175 -18.40 -13.04 7.69
C GLN D 175 -17.99 -14.32 8.41
N LEU D 176 -17.11 -15.12 7.79
CA LEU D 176 -16.65 -16.34 8.43
C LEU D 176 -15.83 -16.04 9.67
N LEU D 177 -14.97 -15.02 9.61
CA LEU D 177 -14.18 -14.64 10.78
C LEU D 177 -15.06 -14.14 11.91
N GLU D 178 -16.08 -13.32 11.58
CA GLU D 178 -17.00 -12.84 12.61
C GLU D 178 -17.80 -13.97 13.22
N GLU D 179 -18.24 -14.93 12.40
CA GLU D 179 -18.98 -16.09 12.91
C GLU D 179 -18.10 -16.94 13.81
N LEU D 180 -16.84 -17.14 13.43
CA LEU D 180 -15.93 -17.93 14.25
C LEU D 180 -15.59 -17.23 15.56
N ASP D 181 -15.48 -15.90 15.53
CA ASP D 181 -15.27 -15.16 16.78
C ASP D 181 -16.52 -15.18 17.65
N ARG D 182 -17.70 -15.27 17.05
CA ARG D 182 -18.93 -15.38 17.82
C ARG D 182 -18.98 -16.69 18.59
N ARG D 183 -18.43 -17.77 18.03
CA ARG D 183 -18.37 -19.06 18.70
C ARG D 183 -17.16 -19.20 19.61
N GLN D 184 -16.47 -18.09 19.91
CA GLN D 184 -15.29 -18.08 20.79
C GLN D 184 -14.20 -19.01 20.29
N GLU D 185 -13.95 -19.00 18.99
CA GLU D 185 -12.87 -19.75 18.37
C GLU D 185 -11.71 -18.80 18.10
N LYS D 186 -10.59 -19.02 18.78
CA LYS D 186 -9.43 -18.14 18.68
C LYS D 186 -8.16 -18.85 18.23
N LYS D 187 -8.22 -20.15 17.95
CA LYS D 187 -7.05 -20.91 17.52
C LYS D 187 -7.27 -21.38 16.09
N PHE D 188 -6.34 -21.02 15.21
CA PHE D 188 -6.50 -21.24 13.78
C PHE D 188 -5.26 -21.89 13.19
N VAL D 189 -5.47 -22.74 12.20
CA VAL D 189 -4.41 -23.32 11.38
C VAL D 189 -4.79 -23.09 9.92
N ILE D 190 -3.91 -22.40 9.19
CA ILE D 190 -4.17 -21.99 7.81
C ILE D 190 -3.23 -22.76 6.90
N ASP D 191 -3.79 -23.48 5.94
CA ASP D 191 -3.02 -24.22 4.93
C ASP D 191 -3.60 -23.86 3.57
N CYS D 192 -3.10 -22.77 2.99
CA CYS D 192 -3.62 -22.25 1.72
C CYS D 192 -2.46 -21.82 0.85
N GLU D 193 -2.78 -21.33 -0.35
CA GLU D 193 -1.79 -20.78 -1.25
C GLU D 193 -1.31 -19.42 -0.74
N ILE D 194 -0.24 -18.91 -1.36
CA ILE D 194 0.40 -17.69 -0.88
C ILE D 194 -0.54 -16.49 -1.03
N GLU D 195 -1.17 -16.36 -2.19
CA GLU D 195 -2.12 -15.26 -2.41
C GLU D 195 -3.34 -15.42 -1.51
N ARG D 196 -3.85 -16.64 -1.37
CA ARG D 196 -5.00 -16.88 -0.49
C ARG D 196 -4.64 -16.60 0.96
N LEU D 197 -3.44 -17.00 1.39
CA LEU D 197 -3.01 -16.73 2.76
C LEU D 197 -2.85 -15.23 3.01
N GLN D 198 -2.31 -14.51 2.03
CA GLN D 198 -2.19 -13.05 2.17
C GLN D 198 -3.55 -12.37 2.24
N ASN D 199 -4.50 -12.84 1.41
CA ASN D 199 -5.86 -12.30 1.47
C ASN D 199 -6.52 -12.59 2.82
N ILE D 200 -6.30 -13.81 3.35
CA ILE D 200 -6.86 -14.16 4.65
C ILE D 200 -6.28 -13.29 5.75
N LEU D 201 -4.96 -13.05 5.70
CA LEU D 201 -4.33 -12.18 6.70
C LEU D 201 -4.83 -10.74 6.58
N GLU D 202 -5.02 -10.25 5.35
CA GLU D 202 -5.54 -8.90 5.17
C GLU D 202 -6.95 -8.78 5.72
N GLN D 203 -7.79 -9.80 5.48
CA GLN D 203 -9.14 -9.79 6.04
C GLN D 203 -9.13 -9.86 7.56
N ILE D 204 -8.20 -10.64 8.13
CA ILE D 204 -8.07 -10.75 9.58
C ILE D 204 -7.70 -9.40 10.18
N VAL D 205 -6.76 -8.70 9.56
CA VAL D 205 -6.42 -7.35 10.03
C VAL D 205 -7.60 -6.40 9.84
N SER D 206 -8.37 -6.59 8.77
CA SER D 206 -9.52 -5.72 8.52
C SER D 206 -10.59 -5.86 9.59
N VAL D 207 -10.88 -7.09 10.01
CA VAL D 207 -11.91 -7.25 11.06
C VAL D 207 -11.34 -7.00 12.46
N GLY D 208 -10.02 -7.04 12.62
CA GLY D 208 -9.41 -6.71 13.88
C GLY D 208 -9.12 -7.88 14.79
N LYS D 209 -8.75 -9.04 14.24
CA LYS D 209 -8.40 -10.20 15.04
C LYS D 209 -6.91 -10.38 15.19
N HIS D 210 -6.11 -9.37 14.80
CA HIS D 210 -4.67 -9.40 14.98
C HIS D 210 -4.24 -8.89 16.36
N VAL D 211 -5.19 -8.69 17.27
CA VAL D 211 -4.90 -8.26 18.63
C VAL D 211 -4.48 -9.48 19.44
N LYS D 212 -3.98 -9.25 20.66
CA LYS D 212 -3.55 -10.34 21.52
C LYS D 212 -4.73 -11.22 21.92
N GLY D 213 -4.44 -12.50 22.08
CA GLY D 213 -5.46 -13.49 22.41
C GLY D 213 -5.82 -14.41 21.25
N TYR D 214 -5.40 -14.09 20.04
CA TYR D 214 -5.66 -14.92 18.86
C TYR D 214 -4.37 -15.59 18.42
N HIS D 215 -4.44 -16.89 18.15
CA HIS D 215 -3.27 -17.67 17.76
C HIS D 215 -3.47 -18.20 16.35
N TYR D 216 -2.45 -18.02 15.51
CA TYR D 216 -2.47 -18.49 14.12
C TYR D 216 -1.24 -19.33 13.85
N ILE D 217 -1.44 -20.50 13.27
CA ILE D 217 -0.35 -21.38 12.84
C ILE D 217 -0.39 -21.43 11.32
N ILE D 218 0.70 -21.03 10.68
CA ILE D 218 0.79 -20.95 9.23
C ILE D 218 1.44 -22.23 8.72
N ALA D 219 0.70 -22.98 7.90
CA ALA D 219 1.23 -24.20 7.29
C ALA D 219 1.90 -23.86 5.97
N ASN D 220 3.04 -23.18 6.07
CA ASN D 220 3.82 -22.76 4.92
C ASN D 220 5.29 -23.04 5.19
N LEU D 221 6.03 -23.35 4.13
CA LEU D 221 7.46 -23.62 4.24
C LEU D 221 8.30 -22.35 4.29
N GLY D 222 7.72 -21.19 4.01
CA GLY D 222 8.44 -19.94 4.12
C GLY D 222 7.73 -18.95 5.02
N PHE D 223 8.35 -18.62 6.15
CA PHE D 223 7.74 -17.72 7.12
C PHE D 223 8.22 -16.28 7.00
N LYS D 224 9.47 -16.07 6.60
CA LYS D 224 10.00 -14.71 6.45
C LYS D 224 9.60 -14.06 5.15
N ASP D 225 8.96 -14.79 4.24
CA ASP D 225 8.48 -14.23 2.98
C ASP D 225 7.06 -13.72 3.06
N ILE D 226 6.44 -13.77 4.24
CA ILE D 226 5.07 -13.31 4.44
C ILE D 226 5.11 -11.95 5.11
N SER D 227 4.36 -10.99 4.57
CA SER D 227 4.32 -9.65 5.13
C SER D 227 3.50 -9.63 6.42
N LEU D 228 4.18 -9.80 7.56
CA LEU D 228 3.55 -9.79 8.87
C LEU D 228 4.07 -8.58 9.63
N GLU D 229 3.39 -7.45 9.45
CA GLU D 229 3.76 -6.20 10.11
C GLU D 229 2.73 -5.75 11.13
N ARG D 230 1.45 -5.79 10.78
CA ARG D 230 0.41 -5.38 11.71
C ARG D 230 0.23 -6.39 12.84
N PHE D 231 0.56 -7.66 12.59
CA PHE D 231 0.46 -8.67 13.63
C PHE D 231 1.51 -8.45 14.72
N ILE D 232 2.66 -7.89 14.38
CA ILE D 232 3.68 -7.57 15.37
C ILE D 232 3.18 -6.50 16.32
N HIS D 233 2.57 -5.44 15.78
CA HIS D 233 2.09 -4.34 16.61
C HIS D 233 0.84 -4.75 17.40
N GLY D 234 -0.04 -5.54 16.78
CA GLY D 234 -1.25 -5.96 17.47
C GLY D 234 -0.97 -6.90 18.63
N GLY D 235 0.03 -7.77 18.48
CA GLY D 235 0.37 -8.72 19.51
C GLY D 235 -0.22 -10.10 19.35
N ALA D 236 -0.77 -10.43 18.18
CA ALA D 236 -1.32 -11.75 17.95
C ALA D 236 -0.23 -12.81 17.90
N ASN D 237 -0.59 -14.03 18.28
CA ASN D 237 0.34 -15.15 18.30
C ASN D 237 0.42 -15.75 16.90
N VAL D 238 1.60 -15.65 16.27
CA VAL D 238 1.82 -16.23 14.95
C VAL D 238 3.01 -17.18 15.06
N THR D 239 2.84 -18.40 14.57
CA THR D 239 3.89 -19.41 14.54
C THR D 239 3.98 -19.99 13.14
N GLY D 240 5.20 -20.13 12.63
CA GLY D 240 5.39 -20.59 11.28
C GLY D 240 6.65 -21.41 11.14
N PHE D 241 6.90 -21.87 9.91
CA PHE D 241 8.03 -22.73 9.59
C PHE D 241 8.86 -22.10 8.48
N GLN D 242 10.16 -22.36 8.51
CA GLN D 242 11.09 -21.89 7.51
C GLN D 242 11.98 -23.04 7.07
N LEU D 243 12.18 -23.18 5.76
CA LEU D 243 12.98 -24.26 5.21
C LEU D 243 14.40 -23.86 4.90
N VAL D 244 14.62 -22.67 4.35
CA VAL D 244 15.95 -22.19 3.98
C VAL D 244 16.48 -21.29 5.09
N ASP D 245 17.70 -21.57 5.55
CA ASP D 245 18.33 -20.79 6.61
C ASP D 245 19.18 -19.70 5.99
N PHE D 246 18.80 -18.44 6.24
CA PHE D 246 19.48 -17.32 5.62
C PHE D 246 20.85 -17.03 6.23
N ASN D 247 21.19 -17.67 7.35
CA ASN D 247 22.48 -17.48 8.00
C ASN D 247 23.43 -18.64 7.74
N THR D 248 23.31 -19.29 6.59
CA THR D 248 24.09 -20.39 6.03
C THR D 248 25.06 -19.87 4.99
N PRO D 249 26.32 -20.32 5.03
CA PRO D 249 27.31 -19.83 4.06
C PRO D 249 26.93 -20.03 2.60
N MET D 250 26.30 -21.16 2.27
CA MET D 250 25.85 -21.38 0.90
C MET D 250 24.74 -20.41 0.52
N VAL D 251 23.79 -20.17 1.44
CA VAL D 251 22.66 -19.30 1.14
C VAL D 251 23.12 -17.85 0.99
N THR D 252 24.01 -17.39 1.86
CA THR D 252 24.51 -16.03 1.71
C THR D 252 25.47 -15.90 0.54
N LYS D 253 26.15 -17.00 0.16
CA LYS D 253 26.95 -16.99 -1.06
C LYS D 253 26.07 -16.81 -2.28
N LEU D 254 24.93 -17.48 -2.31
CA LEU D 254 23.96 -17.25 -3.38
C LEU D 254 23.41 -15.83 -3.33
N MET D 255 23.11 -15.34 -2.11
CA MET D 255 22.52 -14.01 -1.96
C MET D 255 23.47 -12.90 -2.40
N ASP D 256 24.78 -13.15 -2.31
CA ASP D 256 25.74 -12.19 -2.83
C ASP D 256 25.59 -12.01 -4.34
N ARG D 257 25.38 -13.11 -5.06
CA ARG D 257 25.12 -13.02 -6.50
C ARG D 257 23.72 -12.49 -6.79
N TRP D 258 22.75 -12.84 -5.95
CA TRP D 258 21.36 -12.45 -6.20
C TRP D 258 21.17 -10.94 -6.14
N LYS D 259 21.82 -10.29 -5.18
CA LYS D 259 21.74 -8.84 -5.08
C LYS D 259 22.56 -8.14 -6.16
N LYS D 260 23.49 -8.86 -6.79
CA LYS D 260 24.30 -8.32 -7.87
C LYS D 260 23.73 -8.61 -9.24
N LEU D 261 22.58 -9.26 -9.33
CA LEU D 261 21.97 -9.59 -10.61
C LEU D 261 21.22 -8.38 -11.17
N ASP D 262 20.94 -8.44 -12.47
CA ASP D 262 20.23 -7.38 -13.17
C ASP D 262 18.76 -7.76 -13.32
N GLN D 263 17.87 -6.83 -12.95
CA GLN D 263 16.45 -7.11 -13.05
C GLN D 263 16.00 -7.24 -14.50
N ARG D 264 16.55 -6.41 -15.39
CA ARG D 264 16.15 -6.46 -16.80
C ARG D 264 16.70 -7.68 -17.53
N GLU D 265 17.69 -8.36 -16.96
CA GLU D 265 18.22 -9.58 -17.54
C GLU D 265 17.83 -10.83 -16.77
N TYR D 266 17.59 -10.71 -15.46
CA TYR D 266 17.14 -11.82 -14.62
C TYR D 266 15.90 -11.33 -13.87
N PRO D 267 14.73 -11.40 -14.51
CA PRO D 267 13.51 -10.90 -13.87
C PRO D 267 13.14 -11.70 -12.63
N GLY D 268 12.56 -11.02 -11.66
CA GLY D 268 12.24 -11.62 -10.38
C GLY D 268 13.35 -11.61 -9.37
N SER D 269 14.51 -11.03 -9.70
CA SER D 269 15.64 -10.93 -8.79
C SER D 269 15.55 -9.73 -7.87
N GLU D 270 14.51 -8.90 -8.02
CA GLU D 270 14.33 -7.73 -7.17
C GLU D 270 13.89 -8.10 -5.76
N THR D 271 13.53 -9.35 -5.51
CA THR D 271 13.08 -9.84 -4.22
C THR D 271 13.94 -11.01 -3.76
N PRO D 272 14.03 -11.26 -2.46
CA PRO D 272 14.77 -12.43 -1.99
C PRO D 272 14.11 -13.71 -2.48
N PRO D 273 14.90 -14.75 -2.72
CA PRO D 273 14.34 -16.00 -3.25
C PRO D 273 13.42 -16.67 -2.26
N LYS D 274 12.31 -17.21 -2.78
CA LYS D 274 11.37 -17.96 -1.96
C LYS D 274 11.88 -19.39 -1.78
N TYR D 275 11.08 -20.21 -1.08
CA TYR D 275 11.47 -21.60 -0.90
C TYR D 275 11.36 -22.40 -2.19
N THR D 276 10.44 -22.01 -3.08
CA THR D 276 10.32 -22.67 -4.37
C THR D 276 11.56 -22.45 -5.23
N SER D 277 12.09 -21.22 -5.24
CA SER D 277 13.31 -20.94 -5.99
C SER D 277 14.51 -21.68 -5.40
N ALA D 278 14.57 -21.77 -4.07
CA ALA D 278 15.64 -22.52 -3.42
C ALA D 278 15.55 -24.01 -3.77
N LEU D 279 14.33 -24.54 -3.81
CA LEU D 279 14.16 -25.94 -4.21
C LEU D 279 14.52 -26.15 -5.67
N THR D 280 14.24 -25.17 -6.53
CA THR D 280 14.65 -25.26 -7.93
C THR D 280 16.19 -25.29 -8.05
N TYR D 281 16.87 -24.42 -7.30
CA TYR D 281 18.33 -24.40 -7.31
C TYR D 281 18.89 -25.72 -6.79
N ASP D 282 18.31 -26.26 -5.72
CA ASP D 282 18.75 -27.54 -5.19
C ASP D 282 18.47 -28.67 -6.17
N GLY D 283 17.37 -28.59 -6.92
CA GLY D 283 17.08 -29.59 -7.92
C GLY D 283 18.07 -29.58 -9.07
N VAL D 284 18.48 -28.39 -9.50
CA VAL D 284 19.51 -28.30 -10.54
C VAL D 284 20.83 -28.85 -10.03
N LEU D 285 21.17 -28.56 -8.77
CA LEU D 285 22.38 -29.13 -8.18
C LEU D 285 22.28 -30.66 -8.08
N VAL D 286 21.10 -31.19 -7.78
CA VAL D 286 20.89 -32.63 -7.71
C VAL D 286 21.06 -33.26 -9.09
N MET D 287 20.52 -32.62 -10.13
CA MET D 287 20.71 -33.11 -11.49
C MET D 287 22.18 -33.12 -11.89
N ALA D 288 22.91 -32.05 -11.55
CA ALA D 288 24.35 -32.02 -11.84
C ALA D 288 25.08 -33.12 -11.10
N GLU D 289 24.74 -33.34 -9.83
CA GLU D 289 25.40 -34.38 -9.04
C GLU D 289 25.12 -35.77 -9.58
N THR D 290 23.87 -36.05 -9.97
CA THR D 290 23.56 -37.38 -10.48
C THR D 290 24.14 -37.60 -11.88
N PHE D 291 24.26 -36.54 -12.68
CA PHE D 291 24.93 -36.70 -13.97
C PHE D 291 26.42 -36.95 -13.78
N ARG D 292 27.05 -36.27 -12.82
CA ARG D 292 28.45 -36.53 -12.52
C ARG D 292 28.65 -37.95 -12.00
N SER D 293 27.72 -38.43 -11.16
CA SER D 293 27.81 -39.79 -10.64
C SER D 293 27.62 -40.82 -11.74
N LEU D 294 26.72 -40.54 -12.69
CA LEU D 294 26.57 -41.41 -13.85
C LEU D 294 27.83 -41.41 -14.71
N ARG D 295 28.50 -40.27 -14.80
CA ARG D 295 29.80 -40.21 -15.48
C ARG D 295 30.82 -41.08 -14.76
N ARG D 296 30.82 -41.05 -13.43
CA ARG D 296 31.77 -41.86 -12.65
C ARG D 296 31.45 -43.35 -12.73
N GLN D 297 30.23 -43.72 -13.10
CA GLN D 297 29.82 -45.12 -13.17
C GLN D 297 30.10 -45.75 -14.53
N LYS D 298 30.74 -45.01 -15.45
CA LYS D 298 31.04 -45.48 -16.80
C LYS D 298 29.78 -45.93 -17.54
N ILE D 299 28.71 -45.17 -17.38
CA ILE D 299 27.45 -45.44 -18.07
C ILE D 299 27.29 -44.42 -19.18
N ASP D 300 27.30 -44.89 -20.42
CA ASP D 300 27.20 -44.02 -21.59
C ASP D 300 25.73 -43.67 -21.80
N ILE D 301 25.33 -42.49 -21.34
CA ILE D 301 23.95 -42.05 -21.48
C ILE D 301 23.70 -41.63 -22.93
N SER D 302 22.52 -41.95 -23.44
CA SER D 302 22.14 -41.68 -24.82
C SER D 302 20.65 -41.96 -24.99
N ARG D 303 20.03 -41.21 -25.90
CA ARG D 303 18.65 -41.44 -26.30
C ARG D 303 18.53 -41.33 -27.81
N ARG D 304 19.46 -41.97 -28.52
CA ARG D 304 19.49 -41.87 -29.97
C ARG D 304 18.33 -42.61 -30.62
N GLY D 305 18.04 -43.83 -30.14
CA GLY D 305 16.98 -44.63 -30.72
C GLY D 305 15.63 -44.50 -30.07
N ASN D 306 15.56 -43.92 -28.87
CA ASN D 306 14.30 -43.77 -28.15
C ASN D 306 13.58 -42.47 -28.48
N ALA D 307 14.17 -41.60 -29.29
CA ALA D 307 13.54 -40.34 -29.66
C ALA D 307 12.46 -40.59 -30.70
N GLY D 308 11.22 -40.24 -30.37
CA GLY D 308 10.12 -40.45 -31.28
C GLY D 308 8.79 -39.96 -30.72
N ASP D 309 7.72 -40.71 -31.00
CA ASP D 309 6.39 -40.36 -30.53
C ASP D 309 6.13 -41.01 -29.17
N CYS D 310 5.43 -40.27 -28.30
CA CYS D 310 5.11 -40.80 -26.98
C CYS D 310 4.06 -41.89 -27.07
N LEU D 311 3.01 -41.67 -27.85
CA LEU D 311 1.88 -42.59 -27.94
C LEU D 311 2.05 -43.60 -29.07
N ALA D 312 3.17 -44.31 -29.07
CA ALA D 312 3.35 -45.41 -30.01
C ALA D 312 2.51 -46.61 -29.58
N ASN D 313 2.20 -47.47 -30.55
CA ASN D 313 1.43 -48.68 -30.24
C ASN D 313 2.17 -49.61 -29.29
N PRO D 314 3.47 -49.95 -29.49
CA PRO D 314 4.20 -50.64 -28.42
C PRO D 314 4.94 -49.64 -27.52
N ALA D 315 4.78 -49.79 -26.21
CA ALA D 315 5.50 -48.94 -25.27
C ALA D 315 6.99 -49.22 -25.35
N ALA D 316 7.79 -48.16 -25.45
CA ALA D 316 9.24 -48.26 -25.62
C ALA D 316 9.92 -47.47 -24.52
N PRO D 317 10.04 -48.04 -23.32
CA PRO D 317 10.72 -47.33 -22.23
C PRO D 317 12.21 -47.19 -22.50
N TRP D 318 12.79 -46.14 -21.92
CA TRP D 318 14.23 -45.92 -22.05
C TRP D 318 14.98 -46.99 -21.26
N GLY D 319 15.98 -47.59 -21.90
CA GLY D 319 16.71 -48.68 -21.28
C GLY D 319 17.53 -48.23 -20.08
N GLN D 320 18.15 -47.07 -20.17
CA GLN D 320 19.00 -46.55 -19.11
C GLN D 320 18.26 -45.65 -18.13
N GLY D 321 16.93 -45.55 -18.25
CA GLY D 321 16.17 -44.71 -17.35
C GLY D 321 16.18 -45.21 -15.92
N ILE D 322 16.17 -46.55 -15.74
CA ILE D 322 16.22 -47.10 -14.39
C ILE D 322 17.57 -46.83 -13.74
N ASP D 323 18.65 -46.78 -14.54
CA ASP D 323 19.95 -46.39 -14.00
C ASP D 323 19.93 -44.93 -13.54
N MET D 324 19.30 -44.05 -14.33
CA MET D 324 19.19 -42.65 -13.94
C MET D 324 18.38 -42.49 -12.66
N GLU D 325 17.28 -43.24 -12.53
CA GLU D 325 16.46 -43.13 -11.34
C GLU D 325 17.15 -43.70 -10.10
N ARG D 326 17.88 -44.81 -10.27
CA ARG D 326 18.65 -45.36 -9.15
C ARG D 326 19.76 -44.41 -8.71
N THR D 327 20.44 -43.79 -9.67
CA THR D 327 21.47 -42.80 -9.32
C THR D 327 20.85 -41.54 -8.72
N LEU D 328 19.62 -41.22 -9.11
CA LEU D 328 18.95 -40.02 -8.59
C LEU D 328 18.47 -40.21 -7.15
N LYS D 329 18.02 -41.43 -6.82
CA LYS D 329 17.56 -41.67 -5.46
C LYS D 329 18.70 -41.89 -4.46
N GLN D 330 19.94 -42.01 -4.93
CA GLN D 330 21.09 -42.26 -4.06
C GLN D 330 21.89 -41.01 -3.73
N VAL D 331 21.44 -39.84 -4.17
CA VAL D 331 22.21 -38.62 -3.95
C VAL D 331 22.04 -38.15 -2.50
N ARG D 332 23.06 -37.47 -2.00
CA ARG D 332 23.02 -36.84 -0.69
C ARG D 332 23.92 -35.61 -0.76
N ILE D 333 23.30 -34.44 -0.92
CA ILE D 333 24.04 -33.21 -1.14
C ILE D 333 23.67 -32.18 -0.07
N GLN D 334 24.46 -31.12 -0.01
CA GLN D 334 24.21 -29.98 0.86
C GLN D 334 23.88 -28.78 0.00
N GLY D 335 22.72 -28.17 0.24
CA GLY D 335 22.27 -27.05 -0.55
C GLY D 335 21.48 -26.03 0.24
N LEU D 336 20.69 -25.23 -0.48
CA LEU D 336 20.01 -24.09 0.12
C LEU D 336 19.03 -24.52 1.19
N THR D 337 18.35 -25.64 0.99
CA THR D 337 17.39 -26.16 1.96
C THR D 337 18.03 -27.08 2.98
N GLY D 338 19.36 -27.22 2.96
CA GLY D 338 20.05 -28.06 3.92
C GLY D 338 20.47 -29.39 3.30
N ASN D 339 20.20 -30.48 4.01
CA ASN D 339 20.57 -31.80 3.52
C ASN D 339 19.50 -32.29 2.55
N VAL D 340 19.89 -32.51 1.30
CA VAL D 340 18.99 -33.04 0.27
C VAL D 340 19.34 -34.51 0.10
N GLN D 341 18.38 -35.37 0.43
CA GLN D 341 18.54 -36.82 0.37
C GLN D 341 17.15 -37.42 0.17
N PHE D 342 17.08 -38.51 -0.61
CA PHE D 342 15.80 -39.11 -0.98
C PHE D 342 15.79 -40.59 -0.61
N ASP D 343 14.59 -41.08 -0.32
CA ASP D 343 14.38 -42.50 -0.06
C ASP D 343 14.07 -43.21 -1.38
N HIS D 344 13.60 -44.46 -1.29
CA HIS D 344 13.27 -45.23 -2.48
C HIS D 344 11.92 -44.85 -3.08
N TYR D 345 11.14 -44.01 -2.41
CA TYR D 345 9.90 -43.48 -2.98
C TYR D 345 10.08 -42.10 -3.60
N GLY D 346 11.31 -41.57 -3.64
CA GLY D 346 11.53 -40.25 -4.19
C GLY D 346 10.93 -39.13 -3.38
N ARG D 347 10.94 -39.24 -2.06
CA ARG D 347 10.44 -38.20 -1.16
C ARG D 347 11.57 -37.67 -0.30
N ARG D 348 11.34 -36.52 0.31
CA ARG D 348 12.38 -35.87 1.10
C ARG D 348 12.55 -36.59 2.44
N VAL D 349 13.80 -36.92 2.75
CA VAL D 349 14.17 -37.63 3.97
C VAL D 349 15.37 -36.90 4.57
N ASN D 350 15.42 -36.83 5.90
CA ASN D 350 16.56 -36.27 6.65
C ASN D 350 16.70 -34.77 6.38
N TYR D 351 15.60 -34.04 6.58
CA TYR D 351 15.54 -32.60 6.38
C TYR D 351 15.25 -31.91 7.70
N THR D 352 15.76 -30.69 7.83
CA THR D 352 15.60 -29.90 9.05
C THR D 352 14.94 -28.58 8.71
N MET D 353 13.92 -28.21 9.48
CA MET D 353 13.22 -26.94 9.32
C MET D 353 13.28 -26.16 10.64
N ASP D 354 13.09 -24.85 10.56
CA ASP D 354 13.16 -23.98 11.72
C ASP D 354 11.78 -23.43 12.03
N VAL D 355 11.32 -23.66 13.25
CA VAL D 355 10.03 -23.17 13.71
C VAL D 355 10.22 -21.81 14.36
N PHE D 356 9.61 -20.79 13.75
CA PHE D 356 9.72 -19.40 14.17
C PHE D 356 8.41 -18.94 14.82
N GLU D 357 8.52 -17.95 15.69
CA GLU D 357 7.37 -17.30 16.31
C GLU D 357 7.50 -15.80 16.17
N LEU D 358 6.36 -15.12 16.11
CA LEU D 358 6.32 -13.67 15.93
C LEU D 358 6.31 -12.99 17.29
N LYS D 359 7.30 -12.15 17.54
CA LYS D 359 7.44 -11.40 18.78
C LYS D 359 7.26 -9.91 18.51
N SER D 360 7.47 -9.10 19.55
CA SER D 360 7.34 -7.65 19.41
C SER D 360 8.44 -7.04 18.55
N THR D 361 9.56 -7.75 18.36
CA THR D 361 10.64 -7.27 17.52
C THR D 361 10.63 -7.88 16.13
N GLY D 362 9.94 -9.01 15.94
CA GLY D 362 9.89 -9.67 14.66
C GLY D 362 9.88 -11.18 14.81
N PRO D 363 10.17 -11.90 13.72
CA PRO D 363 10.23 -13.36 13.80
C PRO D 363 11.42 -13.82 14.62
N ARG D 364 11.15 -14.65 15.62
CA ARG D 364 12.18 -15.18 16.52
C ARG D 364 12.21 -16.69 16.38
N LYS D 365 13.40 -17.23 16.12
CA LYS D 365 13.56 -18.67 16.03
C LYS D 365 13.30 -19.31 17.37
N VAL D 366 12.30 -20.19 17.43
CA VAL D 366 11.90 -20.86 18.66
C VAL D 366 12.46 -22.28 18.71
N GLY D 367 12.35 -23.03 17.62
CA GLY D 367 12.85 -24.38 17.66
C GLY D 367 13.22 -24.87 16.27
N TYR D 368 13.50 -26.18 16.19
CA TYR D 368 13.74 -26.80 14.89
C TYR D 368 13.14 -28.20 14.87
N TRP D 369 12.59 -28.55 13.71
CA TRP D 369 11.96 -29.84 13.49
C TRP D 369 12.82 -30.67 12.55
N ASN D 370 13.17 -31.87 12.99
CA ASN D 370 13.92 -32.83 12.20
C ASN D 370 13.08 -34.09 12.01
N ASP D 371 13.35 -34.81 10.92
CA ASP D 371 12.54 -35.97 10.54
C ASP D 371 12.62 -37.07 11.59
N MET D 372 13.82 -37.31 12.14
CA MET D 372 14.00 -38.35 13.14
C MET D 372 14.06 -37.82 14.57
N ASP D 373 14.32 -36.52 14.76
CA ASP D 373 14.42 -35.93 16.08
C ASP D 373 13.16 -35.19 16.50
N LYS D 374 12.15 -35.14 15.65
CA LYS D 374 10.85 -34.49 15.92
C LYS D 374 11.12 -33.01 16.21
N LEU D 375 10.44 -32.41 17.18
CA LEU D 375 10.58 -30.99 17.49
C LEU D 375 11.52 -30.82 18.67
N VAL D 376 12.60 -30.05 18.48
CA VAL D 376 13.56 -29.75 19.53
C VAL D 376 13.57 -28.24 19.73
N LEU D 377 13.37 -27.79 20.96
CA LEU D 377 13.29 -26.38 21.29
C LEU D 377 14.63 -25.88 21.85
N ILE D 378 14.82 -24.58 21.73
CA ILE D 378 16.04 -23.94 22.21
C ILE D 378 15.73 -23.09 23.44
N GLU E 1 -29.56 -75.05 -3.73
CA GLU E 1 -30.04 -76.03 -4.70
C GLU E 1 -31.54 -76.25 -4.57
N VAL E 2 -32.27 -75.92 -5.64
CA VAL E 2 -33.71 -76.13 -5.63
C VAL E 2 -34.04 -77.61 -5.72
N LYS E 3 -35.23 -77.97 -5.27
CA LYS E 3 -35.69 -79.35 -5.28
C LYS E 3 -36.83 -79.50 -6.29
N LEU E 4 -36.78 -80.59 -7.06
CA LEU E 4 -37.82 -80.89 -8.03
C LEU E 4 -38.37 -82.28 -7.76
N LEU E 5 -39.70 -82.39 -7.64
CA LEU E 5 -40.37 -83.65 -7.38
C LEU E 5 -41.27 -83.99 -8.55
N GLU E 6 -41.10 -85.18 -9.11
CA GLU E 6 -41.90 -85.65 -10.23
C GLU E 6 -42.23 -87.12 -10.01
N SER E 7 -43.51 -87.42 -9.78
CA SER E 7 -43.96 -88.78 -9.54
C SER E 7 -45.34 -88.97 -10.15
N GLY E 8 -45.67 -90.23 -10.42
CA GLY E 8 -46.95 -90.57 -11.00
C GLY E 8 -46.85 -91.15 -12.39
N GLY E 9 -45.72 -91.78 -12.69
CA GLY E 9 -45.52 -92.39 -13.99
C GLY E 9 -46.28 -93.68 -14.16
N GLY E 10 -47.20 -93.72 -15.12
CA GLY E 10 -47.97 -94.92 -15.36
C GLY E 10 -48.64 -94.88 -16.73
N LEU E 11 -49.08 -96.05 -17.17
CA LEU E 11 -49.74 -96.17 -18.47
C LEU E 11 -51.13 -95.56 -18.42
N VAL E 12 -51.62 -95.16 -19.59
CA VAL E 12 -52.93 -94.57 -19.76
C VAL E 12 -53.68 -95.32 -20.86
N GLN E 13 -54.91 -94.89 -21.12
CA GLN E 13 -55.74 -95.50 -22.14
C GLN E 13 -55.32 -95.02 -23.53
N PRO E 14 -55.91 -95.58 -24.58
CA PRO E 14 -55.56 -95.15 -25.94
C PRO E 14 -56.13 -93.78 -26.27
N GLY E 15 -55.25 -92.79 -26.41
CA GLY E 15 -55.68 -91.44 -26.71
C GLY E 15 -56.08 -90.61 -25.51
N GLY E 16 -56.04 -91.17 -24.31
CA GLY E 16 -56.40 -90.40 -23.14
C GLY E 16 -55.33 -89.39 -22.75
N SER E 17 -55.77 -88.26 -22.24
CA SER E 17 -54.86 -87.20 -21.82
C SER E 17 -54.13 -87.61 -20.53
N LEU E 18 -52.82 -87.36 -20.51
CA LEU E 18 -51.98 -87.67 -19.36
C LEU E 18 -51.37 -86.39 -18.81
N LYS E 19 -51.15 -86.39 -17.50
CA LYS E 19 -50.58 -85.23 -16.82
C LYS E 19 -49.49 -85.69 -15.85
N LEU E 20 -48.43 -84.89 -15.74
CA LEU E 20 -47.33 -85.18 -14.84
C LEU E 20 -47.21 -84.04 -13.83
N SER E 21 -47.08 -84.39 -12.55
CA SER E 21 -46.98 -83.41 -11.48
C SER E 21 -45.51 -83.09 -11.23
N CYS E 22 -45.11 -81.85 -11.53
CA CYS E 22 -43.76 -81.36 -11.31
C CYS E 22 -43.81 -80.25 -10.28
N ALA E 23 -43.38 -80.56 -9.06
CA ALA E 23 -43.44 -79.62 -7.94
C ALA E 23 -42.05 -79.07 -7.66
N ALA E 24 -41.94 -77.74 -7.61
CA ALA E 24 -40.68 -77.06 -7.30
C ALA E 24 -40.65 -76.78 -5.80
N SER E 25 -40.07 -77.70 -5.04
CA SER E 25 -39.95 -77.55 -3.60
C SER E 25 -38.68 -76.81 -3.24
N GLY E 26 -38.80 -75.89 -2.28
CA GLY E 26 -37.69 -75.10 -1.83
C GLY E 26 -37.40 -73.84 -2.62
N PHE E 27 -38.15 -73.60 -3.70
CA PHE E 27 -37.94 -72.41 -4.53
C PHE E 27 -39.23 -72.13 -5.28
N ASP E 28 -39.15 -71.24 -6.26
CA ASP E 28 -40.29 -70.88 -7.10
C ASP E 28 -39.84 -70.79 -8.55
N PHE E 29 -40.79 -70.91 -9.46
CA PHE E 29 -40.51 -70.84 -10.88
C PHE E 29 -40.28 -69.41 -11.37
N SER E 30 -40.54 -68.41 -10.53
CA SER E 30 -40.26 -67.03 -10.93
C SER E 30 -38.76 -66.76 -10.98
N GLU E 31 -37.99 -67.37 -10.08
CA GLU E 31 -36.55 -67.18 -10.09
C GLU E 31 -35.90 -67.85 -11.28
N TYR E 32 -36.29 -69.09 -11.57
CA TYR E 32 -35.77 -69.83 -12.71
C TYR E 32 -36.93 -70.48 -13.44
N TRP E 33 -37.00 -70.27 -14.76
CA TRP E 33 -38.08 -70.81 -15.57
C TRP E 33 -37.98 -72.32 -15.66
N MET E 34 -39.13 -72.99 -15.61
CA MET E 34 -39.21 -74.44 -15.65
C MET E 34 -39.45 -74.90 -17.08
N SER E 35 -38.64 -75.84 -17.55
CA SER E 35 -38.75 -76.39 -18.89
C SER E 35 -38.88 -77.90 -18.83
N TRP E 36 -39.76 -78.44 -19.66
CA TRP E 36 -40.02 -79.88 -19.70
C TRP E 36 -39.30 -80.48 -20.90
N VAL E 37 -38.59 -81.59 -20.67
CA VAL E 37 -37.83 -82.28 -21.70
C VAL E 37 -38.30 -83.73 -21.76
N ARG E 38 -38.54 -84.23 -22.95
CA ARG E 38 -38.97 -85.60 -23.17
C ARG E 38 -37.85 -86.39 -23.82
N GLN E 39 -37.53 -87.54 -23.22
CA GLN E 39 -36.49 -88.42 -23.72
C GLN E 39 -37.07 -89.82 -23.91
N ALA E 40 -36.80 -90.41 -25.07
CA ALA E 40 -37.23 -91.76 -25.36
C ALA E 40 -36.26 -92.76 -24.74
N PRO E 41 -36.69 -94.02 -24.59
CA PRO E 41 -35.79 -95.04 -24.04
C PRO E 41 -34.68 -95.38 -25.02
N GLY E 42 -33.44 -95.25 -24.57
CA GLY E 42 -32.30 -95.48 -25.43
C GLY E 42 -32.14 -94.46 -26.53
N LYS E 43 -32.42 -93.18 -26.23
CA LYS E 43 -32.33 -92.12 -27.23
C LYS E 43 -32.08 -90.80 -26.52
N GLY E 44 -31.62 -89.81 -27.29
CA GLY E 44 -31.33 -88.51 -26.74
C GLY E 44 -32.59 -87.76 -26.35
N LEU E 45 -32.41 -86.82 -25.41
CA LEU E 45 -33.52 -86.03 -24.92
C LEU E 45 -33.93 -84.96 -25.94
N GLU E 46 -35.20 -84.58 -25.87
CA GLU E 46 -35.75 -83.55 -26.74
C GLU E 46 -36.51 -82.53 -25.90
N TRP E 47 -36.44 -81.27 -26.29
CA TRP E 47 -37.11 -80.20 -25.56
C TRP E 47 -38.62 -80.27 -25.82
N ILE E 48 -39.37 -80.73 -24.83
CA ILE E 48 -40.82 -80.84 -24.99
C ILE E 48 -41.50 -79.49 -24.86
N GLY E 49 -40.96 -78.59 -24.05
CA GLY E 49 -41.56 -77.28 -23.88
C GLY E 49 -40.77 -76.35 -22.99
N GLU E 50 -40.76 -75.06 -23.33
CA GLU E 50 -40.10 -74.02 -22.56
C GLU E 50 -41.13 -73.01 -22.09
N ILE E 51 -41.07 -72.66 -20.81
CA ILE E 51 -42.03 -71.73 -20.22
C ILE E 51 -41.30 -70.45 -19.80
N ASN E 52 -42.06 -69.47 -19.31
CA ASN E 52 -41.51 -68.21 -18.86
C ASN E 52 -41.52 -68.11 -17.34
N PRO E 53 -40.61 -67.34 -16.75
CA PRO E 53 -40.60 -67.22 -15.28
C PRO E 53 -41.75 -66.41 -14.75
N ASP E 54 -42.25 -65.43 -15.50
CA ASP E 54 -43.36 -64.59 -15.06
C ASP E 54 -44.72 -65.11 -15.49
N SER E 55 -44.76 -66.29 -16.13
CA SER E 55 -46.00 -66.93 -16.60
C SER E 55 -46.76 -66.01 -17.56
N SER E 56 -46.04 -65.47 -18.54
CA SER E 56 -46.63 -64.60 -19.55
C SER E 56 -46.89 -65.32 -20.86
N SER E 57 -45.87 -65.97 -21.43
CA SER E 57 -46.01 -66.73 -22.66
C SER E 57 -45.16 -67.98 -22.57
N ILE E 58 -45.73 -69.10 -23.01
CA ILE E 58 -45.05 -70.39 -22.97
C ILE E 58 -44.89 -70.92 -24.39
N ASP E 59 -43.85 -71.74 -24.58
CA ASP E 59 -43.54 -72.33 -25.87
C ASP E 59 -43.86 -73.83 -25.82
N TYR E 60 -43.56 -74.51 -26.93
CA TYR E 60 -43.82 -75.93 -27.06
C TYR E 60 -42.64 -76.58 -27.78
N THR E 61 -42.77 -77.89 -28.03
CA THR E 61 -41.70 -78.61 -28.71
C THR E 61 -41.62 -78.19 -30.18
N PRO E 62 -40.41 -78.05 -30.73
CA PRO E 62 -40.30 -77.72 -32.16
C PRO E 62 -40.82 -78.78 -33.09
N SER E 63 -40.87 -80.05 -32.66
CA SER E 63 -41.39 -81.12 -33.50
C SER E 63 -42.92 -81.16 -33.48
N LEU E 64 -43.51 -81.21 -32.30
CA LEU E 64 -44.95 -81.22 -32.12
C LEU E 64 -45.32 -80.04 -31.23
N LYS E 65 -45.69 -78.92 -31.86
CA LYS E 65 -46.02 -77.72 -31.11
C LYS E 65 -47.45 -77.76 -30.58
N ASP E 66 -48.42 -77.86 -31.48
CA ASP E 66 -49.83 -77.85 -31.08
C ASP E 66 -50.30 -79.17 -30.50
N LYS E 67 -49.52 -80.24 -30.59
CA LYS E 67 -49.92 -81.53 -30.09
C LYS E 67 -49.84 -81.64 -28.57
N ILE E 68 -49.05 -80.77 -27.92
CA ILE E 68 -48.87 -80.81 -26.48
C ILE E 68 -48.96 -79.38 -25.94
N ILE E 69 -49.64 -79.23 -24.80
CA ILE E 69 -49.80 -77.93 -24.15
C ILE E 69 -49.35 -78.07 -22.70
N ILE E 70 -48.46 -77.18 -22.26
CA ILE E 70 -47.92 -77.21 -20.90
C ILE E 70 -48.31 -75.90 -20.21
N SER E 71 -48.93 -76.02 -19.04
CA SER E 71 -49.33 -74.88 -18.24
C SER E 71 -48.60 -74.92 -16.92
N ARG E 72 -47.97 -73.80 -16.55
CA ARG E 72 -47.17 -73.71 -15.35
C ARG E 72 -47.56 -72.48 -14.54
N ASP E 73 -47.52 -72.61 -13.22
CA ASP E 73 -47.79 -71.51 -12.30
C ASP E 73 -46.56 -71.30 -11.44
N ASN E 74 -46.00 -70.09 -11.50
CA ASN E 74 -44.79 -69.80 -10.74
C ASN E 74 -45.07 -69.62 -9.26
N ALA E 75 -46.18 -68.96 -8.92
CA ALA E 75 -46.54 -68.77 -7.52
C ALA E 75 -46.83 -70.10 -6.84
N LYS E 76 -47.58 -70.98 -7.52
CA LYS E 76 -47.76 -72.34 -7.03
C LYS E 76 -46.59 -73.25 -7.38
N LYS E 77 -45.74 -72.82 -8.32
CA LYS E 77 -44.56 -73.57 -8.75
C LYS E 77 -44.94 -74.98 -9.24
N THR E 78 -46.04 -75.07 -9.98
CA THR E 78 -46.57 -76.36 -10.44
C THR E 78 -46.76 -76.31 -11.95
N LEU E 79 -46.25 -77.33 -12.63
CA LEU E 79 -46.35 -77.42 -14.08
C LEU E 79 -47.01 -78.73 -14.48
N TYR E 80 -47.92 -78.66 -15.45
CA TYR E 80 -48.62 -79.83 -15.95
C TYR E 80 -48.67 -79.77 -17.47
N LEU E 81 -48.31 -80.88 -18.11
CA LEU E 81 -48.31 -81.00 -19.56
C LEU E 81 -49.34 -82.03 -19.99
N GLN E 82 -50.14 -81.67 -21.00
CA GLN E 82 -51.19 -82.53 -21.52
C GLN E 82 -51.05 -82.64 -23.03
N LEU E 83 -51.62 -83.72 -23.58
CA LEU E 83 -51.57 -83.97 -25.01
C LEU E 83 -52.79 -84.80 -25.41
N SER E 84 -52.92 -85.00 -26.72
CA SER E 84 -54.02 -85.77 -27.27
C SER E 84 -53.49 -86.74 -28.32
N LYS E 85 -54.22 -87.84 -28.52
CA LYS E 85 -53.87 -88.91 -29.45
C LYS E 85 -52.48 -89.47 -29.14
N VAL E 86 -52.33 -89.93 -27.90
CA VAL E 86 -51.05 -90.49 -27.44
C VAL E 86 -50.85 -91.86 -28.06
N ARG E 87 -49.67 -92.07 -28.64
CA ARG E 87 -49.30 -93.33 -29.28
C ARG E 87 -48.27 -94.06 -28.42
N SER E 88 -47.82 -95.20 -28.91
CA SER E 88 -46.80 -95.98 -28.20
C SER E 88 -45.47 -95.22 -28.15
N GLU E 89 -45.08 -94.61 -29.26
CA GLU E 89 -43.84 -93.84 -29.29
C GLU E 89 -43.95 -92.50 -28.58
N ASP E 90 -45.17 -91.98 -28.40
CA ASP E 90 -45.36 -90.71 -27.73
C ASP E 90 -45.18 -90.81 -26.22
N THR E 91 -45.21 -92.01 -25.65
CA THR E 91 -45.06 -92.20 -24.21
C THR E 91 -43.58 -92.29 -23.88
N ALA E 92 -42.97 -91.12 -23.71
CA ALA E 92 -41.56 -91.00 -23.37
C ALA E 92 -41.41 -90.42 -21.97
N LEU E 93 -40.19 -90.51 -21.45
CA LEU E 93 -39.89 -90.03 -20.10
C LEU E 93 -39.82 -88.52 -20.12
N TYR E 94 -40.76 -87.86 -19.45
CA TYR E 94 -40.83 -86.41 -19.39
C TYR E 94 -40.35 -85.93 -18.03
N TYR E 95 -39.38 -85.01 -18.03
CA TYR E 95 -38.80 -84.49 -16.80
C TYR E 95 -38.74 -82.96 -16.85
N CYS E 96 -39.01 -82.33 -15.72
CA CYS E 96 -38.96 -80.88 -15.60
C CYS E 96 -37.62 -80.46 -14.99
N ALA E 97 -37.11 -79.32 -15.46
CA ALA E 97 -35.83 -78.81 -15.01
C ALA E 97 -35.90 -77.29 -14.90
N ARG E 98 -35.26 -76.76 -13.86
CA ARG E 98 -35.17 -75.32 -13.67
C ARG E 98 -34.13 -74.72 -14.61
N PRO E 99 -34.16 -73.41 -14.81
CA PRO E 99 -33.20 -72.79 -15.74
C PRO E 99 -31.79 -72.80 -15.16
N ARG E 100 -30.85 -73.31 -15.95
CA ARG E 100 -29.46 -73.44 -15.52
C ARG E 100 -28.69 -72.13 -15.63
N GLY E 101 -29.22 -71.13 -16.33
CA GLY E 101 -28.51 -69.88 -16.51
C GLY E 101 -28.44 -69.02 -15.27
N ASN E 102 -29.38 -69.21 -14.33
CA ASN E 102 -29.38 -68.40 -13.11
C ASN E 102 -28.19 -68.74 -12.22
N TYR E 103 -27.96 -70.02 -11.97
CA TYR E 103 -26.87 -70.46 -11.10
C TYR E 103 -26.55 -71.90 -11.41
N VAL E 104 -25.39 -72.34 -10.93
CA VAL E 104 -24.98 -73.75 -11.11
C VAL E 104 -25.88 -74.67 -10.30
N VAL E 105 -26.28 -74.23 -9.09
CA VAL E 105 -27.16 -75.04 -8.26
C VAL E 105 -28.57 -75.12 -8.83
N MET E 106 -28.96 -74.16 -9.67
CA MET E 106 -30.28 -74.17 -10.27
C MET E 106 -30.46 -75.25 -11.33
N ASP E 107 -29.36 -75.85 -11.80
CA ASP E 107 -29.43 -76.91 -12.81
C ASP E 107 -29.72 -78.25 -12.12
N TYR E 108 -30.96 -78.38 -11.64
CA TYR E 108 -31.41 -79.58 -10.94
C TYR E 108 -32.70 -80.05 -11.60
N TRP E 109 -32.59 -81.05 -12.48
CA TRP E 109 -33.74 -81.59 -13.18
C TRP E 109 -34.58 -82.45 -12.24
N GLY E 110 -35.81 -82.75 -12.67
CA GLY E 110 -36.70 -83.57 -11.87
C GLY E 110 -36.33 -85.04 -11.92
N GLN E 111 -37.06 -85.82 -11.11
CA GLN E 111 -36.82 -87.26 -11.04
C GLN E 111 -37.15 -87.94 -12.37
N GLY E 112 -38.29 -87.58 -12.95
CA GLY E 112 -38.70 -88.15 -14.23
C GLY E 112 -39.25 -89.56 -14.13
N THR E 113 -40.18 -89.89 -15.02
CA THR E 113 -40.76 -91.23 -15.06
C THR E 113 -41.21 -91.53 -16.47
N SER E 114 -41.30 -92.82 -16.79
CA SER E 114 -41.67 -93.29 -18.11
C SER E 114 -43.02 -93.99 -18.08
N VAL E 115 -43.67 -94.01 -19.24
CA VAL E 115 -44.98 -94.64 -19.40
C VAL E 115 -44.97 -95.48 -20.66
N THR E 116 -45.92 -96.42 -20.72
CA THR E 116 -46.08 -97.31 -21.87
C THR E 116 -47.54 -97.24 -22.32
N VAL E 117 -47.82 -96.28 -23.20
CA VAL E 117 -49.18 -96.08 -23.71
C VAL E 117 -49.32 -96.70 -25.10
N ASN E 135 -31.44 -78.75 -33.24
CA ASN E 135 -30.95 -79.69 -32.23
C ASN E 135 -29.44 -79.60 -32.09
N ILE E 136 -28.85 -80.56 -31.37
CA ILE E 136 -27.41 -80.63 -31.16
C ILE E 136 -26.92 -82.00 -31.59
N VAL E 137 -25.86 -82.02 -32.39
CA VAL E 137 -25.28 -83.25 -32.90
C VAL E 137 -23.85 -83.36 -32.38
N LEU E 138 -23.55 -84.46 -31.70
CA LEU E 138 -22.22 -84.69 -31.15
C LEU E 138 -21.99 -86.18 -31.01
N THR E 139 -20.71 -86.55 -30.91
CA THR E 139 -20.30 -87.95 -30.75
C THR E 139 -19.27 -88.02 -29.64
N GLN E 140 -19.56 -88.80 -28.60
CA GLN E 140 -18.69 -88.94 -27.44
C GLN E 140 -17.97 -90.28 -27.48
N SER E 141 -16.67 -90.25 -27.21
CA SER E 141 -15.83 -91.43 -27.20
C SER E 141 -14.98 -91.44 -25.95
N PRO E 142 -14.68 -92.64 -25.41
CA PRO E 142 -15.10 -93.98 -25.84
C PRO E 142 -16.52 -94.32 -25.37
N ALA E 143 -17.26 -95.11 -26.17
CA ALA E 143 -18.61 -95.49 -25.77
C ALA E 143 -18.60 -96.47 -24.61
N SER E 144 -17.68 -97.42 -24.61
CA SER E 144 -17.56 -98.42 -23.55
C SER E 144 -16.32 -98.09 -22.73
N LEU E 145 -16.54 -97.59 -21.51
CA LEU E 145 -15.45 -97.23 -20.60
C LEU E 145 -15.68 -97.92 -19.26
N ALA E 146 -14.60 -98.45 -18.69
CA ALA E 146 -14.66 -99.13 -17.41
C ALA E 146 -13.31 -99.01 -16.72
N VAL E 147 -13.27 -98.32 -15.59
CA VAL E 147 -12.05 -98.13 -14.83
C VAL E 147 -12.32 -98.40 -13.36
N SER E 148 -11.25 -98.66 -12.62
CA SER E 148 -11.36 -98.93 -11.19
C SER E 148 -11.59 -97.63 -10.43
N LEU E 149 -11.90 -97.77 -9.13
CA LEU E 149 -12.14 -96.63 -8.29
C LEU E 149 -10.87 -95.82 -8.07
N GLY E 150 -11.00 -94.50 -8.07
CA GLY E 150 -9.86 -93.61 -7.89
C GLY E 150 -9.07 -93.32 -9.14
N GLN E 151 -9.46 -93.86 -10.29
CA GLN E 151 -8.75 -93.61 -11.54
C GLN E 151 -9.21 -92.30 -12.16
N ARG E 152 -8.48 -91.86 -13.19
CA ARG E 152 -8.79 -90.65 -13.94
C ARG E 152 -9.35 -91.05 -15.30
N ALA E 153 -10.50 -90.48 -15.64
CA ALA E 153 -11.19 -90.79 -16.89
C ALA E 153 -11.38 -89.53 -17.72
N THR E 154 -11.09 -89.64 -19.01
CA THR E 154 -11.26 -88.54 -19.96
C THR E 154 -12.07 -89.02 -21.14
N ILE E 155 -13.11 -88.26 -21.50
CA ILE E 155 -13.98 -88.58 -22.62
C ILE E 155 -14.02 -87.38 -23.55
N SER E 156 -13.88 -87.62 -24.85
CA SER E 156 -13.84 -86.56 -25.85
C SER E 156 -15.14 -86.58 -26.63
N CYS E 157 -15.82 -85.43 -26.68
CA CYS E 157 -17.09 -85.30 -27.39
C CYS E 157 -16.88 -84.35 -28.56
N ARG E 158 -16.73 -84.91 -29.76
CA ARG E 158 -16.59 -84.11 -30.96
C ARG E 158 -17.93 -83.58 -31.41
N ALA E 159 -17.93 -82.35 -31.92
CA ALA E 159 -19.14 -81.71 -32.40
C ALA E 159 -18.86 -81.01 -33.73
N SER E 160 -19.89 -80.90 -34.55
CA SER E 160 -19.78 -80.26 -35.86
C SER E 160 -19.99 -78.76 -35.80
N GLU E 161 -20.44 -78.21 -34.68
CA GLU E 161 -20.67 -76.79 -34.54
C GLU E 161 -19.45 -76.12 -33.92
N SER E 162 -19.56 -74.83 -33.61
CA SER E 162 -18.47 -74.11 -32.99
C SER E 162 -18.27 -74.57 -31.55
N VAL E 163 -17.01 -74.53 -31.10
CA VAL E 163 -16.68 -74.97 -29.76
C VAL E 163 -17.10 -73.95 -28.71
N ASP E 164 -17.38 -72.71 -29.12
CA ASP E 164 -17.77 -71.67 -28.19
C ASP E 164 -18.65 -70.65 -28.91
N SER E 165 -19.84 -70.41 -28.37
CA SER E 165 -20.78 -69.45 -28.93
C SER E 165 -20.77 -68.19 -28.09
N TYR E 166 -20.68 -67.03 -28.77
CA TYR E 166 -20.61 -65.71 -28.12
C TYR E 166 -19.43 -65.64 -27.14
N GLY E 167 -18.27 -66.07 -27.61
CA GLY E 167 -17.05 -66.01 -26.81
C GLY E 167 -16.84 -67.21 -25.91
N SER E 168 -17.63 -67.31 -24.85
CA SER E 168 -17.49 -68.42 -23.91
C SER E 168 -18.07 -69.70 -24.50
N SER E 169 -17.75 -70.82 -23.85
CA SER E 169 -18.27 -72.11 -24.27
C SER E 169 -19.77 -72.20 -24.03
N PHE E 170 -20.46 -72.90 -24.93
CA PHE E 170 -21.90 -73.07 -24.89
C PHE E 170 -22.26 -74.55 -24.97
N VAL E 171 -21.56 -75.38 -24.21
CA VAL E 171 -21.82 -76.81 -24.15
C VAL E 171 -21.86 -77.24 -22.70
N HIS E 172 -22.46 -78.41 -22.45
CA HIS E 172 -22.59 -78.92 -21.11
C HIS E 172 -22.62 -80.44 -21.15
N TRP E 173 -22.37 -81.06 -20.00
CA TRP E 173 -22.40 -82.51 -19.86
C TRP E 173 -23.39 -82.88 -18.77
N TYR E 174 -24.29 -83.81 -19.09
CA TYR E 174 -25.31 -84.27 -18.15
C TYR E 174 -25.04 -85.72 -17.81
N GLN E 175 -24.98 -86.02 -16.51
CA GLN E 175 -24.75 -87.37 -16.00
C GLN E 175 -26.11 -87.98 -15.67
N GLN E 176 -26.70 -88.66 -16.65
CA GLN E 176 -28.01 -89.28 -16.49
C GLN E 176 -27.85 -90.78 -16.27
N LYS E 177 -28.84 -91.35 -15.60
CA LYS E 177 -28.92 -92.78 -15.32
C LYS E 177 -30.32 -93.29 -15.63
N PRO E 178 -30.46 -94.59 -15.89
CA PRO E 178 -31.80 -95.13 -16.20
C PRO E 178 -32.67 -95.16 -14.95
N GLY E 179 -33.77 -94.41 -14.99
CA GLY E 179 -34.68 -94.34 -13.87
C GLY E 179 -34.27 -93.39 -12.77
N GLN E 180 -33.25 -92.57 -12.98
CA GLN E 180 -32.74 -91.65 -11.99
C GLN E 180 -32.73 -90.23 -12.54
N PRO E 181 -32.75 -89.22 -11.66
CA PRO E 181 -32.77 -87.83 -12.13
C PRO E 181 -31.44 -87.42 -12.71
N PRO E 182 -31.43 -86.93 -13.95
CA PRO E 182 -30.17 -86.46 -14.54
C PRO E 182 -29.65 -85.20 -13.84
N LYS E 183 -28.33 -85.08 -13.83
CA LYS E 183 -27.67 -83.94 -13.22
C LYS E 183 -26.60 -83.39 -14.17
N LEU E 184 -26.46 -82.08 -14.20
CA LEU E 184 -25.47 -81.42 -15.05
C LEU E 184 -24.21 -81.18 -14.22
N LEU E 185 -23.11 -81.84 -14.61
CA LEU E 185 -21.85 -81.72 -13.89
C LEU E 185 -21.04 -80.52 -14.37
N ILE E 186 -20.80 -80.41 -15.68
CA ILE E 186 -20.03 -79.33 -16.26
C ILE E 186 -20.94 -78.53 -17.17
N PHE E 187 -20.90 -77.21 -17.04
CA PHE E 187 -21.72 -76.31 -17.86
C PHE E 187 -20.87 -75.15 -18.32
N LEU E 188 -20.81 -74.95 -19.65
CA LEU E 188 -20.14 -73.81 -20.30
C LEU E 188 -18.64 -73.77 -20.04
N ALA E 189 -18.06 -74.86 -19.55
CA ALA E 189 -16.63 -75.01 -19.28
C ALA E 189 -16.09 -73.98 -18.30
N SER E 190 -16.96 -73.32 -17.53
CA SER E 190 -16.53 -72.33 -16.56
C SER E 190 -17.23 -72.44 -15.21
N LYS E 191 -18.32 -73.19 -15.10
CA LYS E 191 -19.05 -73.34 -13.84
C LYS E 191 -19.44 -74.80 -13.69
N LEU E 192 -18.80 -75.49 -12.74
CA LEU E 192 -19.09 -76.90 -12.49
C LEU E 192 -20.39 -77.02 -11.68
N GLU E 193 -20.73 -78.25 -11.33
CA GLU E 193 -21.96 -78.50 -10.56
C GLU E 193 -21.80 -77.98 -9.14
N SER E 194 -22.80 -77.24 -8.67
CA SER E 194 -22.79 -76.69 -7.33
C SER E 194 -23.36 -77.71 -6.33
N GLY E 195 -23.14 -77.43 -5.05
CA GLY E 195 -23.55 -78.35 -4.00
C GLY E 195 -22.59 -79.51 -3.85
N VAL E 196 -22.54 -80.37 -4.86
CA VAL E 196 -21.57 -81.46 -4.90
C VAL E 196 -20.61 -81.18 -6.06
N PRO E 197 -19.40 -80.68 -5.78
CA PRO E 197 -18.48 -80.31 -6.86
C PRO E 197 -17.85 -81.54 -7.49
N ALA E 198 -18.27 -81.85 -8.72
CA ALA E 198 -17.71 -82.96 -9.45
C ALA E 198 -16.29 -82.64 -9.91
N ARG E 199 -15.43 -83.66 -9.89
CA ARG E 199 -14.03 -83.48 -10.30
C ARG E 199 -13.88 -83.32 -11.81
N PHE E 200 -14.91 -83.64 -12.59
CA PHE E 200 -14.85 -83.56 -14.05
C PHE E 200 -15.53 -82.27 -14.49
N SER E 201 -14.78 -81.43 -15.22
CA SER E 201 -15.32 -80.17 -15.71
C SER E 201 -14.58 -79.79 -16.98
N GLY E 202 -15.21 -78.93 -17.78
CA GLY E 202 -14.58 -78.46 -19.00
C GLY E 202 -13.46 -77.47 -18.73
N SER E 203 -12.43 -77.54 -19.58
CA SER E 203 -11.27 -76.67 -19.43
C SER E 203 -10.59 -76.52 -20.77
N GLY E 204 -9.76 -75.49 -20.89
CA GLY E 204 -9.01 -75.24 -22.09
C GLY E 204 -9.89 -74.70 -23.22
N SER E 205 -9.31 -74.74 -24.44
CA SER E 205 -10.04 -74.33 -25.62
C SER E 205 -11.22 -75.25 -25.88
N ARG E 206 -11.02 -76.56 -25.69
CA ARG E 206 -12.06 -77.59 -25.78
C ARG E 206 -12.75 -77.60 -27.15
N THR E 207 -11.95 -77.93 -28.17
CA THR E 207 -12.52 -78.19 -29.49
C THR E 207 -13.49 -79.37 -29.43
N ASP E 208 -13.12 -80.41 -28.71
CA ASP E 208 -14.02 -81.48 -28.31
C ASP E 208 -14.22 -81.40 -26.80
N PHE E 209 -15.47 -81.57 -26.36
CA PHE E 209 -15.79 -81.44 -24.94
C PHE E 209 -15.10 -82.54 -24.14
N THR E 210 -14.32 -82.13 -23.14
CA THR E 210 -13.55 -83.05 -22.32
C THR E 210 -13.72 -82.70 -20.85
N LEU E 211 -13.69 -83.73 -20.01
CA LEU E 211 -13.83 -83.54 -18.57
C LEU E 211 -13.04 -84.64 -17.88
N THR E 212 -11.95 -84.26 -17.20
CA THR E 212 -11.07 -85.21 -16.53
C THR E 212 -11.61 -85.49 -15.13
N ILE E 213 -12.16 -86.69 -14.95
CA ILE E 213 -12.69 -87.12 -13.66
C ILE E 213 -11.57 -87.79 -12.89
N ASP E 214 -11.15 -87.18 -11.79
CA ASP E 214 -10.09 -87.71 -10.96
C ASP E 214 -10.23 -87.19 -9.53
N PRO E 215 -10.41 -88.07 -8.53
CA PRO E 215 -10.50 -89.54 -8.63
C PRO E 215 -11.91 -90.00 -8.96
N VAL E 216 -12.04 -91.22 -9.51
CA VAL E 216 -13.35 -91.78 -9.84
C VAL E 216 -13.96 -92.38 -8.58
N GLU E 217 -15.26 -92.68 -8.63
CA GLU E 217 -15.95 -93.25 -7.48
C GLU E 217 -17.11 -94.09 -7.98
N ALA E 218 -17.62 -94.94 -7.07
CA ALA E 218 -18.77 -95.77 -7.40
C ALA E 218 -20.02 -94.93 -7.64
N ASP E 219 -20.21 -93.87 -6.86
CA ASP E 219 -21.36 -93.00 -7.03
C ASP E 219 -21.25 -92.12 -8.28
N ASP E 220 -20.04 -91.99 -8.84
CA ASP E 220 -19.82 -91.19 -10.04
C ASP E 220 -19.87 -92.02 -11.32
N ALA E 221 -20.61 -93.13 -11.31
CA ALA E 221 -20.75 -93.99 -12.47
C ALA E 221 -22.13 -93.77 -13.08
N ALA E 222 -22.16 -93.06 -14.21
CA ALA E 222 -23.41 -92.76 -14.90
C ALA E 222 -23.11 -92.49 -16.37
N THR E 223 -24.18 -92.36 -17.16
CA THR E 223 -24.05 -92.09 -18.58
C THR E 223 -23.89 -90.59 -18.79
N TYR E 224 -22.73 -90.18 -19.30
CA TYR E 224 -22.44 -88.77 -19.53
C TYR E 224 -22.77 -88.43 -20.98
N TYR E 225 -23.71 -87.51 -21.17
CA TYR E 225 -24.13 -87.08 -22.50
C TYR E 225 -23.79 -85.60 -22.67
N CYS E 226 -23.15 -85.28 -23.78
CA CYS E 226 -22.74 -83.91 -24.08
C CYS E 226 -23.81 -83.23 -24.92
N GLN E 227 -24.41 -82.16 -24.38
CA GLN E 227 -25.41 -81.38 -25.07
C GLN E 227 -24.87 -79.98 -25.31
N GLN E 228 -24.92 -79.53 -26.56
CA GLN E 228 -24.40 -78.22 -26.93
C GLN E 228 -25.55 -77.23 -27.02
N THR E 229 -25.49 -76.18 -26.19
CA THR E 229 -26.47 -75.11 -26.25
C THR E 229 -26.15 -74.09 -27.34
N ASN E 230 -24.98 -74.21 -27.97
CA ASN E 230 -24.63 -73.30 -29.07
C ASN E 230 -25.56 -73.52 -30.27
N GLU E 231 -25.90 -74.76 -30.57
CA GLU E 231 -26.77 -75.10 -31.69
C GLU E 231 -28.20 -75.23 -31.17
N ASP E 232 -29.11 -74.46 -31.74
CA ASP E 232 -30.51 -74.52 -31.32
C ASP E 232 -31.16 -75.79 -31.86
N PRO E 233 -31.83 -76.58 -31.02
CA PRO E 233 -32.04 -76.39 -29.57
C PRO E 233 -31.16 -77.29 -28.74
N TYR E 234 -31.32 -77.26 -27.41
CA TYR E 234 -30.53 -78.09 -26.52
C TYR E 234 -31.07 -79.52 -26.57
N THR E 235 -30.36 -80.39 -27.29
CA THR E 235 -30.74 -81.79 -27.44
C THR E 235 -29.58 -82.67 -27.00
N PHE E 236 -29.87 -83.65 -26.15
CA PHE E 236 -28.84 -84.56 -25.67
C PHE E 236 -28.40 -85.50 -26.79
N GLY E 237 -27.09 -85.72 -26.88
CA GLY E 237 -26.52 -86.60 -27.87
C GLY E 237 -26.47 -88.04 -27.41
N GLY E 238 -25.71 -88.85 -28.15
CA GLY E 238 -25.54 -90.24 -27.78
C GLY E 238 -24.81 -90.42 -26.47
N GLY E 239 -23.75 -89.64 -26.25
CA GLY E 239 -23.03 -89.67 -25.00
C GLY E 239 -22.09 -90.86 -24.87
N THR E 240 -21.47 -90.97 -23.70
CA THR E 240 -20.56 -92.04 -23.39
C THR E 240 -20.99 -92.71 -22.09
N LYS E 241 -20.90 -94.04 -22.06
CA LYS E 241 -21.29 -94.81 -20.88
C LYS E 241 -20.09 -95.02 -19.98
N LEU E 242 -20.28 -94.80 -18.68
CA LEU E 242 -19.22 -94.98 -17.69
C LEU E 242 -19.72 -95.87 -16.57
N GLU E 243 -18.86 -96.77 -16.11
CA GLU E 243 -19.20 -97.70 -15.04
C GLU E 243 -17.99 -97.80 -14.11
N ILE E 244 -18.06 -98.73 -13.16
CA ILE E 244 -16.99 -98.97 -12.20
C ILE E 244 -16.48 -100.39 -12.44
N LYS E 245 -15.25 -100.51 -12.91
CA LYS E 245 -14.64 -101.80 -13.17
C LYS E 245 -14.16 -102.43 -11.86
N ARG E 246 -14.48 -103.69 -11.64
CA ARG E 246 -14.07 -104.39 -10.44
C ARG E 246 -13.02 -105.46 -10.76
N GLU F 1 2.39 58.35 55.85
CA GLU F 1 3.17 59.52 56.23
C GLU F 1 3.91 59.29 57.54
N VAL F 2 5.24 59.32 57.48
CA VAL F 2 6.05 59.13 58.69
C VAL F 2 5.96 60.38 59.56
N LYS F 3 6.23 60.19 60.85
CA LYS F 3 6.18 61.27 61.83
C LYS F 3 7.60 61.59 62.31
N LEU F 4 7.90 62.88 62.41
CA LEU F 4 9.19 63.34 62.91
C LEU F 4 8.97 64.25 64.11
N LEU F 5 9.68 63.97 65.20
CA LEU F 5 9.59 64.75 66.43
C LEU F 5 10.95 65.37 66.73
N GLU F 6 10.96 66.69 66.93
CA GLU F 6 12.18 67.42 67.25
C GLU F 6 11.85 68.47 68.28
N SER F 7 12.36 68.30 69.50
CA SER F 7 12.11 69.23 70.59
C SER F 7 13.36 69.35 71.44
N GLY F 8 13.47 70.47 72.15
CA GLY F 8 14.61 70.70 73.01
C GLY F 8 15.46 71.88 72.58
N GLY F 9 14.85 72.83 71.87
CA GLY F 9 15.57 74.01 71.43
C GLY F 9 15.84 74.99 72.53
N GLY F 10 17.12 75.25 72.81
CA GLY F 10 17.49 76.17 73.87
C GLY F 10 18.93 76.61 73.73
N LEU F 11 19.25 77.70 74.41
CA LEU F 11 20.59 78.25 74.37
C LEU F 11 21.55 77.37 75.17
N VAL F 12 22.83 77.47 74.83
CA VAL F 12 23.89 76.71 75.48
C VAL F 12 24.99 77.69 75.90
N GLN F 13 26.04 77.14 76.50
CA GLN F 13 27.17 77.93 76.96
C GLN F 13 28.09 78.28 75.79
N PRO F 14 29.11 79.10 76.03
CA PRO F 14 30.03 79.45 74.94
C PRO F 14 30.96 78.30 74.58
N GLY F 15 30.78 77.74 73.40
CA GLY F 15 31.59 76.63 72.95
C GLY F 15 31.12 75.27 73.41
N GLY F 16 30.05 75.19 74.18
CA GLY F 16 29.56 73.90 74.62
C GLY F 16 28.87 73.13 73.51
N SER F 17 29.03 71.81 73.56
CA SER F 17 28.41 70.95 72.56
C SER F 17 26.91 70.86 72.78
N LEU F 18 26.15 70.97 71.68
CA LEU F 18 24.70 70.90 71.71
C LEU F 18 24.22 69.71 70.90
N LYS F 19 23.09 69.14 71.31
CA LYS F 19 22.51 67.99 70.65
C LYS F 19 21.01 68.19 70.48
N LEU F 20 20.49 67.73 69.35
CA LEU F 20 19.06 67.81 69.04
C LEU F 20 18.50 66.41 68.89
N SER F 21 17.37 66.15 69.53
CA SER F 21 16.73 64.83 69.48
C SER F 21 15.75 64.80 68.32
N CYS F 22 16.04 63.97 67.32
CA CYS F 22 15.17 63.80 66.16
C CYS F 22 14.68 62.35 66.16
N ALA F 23 13.41 62.17 66.51
CA ALA F 23 12.82 60.84 66.62
C ALA F 23 11.91 60.58 65.42
N ALA F 24 12.13 59.45 64.76
CA ALA F 24 11.32 59.03 63.62
C ALA F 24 10.24 58.08 64.13
N SER F 25 9.08 58.63 64.46
CA SER F 25 7.96 57.84 64.96
C SER F 25 7.07 57.40 63.82
N GLY F 26 6.63 56.15 63.88
CA GLY F 26 5.79 55.56 62.85
C GLY F 26 6.53 54.92 61.69
N PHE F 27 7.85 55.04 61.65
CA PHE F 27 8.65 54.46 60.57
C PHE F 27 10.07 54.26 61.09
N ASP F 28 10.99 53.97 60.17
CA ASP F 28 12.40 53.78 60.50
C ASP F 28 13.25 54.48 59.46
N PHE F 29 14.49 54.77 59.85
CA PHE F 29 15.42 55.45 58.94
C PHE F 29 16.00 54.53 57.88
N SER F 30 15.76 53.22 57.97
CA SER F 30 16.23 52.30 56.94
C SER F 30 15.44 52.48 55.64
N GLU F 31 14.15 52.77 55.75
CA GLU F 31 13.32 52.99 54.56
C GLU F 31 13.68 54.31 53.87
N TYR F 32 13.85 55.37 54.66
CA TYR F 32 14.22 56.67 54.13
C TYR F 32 15.31 57.27 55.01
N TRP F 33 16.42 57.67 54.39
CA TRP F 33 17.54 58.22 55.14
C TRP F 33 17.19 59.59 55.71
N MET F 34 17.66 59.85 56.93
CA MET F 34 17.39 61.10 57.61
C MET F 34 18.52 62.09 57.35
N SER F 35 18.16 63.30 56.92
CA SER F 35 19.12 64.34 56.63
C SER F 35 18.79 65.58 57.46
N TRP F 36 19.82 66.22 58.00
CA TRP F 36 19.66 67.39 58.84
C TRP F 36 20.00 68.64 58.03
N VAL F 37 19.13 69.64 58.12
CA VAL F 37 19.29 70.89 57.38
C VAL F 37 19.24 72.04 58.38
N ARG F 38 20.18 72.96 58.25
CA ARG F 38 20.28 74.13 59.12
C ARG F 38 19.88 75.37 58.36
N GLN F 39 18.95 76.15 58.92
CA GLN F 39 18.47 77.38 58.32
C GLN F 39 18.62 78.51 59.32
N ALA F 40 19.20 79.63 58.86
CA ALA F 40 19.35 80.81 59.70
C ALA F 40 18.06 81.62 59.72
N PRO F 41 17.91 82.51 60.68
CA PRO F 41 16.70 83.36 60.74
C PRO F 41 16.70 84.36 59.61
N GLY F 42 15.64 84.34 58.81
CA GLY F 42 15.54 85.20 57.64
C GLY F 42 16.55 84.88 56.55
N LYS F 43 16.80 83.60 56.30
CA LYS F 43 17.76 83.18 55.30
C LYS F 43 17.38 81.79 54.81
N GLY F 44 17.94 81.43 53.66
CA GLY F 44 17.66 80.13 53.08
C GLY F 44 18.30 78.99 53.86
N LEU F 45 17.71 77.81 53.71
CA LEU F 45 18.20 76.62 54.40
C LEU F 45 19.47 76.10 53.75
N GLU F 46 20.28 75.43 54.56
CA GLU F 46 21.53 74.82 54.10
C GLU F 46 21.60 73.38 54.60
N TRP F 47 22.14 72.51 53.78
CA TRP F 47 22.26 71.09 54.14
C TRP F 47 23.35 70.92 55.18
N ILE F 48 22.96 70.63 56.42
CA ILE F 48 23.94 70.46 57.49
C ILE F 48 24.57 69.08 57.45
N GLY F 49 23.84 68.07 56.97
CA GLY F 49 24.39 66.73 56.91
C GLY F 49 23.46 65.72 56.26
N GLU F 50 24.03 64.78 55.51
CA GLU F 50 23.29 63.71 54.86
C GLU F 50 23.79 62.38 55.37
N ILE F 51 22.87 61.50 55.75
CA ILE F 51 23.23 60.20 56.29
C ILE F 51 22.75 59.10 55.34
N ASN F 52 23.09 57.85 55.65
CA ASN F 52 22.71 56.71 54.83
C ASN F 52 21.62 55.90 55.51
N PRO F 53 20.78 55.21 54.72
CA PRO F 53 19.72 54.39 55.35
C PRO F 53 20.25 53.14 56.02
N ASP F 54 21.39 52.60 55.57
CA ASP F 54 21.96 51.40 56.15
C ASP F 54 22.94 51.69 57.28
N SER F 55 23.13 52.96 57.64
CA SER F 55 24.04 53.39 58.70
C SER F 55 25.47 52.89 58.44
N SER F 56 25.93 53.06 57.21
CA SER F 56 27.28 52.68 56.81
C SER F 56 28.23 53.86 56.75
N SER F 57 27.88 54.91 56.01
CA SER F 57 28.70 56.10 55.90
C SER F 57 27.81 57.33 55.91
N ILE F 58 28.25 58.37 56.61
CA ILE F 58 27.48 59.60 56.74
C ILE F 58 28.34 60.76 56.22
N ASP F 59 27.65 61.78 55.71
CA ASP F 59 28.30 62.97 55.18
C ASP F 59 28.09 64.14 56.14
N TYR F 60 28.58 65.31 55.73
CA TYR F 60 28.49 66.52 56.53
C TYR F 60 28.16 67.69 55.63
N THR F 61 28.11 68.89 56.22
CA THR F 61 27.82 70.08 55.45
C THR F 61 28.98 70.43 54.51
N PRO F 62 28.70 70.88 53.29
CA PRO F 62 29.79 71.28 52.39
C PRO F 62 30.56 72.49 52.89
N SER F 63 29.96 73.36 53.70
CA SER F 63 30.66 74.53 54.20
C SER F 63 31.55 74.17 55.39
N LEU F 64 30.99 73.52 56.40
CA LEU F 64 31.73 73.10 57.60
C LEU F 64 31.56 71.58 57.71
N LYS F 65 32.54 70.84 57.19
CA LYS F 65 32.46 69.39 57.21
C LYS F 65 32.91 68.81 58.55
N ASP F 66 34.15 69.09 58.94
CA ASP F 66 34.70 68.55 60.18
C ASP F 66 34.22 69.28 61.41
N LYS F 67 33.55 70.43 61.27
CA LYS F 67 33.10 71.19 62.42
C LYS F 67 31.87 70.59 63.08
N ILE F 68 31.12 69.74 62.39
CA ILE F 68 29.91 69.14 62.92
C ILE F 68 29.89 67.67 62.56
N ILE F 69 29.48 66.83 63.53
CA ILE F 69 29.39 65.39 63.33
C ILE F 69 27.98 64.94 63.72
N ILE F 70 27.33 64.21 62.82
CA ILE F 70 25.96 63.72 63.03
C ILE F 70 25.99 62.20 63.04
N SER F 71 25.45 61.60 64.09
CA SER F 71 25.37 60.15 64.22
C SER F 71 23.90 59.75 64.28
N ARG F 72 23.52 58.79 63.44
CA ARG F 72 22.13 58.34 63.34
C ARG F 72 22.07 56.82 63.43
N ASP F 73 21.02 56.33 64.08
CA ASP F 73 20.74 54.90 64.19
C ASP F 73 19.40 54.62 63.54
N ASN F 74 19.40 53.76 62.52
CA ASN F 74 18.18 53.44 61.79
C ASN F 74 17.26 52.52 62.60
N ALA F 75 17.83 51.53 63.29
CA ALA F 75 17.02 50.63 64.11
C ALA F 75 16.35 51.39 65.26
N LYS F 76 17.11 52.26 65.92
CA LYS F 76 16.52 53.14 66.92
C LYS F 76 15.86 54.37 66.30
N LYS F 77 16.17 54.65 65.02
CA LYS F 77 15.61 55.79 64.29
C LYS F 77 15.86 57.11 65.01
N THR F 78 17.06 57.27 65.56
CA THR F 78 17.40 58.45 66.34
C THR F 78 18.67 59.07 65.80
N LEU F 79 18.65 60.38 65.57
CA LEU F 79 19.79 61.11 65.03
C LEU F 79 20.17 62.24 65.96
N TYR F 80 21.47 62.41 66.18
CA TYR F 80 21.99 63.47 67.03
C TYR F 80 23.19 64.12 66.35
N LEU F 81 23.19 65.45 66.31
CA LEU F 81 24.26 66.22 65.70
C LEU F 81 24.96 67.04 66.78
N GLN F 82 26.30 67.02 66.76
CA GLN F 82 27.11 67.73 67.73
C GLN F 82 28.15 68.56 67.00
N LEU F 83 28.64 69.59 67.68
CA LEU F 83 29.64 70.48 67.11
C LEU F 83 30.47 71.08 68.24
N SER F 84 31.50 71.83 67.85
CA SER F 84 32.40 72.48 68.79
C SER F 84 32.63 73.91 68.36
N LYS F 85 32.97 74.77 69.34
CA LYS F 85 33.20 76.20 69.15
C LYS F 85 31.99 76.87 68.51
N VAL F 86 30.84 76.72 69.16
CA VAL F 86 29.60 77.29 68.66
C VAL F 86 29.61 78.80 68.87
N ARG F 87 29.29 79.54 67.81
CA ARG F 87 29.24 80.99 67.83
C ARG F 87 27.79 81.47 67.77
N SER F 88 27.61 82.78 67.75
CA SER F 88 26.27 83.36 67.65
C SER F 88 25.62 83.02 66.31
N GLU F 89 26.38 83.10 65.22
CA GLU F 89 25.84 82.77 63.91
C GLU F 89 25.69 81.27 63.69
N ASP F 90 26.42 80.45 64.46
CA ASP F 90 26.33 79.00 64.31
C ASP F 90 25.06 78.43 64.91
N THR F 91 24.35 79.19 65.75
CA THR F 91 23.12 78.72 66.38
C THR F 91 21.95 79.00 65.44
N ALA F 92 21.74 78.08 64.50
CA ALA F 92 20.67 78.16 63.53
C ALA F 92 19.65 77.06 63.78
N LEU F 93 18.50 77.18 63.13
CA LEU F 93 17.42 76.22 63.29
C LEU F 93 17.76 74.96 62.52
N TYR F 94 17.97 73.85 63.24
CA TYR F 94 18.31 72.58 62.63
C TYR F 94 17.10 71.66 62.65
N TYR F 95 16.75 71.12 61.47
CA TYR F 95 15.59 70.26 61.34
C TYR F 95 15.96 69.00 60.57
N CYS F 96 15.43 67.86 61.01
CA CYS F 96 15.66 66.58 60.36
C CYS F 96 14.51 66.25 59.43
N ALA F 97 14.82 65.66 58.28
CA ALA F 97 13.83 65.32 57.27
C ALA F 97 14.15 63.96 56.66
N ARG F 98 13.11 63.17 56.42
CA ARG F 98 13.27 61.88 55.77
C ARG F 98 13.51 62.07 54.27
N PRO F 99 14.01 61.04 53.59
CA PRO F 99 14.29 61.17 52.15
C PRO F 99 13.00 61.25 51.35
N ARG F 100 12.90 62.28 50.52
CA ARG F 100 11.70 62.51 49.71
C ARG F 100 11.65 61.66 48.46
N GLY F 101 12.75 61.00 48.09
CA GLY F 101 12.77 60.18 46.89
C GLY F 101 12.01 58.88 47.01
N ASN F 102 11.81 58.39 48.24
CA ASN F 102 11.09 57.13 48.42
C ASN F 102 9.61 57.28 48.09
N TYR F 103 8.97 58.32 48.62
CA TYR F 103 7.55 58.54 48.39
C TYR F 103 7.24 60.01 48.66
N VAL F 104 6.06 60.42 48.19
CA VAL F 104 5.61 61.79 48.42
C VAL F 104 5.28 61.99 49.90
N VAL F 105 4.70 60.99 50.54
CA VAL F 105 4.39 61.07 51.97
C VAL F 105 5.66 61.09 52.82
N MET F 106 6.77 60.53 52.30
CA MET F 106 8.02 60.51 53.04
C MET F 106 8.66 61.88 53.19
N ASP F 107 8.21 62.88 52.42
CA ASP F 107 8.75 64.24 52.51
C ASP F 107 8.07 64.98 53.66
N TYR F 108 8.42 64.56 54.88
CA TYR F 108 7.87 65.14 56.10
C TYR F 108 9.04 65.54 57.00
N TRP F 109 9.38 66.82 56.99
CA TRP F 109 10.48 67.33 57.80
C TRP F 109 10.06 67.42 59.26
N GLY F 110 11.06 67.57 60.14
CA GLY F 110 10.81 67.68 61.56
C GLY F 110 10.25 69.04 61.95
N GLN F 111 9.88 69.14 63.23
CA GLN F 111 9.33 70.39 63.75
C GLN F 111 10.38 71.50 63.72
N GLY F 112 11.61 71.20 64.16
CA GLY F 112 12.67 72.19 64.15
C GLY F 112 12.59 73.20 65.27
N THR F 113 13.75 73.66 65.73
CA THR F 113 13.80 74.68 66.78
C THR F 113 15.08 75.49 66.63
N SER F 114 15.06 76.70 67.16
CA SER F 114 16.17 77.63 67.06
C SER F 114 16.78 77.87 68.43
N VAL F 115 18.06 78.27 68.41
CA VAL F 115 18.81 78.56 69.63
C VAL F 115 19.56 79.87 69.44
N THR F 116 19.96 80.46 70.57
CA THR F 116 20.71 81.72 70.60
C THR F 116 21.94 81.50 71.46
N VAL F 117 23.02 81.03 70.83
CA VAL F 117 24.27 80.77 71.54
C VAL F 117 25.25 81.90 71.31
N ASN F 135 25.04 74.85 45.68
CA ASN F 135 23.75 75.29 46.20
C ASN F 135 22.76 75.51 45.07
N ILE F 136 21.63 76.14 45.39
CA ILE F 136 20.58 76.44 44.43
C ILE F 136 20.27 77.92 44.49
N VAL F 137 20.25 78.57 43.34
CA VAL F 137 19.98 80.01 43.23
C VAL F 137 18.70 80.19 42.43
N LEU F 138 17.73 80.88 43.03
CA LEU F 138 16.46 81.14 42.37
C LEU F 138 15.84 82.40 42.95
N THR F 139 14.90 82.98 42.21
CA THR F 139 14.20 84.19 42.62
C THR F 139 12.71 84.00 42.36
N GLN F 140 11.92 84.11 43.43
CA GLN F 140 10.47 83.89 43.35
C GLN F 140 9.74 85.23 43.41
N SER F 141 8.76 85.41 42.54
CA SER F 141 7.97 86.61 42.45
C SER F 141 6.49 86.23 42.39
N PRO F 142 5.61 87.08 42.96
CA PRO F 142 5.86 88.31 43.71
C PRO F 142 6.29 88.05 45.15
N ALA F 143 7.14 88.90 45.72
CA ALA F 143 7.56 88.71 47.10
C ALA F 143 6.44 89.00 48.08
N SER F 144 5.65 90.04 47.83
CA SER F 144 4.53 90.42 48.68
C SER F 144 3.24 90.06 47.97
N LEU F 145 2.57 89.02 48.45
CA LEU F 145 1.30 88.56 47.87
C LEU F 145 0.25 88.48 48.97
N ALA F 146 -0.96 88.92 48.65
CA ALA F 146 -2.08 88.88 49.59
C ALA F 146 -3.37 88.79 48.80
N VAL F 147 -4.09 87.68 48.99
CA VAL F 147 -5.36 87.45 48.29
C VAL F 147 -6.37 86.93 49.30
N SER F 148 -7.64 87.08 48.94
CA SER F 148 -8.73 86.61 49.78
C SER F 148 -8.85 85.08 49.72
N LEU F 149 -9.68 84.54 50.60
CA LEU F 149 -9.91 83.10 50.64
C LEU F 149 -10.65 82.63 49.40
N GLY F 150 -10.23 81.49 48.86
CA GLY F 150 -10.84 80.93 47.67
C GLY F 150 -10.29 81.44 46.37
N GLN F 151 -9.31 82.35 46.40
CA GLN F 151 -8.74 82.89 45.18
C GLN F 151 -7.66 81.96 44.63
N ARG F 152 -7.22 82.25 43.41
CA ARG F 152 -6.17 81.50 42.74
C ARG F 152 -4.89 82.33 42.75
N ALA F 153 -3.79 81.72 43.19
CA ALA F 153 -2.51 82.40 43.31
C ALA F 153 -1.46 81.67 42.48
N THR F 154 -0.68 82.43 41.71
CA THR F 154 0.39 81.89 40.90
C THR F 154 1.68 82.65 41.20
N ILE F 155 2.75 81.91 41.47
CA ILE F 155 4.05 82.49 41.77
C ILE F 155 5.08 81.90 40.82
N SER F 156 5.91 82.76 40.24
CA SER F 156 6.91 82.34 39.27
C SER F 156 8.30 82.40 39.92
N CYS F 157 9.01 81.28 39.88
CA CYS F 157 10.34 81.17 40.47
C CYS F 157 11.34 80.97 39.33
N ARG F 158 12.00 82.05 38.94
CA ARG F 158 13.04 81.97 37.92
C ARG F 158 14.32 81.38 38.49
N ALA F 159 15.03 80.62 37.65
CA ALA F 159 16.27 79.98 38.05
C ALA F 159 17.26 80.07 36.91
N SER F 160 18.55 79.97 37.27
CA SER F 160 19.62 80.06 36.28
C SER F 160 20.04 78.70 35.74
N GLU F 161 19.69 77.61 36.41
CA GLU F 161 20.04 76.28 35.97
C GLU F 161 18.97 75.75 35.00
N SER F 162 19.08 74.47 34.64
CA SER F 162 18.10 73.87 33.74
C SER F 162 16.78 73.64 34.47
N VAL F 163 15.70 73.60 33.68
CA VAL F 163 14.37 73.41 34.26
C VAL F 163 14.06 71.94 34.52
N ASP F 164 14.83 71.02 33.95
CA ASP F 164 14.60 69.59 34.14
C ASP F 164 15.93 68.86 34.06
N SER F 165 16.18 67.99 35.03
CA SER F 165 17.39 67.18 35.07
C SER F 165 17.03 65.71 34.92
N TYR F 166 17.73 65.03 34.02
CA TYR F 166 17.48 63.62 33.69
C TYR F 166 16.03 63.40 33.25
N GLY F 167 15.58 64.25 32.34
CA GLY F 167 14.24 64.14 31.79
C GLY F 167 13.18 64.90 32.57
N SER F 168 12.85 64.41 33.75
CA SER F 168 11.82 65.04 34.56
C SER F 168 12.37 66.28 35.27
N SER F 169 11.46 67.06 35.84
CA SER F 169 11.85 68.25 36.59
C SER F 169 12.55 67.85 37.88
N PHE F 170 13.51 68.67 38.31
CA PHE F 170 14.29 68.44 39.51
C PHE F 170 14.24 69.66 40.42
N VAL F 171 13.03 70.19 40.62
CA VAL F 171 12.80 71.32 41.51
C VAL F 171 11.60 71.00 42.40
N HIS F 172 11.51 71.73 43.52
CA HIS F 172 10.44 71.51 44.47
C HIS F 172 10.15 72.82 45.19
N TRP F 173 8.98 72.86 45.83
CA TRP F 173 8.54 74.01 46.60
C TRP F 173 8.20 73.56 48.02
N TYR F 174 8.75 74.27 49.00
CA TYR F 174 8.51 73.98 50.40
C TYR F 174 7.73 75.13 51.03
N GLN F 175 6.64 74.79 51.72
CA GLN F 175 5.80 75.77 52.40
C GLN F 175 6.22 75.80 53.87
N GLN F 176 7.15 76.68 54.20
CA GLN F 176 7.67 76.81 55.55
C GLN F 176 7.06 78.01 56.24
N LYS F 177 7.00 77.95 57.56
CA LYS F 177 6.48 79.01 58.41
C LYS F 177 7.44 79.24 59.56
N PRO F 178 7.42 80.44 60.17
CA PRO F 178 8.32 80.71 61.29
C PRO F 178 7.90 79.94 62.54
N GLY F 179 8.77 79.06 63.00
CA GLY F 179 8.48 78.25 64.16
C GLY F 179 7.62 77.04 63.91
N GLN F 180 7.37 76.68 62.66
CA GLN F 180 6.54 75.56 62.28
C GLN F 180 7.30 74.61 61.36
N PRO F 181 6.88 73.35 61.29
CA PRO F 181 7.59 72.38 60.46
C PRO F 181 7.33 72.63 58.98
N PRO F 182 8.38 72.79 58.19
CA PRO F 182 8.19 72.98 56.74
C PRO F 182 7.64 71.72 56.08
N LYS F 183 6.86 71.93 55.03
CA LYS F 183 6.26 70.84 54.27
C LYS F 183 6.47 71.08 52.78
N LEU F 184 6.75 70.00 52.05
CA LEU F 184 6.96 70.07 50.61
C LEU F 184 5.64 69.80 49.90
N LEU F 185 5.11 70.82 49.23
CA LEU F 185 3.83 70.69 48.53
C LEU F 185 4.00 70.10 47.14
N ILE F 186 4.86 70.70 46.32
CA ILE F 186 5.11 70.24 44.96
C ILE F 186 6.55 69.76 44.86
N PHE F 187 6.74 68.58 44.28
CA PHE F 187 8.06 67.99 44.12
C PHE F 187 8.19 67.41 42.73
N LEU F 188 9.21 67.86 41.99
CA LEU F 188 9.59 67.37 40.66
C LEU F 188 8.51 67.59 39.61
N ALA F 189 7.51 68.43 39.90
CA ALA F 189 6.42 68.78 38.98
C ALA F 189 5.61 67.57 38.52
N SER F 190 5.71 66.44 39.22
CA SER F 190 4.95 65.25 38.87
C SER F 190 4.33 64.55 40.06
N LYS F 191 4.71 64.86 41.28
CA LYS F 191 4.15 64.22 42.48
C LYS F 191 3.92 65.30 43.52
N LEU F 192 2.65 65.58 43.81
CA LEU F 192 2.30 66.58 44.81
C LEU F 192 2.44 65.99 46.21
N GLU F 193 2.08 66.80 47.22
CA GLU F 193 2.17 66.35 48.60
C GLU F 193 1.12 65.28 48.88
N SER F 194 1.54 64.19 49.51
CA SER F 194 0.64 63.10 49.85
C SER F 194 -0.03 63.37 51.20
N GLY F 195 -1.08 62.60 51.48
CA GLY F 195 -1.84 62.78 52.70
C GLY F 195 -2.82 63.95 52.57
N VAL F 196 -2.29 65.16 52.48
CA VAL F 196 -3.10 66.35 52.23
C VAL F 196 -2.74 66.88 50.85
N PRO F 197 -3.56 66.63 49.82
CA PRO F 197 -3.20 67.04 48.46
C PRO F 197 -3.38 68.53 48.28
N ALA F 198 -2.27 69.25 48.17
CA ALA F 198 -2.31 70.69 47.94
C ALA F 198 -2.74 70.97 46.50
N ARG F 199 -3.52 72.03 46.32
CA ARG F 199 -4.01 72.40 44.99
C ARG F 199 -2.91 73.00 44.13
N PHE F 200 -1.79 73.43 44.72
CA PHE F 200 -0.70 74.04 43.99
C PHE F 200 0.36 72.98 43.69
N SER F 201 0.66 72.80 42.41
CA SER F 201 1.66 71.83 41.99
C SER F 201 2.27 72.28 40.67
N GLY F 202 3.46 71.76 40.39
CA GLY F 202 4.14 72.09 39.14
C GLY F 202 3.49 71.40 37.95
N SER F 203 3.50 72.10 36.82
CA SER F 203 2.90 71.56 35.60
C SER F 203 3.55 72.23 34.40
N GLY F 204 3.39 71.60 33.24
CA GLY F 204 3.92 72.12 32.00
C GLY F 204 5.43 71.99 31.90
N SER F 205 5.98 72.74 30.94
CA SER F 205 7.44 72.78 30.76
C SER F 205 8.12 73.40 31.98
N ARG F 206 7.53 74.47 32.53
CA ARG F 206 7.97 75.11 33.76
C ARG F 206 9.42 75.60 33.66
N THR F 207 9.63 76.56 32.75
CA THR F 207 10.92 77.26 32.71
C THR F 207 11.18 77.99 34.02
N ASP F 208 10.15 78.62 34.57
CA ASP F 208 10.15 79.10 35.94
C ASP F 208 9.14 78.28 36.73
N PHE F 209 9.52 77.94 37.97
CA PHE F 209 8.66 77.09 38.80
C PHE F 209 7.36 77.80 39.12
N THR F 210 6.24 77.17 38.80
CA THR F 210 4.92 77.74 39.00
C THR F 210 4.00 76.72 39.66
N LEU F 211 3.09 77.23 40.49
CA LEU F 211 2.12 76.38 41.18
C LEU F 211 0.85 77.18 41.39
N THR F 212 -0.22 76.79 40.69
CA THR F 212 -1.49 77.51 40.77
C THR F 212 -2.28 76.98 41.95
N ILE F 213 -2.40 77.78 43.00
CA ILE F 213 -3.17 77.40 44.19
C ILE F 213 -4.59 77.91 44.00
N ASP F 214 -5.54 76.96 43.89
CA ASP F 214 -6.94 77.29 43.71
C ASP F 214 -7.81 76.14 44.22
N PRO F 215 -8.68 76.38 45.20
CA PRO F 215 -8.92 77.64 45.92
C PRO F 215 -7.92 77.87 47.05
N VAL F 216 -7.71 79.11 47.47
CA VAL F 216 -6.81 79.42 48.58
C VAL F 216 -7.54 79.19 49.90
N GLU F 217 -6.80 79.15 51.00
CA GLU F 217 -7.39 78.94 52.31
C GLU F 217 -6.52 79.60 53.37
N ALA F 218 -7.10 79.78 54.55
CA ALA F 218 -6.35 80.36 55.67
C ALA F 218 -5.22 79.44 56.11
N ASP F 219 -5.45 78.13 56.13
CA ASP F 219 -4.41 77.19 56.51
C ASP F 219 -3.32 77.05 55.45
N ASP F 220 -3.59 77.49 54.22
CA ASP F 220 -2.61 77.42 53.13
C ASP F 220 -1.81 78.72 52.98
N ALA F 221 -1.65 79.47 54.06
CA ALA F 221 -0.89 80.72 54.04
C ALA F 221 0.47 80.48 54.70
N ALA F 222 1.52 80.41 53.89
CA ALA F 222 2.86 80.17 54.40
C ALA F 222 3.86 80.71 53.38
N THR F 223 5.13 80.67 53.75
CA THR F 223 6.21 81.14 52.90
C THR F 223 6.64 80.00 51.98
N TYR F 224 6.43 80.17 50.68
CA TYR F 224 6.77 79.16 49.69
C TYR F 224 8.14 79.45 49.12
N TYR F 225 9.09 78.54 49.34
CA TYR F 225 10.46 78.69 48.86
C TYR F 225 10.74 77.59 47.84
N CYS F 226 11.30 77.98 46.70
CA CYS F 226 11.61 77.06 45.62
C CYS F 226 13.06 76.63 45.70
N GLN F 227 13.29 75.33 45.81
CA GLN F 227 14.64 74.76 45.87
C GLN F 227 14.80 73.79 44.70
N GLN F 228 15.88 73.97 43.95
CA GLN F 228 16.17 73.14 42.78
C GLN F 228 17.15 72.04 43.17
N THR F 229 16.72 70.78 43.02
CA THR F 229 17.59 69.65 43.29
C THR F 229 18.52 69.34 42.11
N ASN F 230 18.30 69.98 40.96
CA ASN F 230 19.19 69.76 39.82
C ASN F 230 20.58 70.34 40.06
N GLU F 231 20.67 71.45 40.79
CA GLU F 231 21.94 72.09 41.09
C GLU F 231 22.38 71.65 42.48
N ASP F 232 23.56 71.03 42.56
CA ASP F 232 24.07 70.57 43.84
C ASP F 232 24.55 71.76 44.67
N PRO F 233 24.12 71.88 45.94
CA PRO F 233 23.21 70.97 46.67
C PRO F 233 21.82 71.57 46.81
N TYR F 234 20.92 70.87 47.50
CA TYR F 234 19.55 71.36 47.70
C TYR F 234 19.58 72.46 48.75
N THR F 235 19.47 73.70 48.30
CA THR F 235 19.47 74.87 49.17
C THR F 235 18.22 75.69 48.91
N PHE F 236 17.51 76.06 49.97
CA PHE F 236 16.31 76.86 49.83
C PHE F 236 16.65 78.29 49.43
N GLY F 237 15.89 78.84 48.49
CA GLY F 237 16.09 80.19 48.02
C GLY F 237 15.36 81.21 48.87
N GLY F 238 15.26 82.42 48.33
CA GLY F 238 14.54 83.48 49.02
C GLY F 238 13.05 83.19 49.13
N GLY F 239 12.45 82.70 48.06
CA GLY F 239 11.05 82.33 48.09
C GLY F 239 10.11 83.51 48.00
N THR F 240 8.82 83.21 48.11
CA THR F 240 7.76 84.20 48.05
C THR F 240 6.87 84.05 49.28
N LYS F 241 6.48 85.19 49.86
CA LYS F 241 5.63 85.20 51.04
C LYS F 241 4.16 85.26 50.63
N LEU F 242 3.34 84.42 51.26
CA LEU F 242 1.92 84.36 50.99
C LEU F 242 1.14 84.47 52.30
N GLU F 243 0.06 85.25 52.27
CA GLU F 243 -0.78 85.44 53.44
C GLU F 243 -2.24 85.39 53.00
N ILE F 244 -3.14 85.73 53.91
CA ILE F 244 -4.58 85.75 53.65
C ILE F 244 -5.05 87.18 53.81
N LYS F 245 -5.46 87.81 52.71
CA LYS F 245 -5.95 89.18 52.74
C LYS F 245 -7.39 89.20 53.25
N ARG F 246 -7.66 90.11 54.19
CA ARG F 246 -9.00 90.25 54.75
C ARG F 246 -9.65 91.56 54.30
N TYR G 1 36.73 16.77 -62.21
CA TYR G 1 35.87 15.67 -62.63
C TYR G 1 35.75 14.62 -61.53
N ASP G 2 36.89 14.14 -61.05
CA ASP G 2 36.90 13.14 -59.98
C ASP G 2 36.58 13.75 -58.63
N GLU G 3 36.98 14.99 -58.39
CA GLU G 3 36.74 15.62 -57.10
C GLU G 3 35.25 15.84 -56.84
N LEU G 4 34.51 16.31 -57.85
CA LEU G 4 33.08 16.49 -57.69
C LEU G 4 32.35 15.15 -57.54
N GLN G 5 32.82 14.12 -58.23
CA GLN G 5 32.24 12.78 -58.06
C GLN G 5 32.47 12.27 -56.64
N SER G 6 33.68 12.46 -56.11
CA SER G 6 33.96 12.06 -54.73
C SER G 6 33.11 12.85 -53.75
N ARG G 7 32.94 14.15 -54.01
CA ARG G 7 32.11 14.99 -53.13
C ARG G 7 30.66 14.53 -53.13
N VAL G 8 30.10 14.25 -54.31
CA VAL G 8 28.71 13.84 -54.36
C VAL G 8 28.52 12.42 -53.80
N SER G 9 29.53 11.55 -53.95
CA SER G 9 29.46 10.23 -53.34
C SER G 9 29.50 10.32 -51.83
N ASN G 10 30.37 11.18 -51.28
CA ASN G 10 30.40 11.40 -49.84
C ASN G 10 29.09 12.00 -49.35
N LEU G 11 28.51 12.92 -50.12
CA LEU G 11 27.23 13.51 -49.76
C LEU G 11 26.13 12.47 -49.70
N GLU G 12 26.07 11.59 -50.71
CA GLU G 12 25.06 10.53 -50.73
C GLU G 12 25.25 9.56 -49.56
N GLU G 13 26.51 9.18 -49.29
CA GLU G 13 26.78 8.27 -48.19
C GLU G 13 26.40 8.87 -46.85
N ARG G 14 26.75 10.15 -46.63
CA ARG G 14 26.40 10.80 -45.37
C ARG G 14 24.91 10.98 -45.23
N LEU G 15 24.20 11.31 -46.32
CA LEU G 15 22.75 11.40 -46.28
C LEU G 15 22.13 10.07 -45.92
N ARG G 16 22.60 8.98 -46.55
CA ARG G 16 22.05 7.66 -46.26
C ARG G 16 22.30 7.26 -44.82
N ALA G 17 23.52 7.48 -44.33
CA ALA G 17 23.85 7.10 -42.95
C ALA G 17 23.06 7.93 -41.94
N CYS G 18 22.92 9.24 -42.18
CA CYS G 18 22.23 10.08 -41.23
C CYS G 18 20.73 9.83 -41.24
N MET G 19 20.15 9.54 -42.41
CA MET G 19 18.72 9.21 -42.45
C MET G 19 18.45 7.83 -41.89
N GLN G 20 19.41 6.91 -42.00
CA GLN G 20 19.24 5.60 -41.38
C GLN G 20 19.37 5.68 -39.87
N LYS G 21 20.27 6.53 -39.37
CA LYS G 21 20.42 6.71 -37.93
C LYS G 21 19.20 7.37 -37.30
N LEU G 22 18.56 8.30 -38.02
CA LEU G 22 17.35 8.94 -37.54
C LEU G 22 16.10 8.11 -37.80
N ALA G 23 16.22 6.99 -38.52
CA ALA G 23 15.04 6.24 -38.93
C ALA G 23 14.40 5.49 -37.77
N CYS G 24 15.20 4.81 -36.96
CA CYS G 24 14.65 3.94 -35.93
C CYS G 24 15.32 4.20 -34.59
N GLY G 25 14.76 3.59 -33.56
CA GLY G 25 15.33 3.58 -32.23
C GLY G 25 14.99 2.29 -31.52
N LYS G 26 14.53 2.38 -30.29
CA LYS G 26 14.04 1.24 -29.53
C LYS G 26 12.55 1.40 -29.29
N LEU G 27 11.81 0.30 -29.43
CA LEU G 27 10.37 0.34 -29.24
C LEU G 27 10.03 0.57 -27.77
N THR G 28 9.01 1.39 -27.53
CA THR G 28 8.51 1.63 -26.18
C THR G 28 6.99 1.58 -26.06
N GLY G 29 6.24 1.70 -27.16
CA GLY G 29 4.79 1.68 -27.08
C GLY G 29 4.13 1.16 -28.33
N ILE G 30 3.02 0.44 -28.17
CA ILE G 30 2.25 -0.12 -29.27
C ILE G 30 0.84 0.43 -29.19
N SER G 31 0.34 0.92 -30.32
CA SER G 31 -0.96 1.57 -30.36
C SER G 31 -2.09 0.54 -30.41
N ASP G 32 -3.32 1.04 -30.40
CA ASP G 32 -4.49 0.18 -30.49
C ASP G 32 -4.60 -0.43 -31.88
N PRO G 33 -5.17 -1.64 -32.00
CA PRO G 33 -5.31 -2.26 -33.32
C PRO G 33 -6.27 -1.49 -34.22
N VAL G 34 -5.99 -1.53 -35.52
CA VAL G 34 -6.88 -0.98 -36.53
C VAL G 34 -7.20 -2.11 -37.52
N THR G 35 -8.48 -2.43 -37.66
CA THR G 35 -8.92 -3.55 -38.48
C THR G 35 -9.28 -3.06 -39.87
N VAL G 36 -8.76 -3.75 -40.90
CA VAL G 36 -8.98 -3.37 -42.29
C VAL G 36 -10.07 -4.23 -42.92
N LYS G 37 -9.98 -5.55 -42.78
CA LYS G 37 -10.89 -6.45 -43.48
C LYS G 37 -11.14 -7.68 -42.60
N THR G 38 -12.24 -8.36 -42.91
CA THR G 38 -12.58 -9.63 -42.27
C THR G 38 -12.81 -10.66 -43.38
N SER G 39 -11.88 -11.62 -43.49
CA SER G 39 -11.97 -12.64 -44.53
C SER G 39 -11.09 -13.81 -44.15
N GLY G 40 -11.35 -14.95 -44.78
CA GLY G 40 -10.50 -16.12 -44.62
C GLY G 40 -10.72 -16.85 -43.32
N SER G 41 -9.92 -17.92 -43.15
CA SER G 41 -9.97 -18.72 -41.94
C SER G 41 -9.23 -18.02 -40.81
N ARG G 42 -9.24 -18.64 -39.63
CA ARG G 42 -8.64 -18.03 -38.44
C ARG G 42 -7.13 -17.90 -38.55
N PHE G 43 -6.47 -18.73 -39.36
CA PHE G 43 -5.02 -18.73 -39.51
C PHE G 43 -4.65 -18.27 -40.90
N GLY G 44 -3.73 -17.31 -40.98
CA GLY G 44 -3.32 -16.80 -42.28
C GLY G 44 -2.31 -15.68 -42.13
N SER G 45 -1.95 -15.09 -43.27
CA SER G 45 -0.96 -14.02 -43.30
C SER G 45 -1.39 -12.98 -44.33
N TRP G 46 -0.94 -11.74 -44.10
CA TRP G 46 -1.16 -10.66 -45.05
C TRP G 46 -0.08 -9.61 -44.86
N MET G 47 0.38 -9.01 -45.95
CA MET G 47 1.49 -8.09 -45.89
C MET G 47 1.53 -7.22 -47.15
N THR G 48 2.51 -6.34 -47.20
CA THR G 48 2.76 -5.47 -48.35
C THR G 48 4.26 -5.45 -48.64
N ASP G 49 4.61 -5.04 -49.86
CA ASP G 49 6.01 -4.99 -50.27
C ASP G 49 6.66 -3.73 -49.73
N PRO G 50 7.73 -3.84 -48.93
CA PRO G 50 8.42 -2.63 -48.44
C PRO G 50 9.13 -1.87 -49.55
N LEU G 51 9.85 -2.60 -50.39
CA LEU G 51 10.61 -2.00 -51.49
C LEU G 51 9.75 -1.89 -52.76
N ALA G 52 8.59 -1.29 -52.61
CA ALA G 52 7.69 -1.06 -53.74
C ALA G 52 7.63 0.41 -54.06
N PRO G 53 7.62 0.78 -55.34
CA PRO G 53 7.43 2.19 -55.71
C PRO G 53 6.08 2.69 -55.22
N GLU G 54 6.06 3.96 -54.80
CA GLU G 54 4.84 4.54 -54.25
C GLU G 54 3.76 4.62 -55.33
N GLY G 55 2.53 4.27 -54.93
CA GLY G 55 1.43 4.12 -55.85
C GLY G 55 1.05 2.70 -56.16
N ASP G 56 1.81 1.71 -55.68
CA ASP G 56 1.43 0.31 -55.87
C ASP G 56 0.58 -0.18 -54.71
N ASN G 57 1.16 -0.19 -53.50
CA ASN G 57 0.49 -0.61 -52.26
C ASN G 57 -0.27 -1.92 -52.41
N ARG G 58 0.30 -2.84 -53.18
CA ARG G 58 -0.38 -4.10 -53.46
C ARG G 58 -0.33 -4.99 -52.22
N VAL G 59 -1.50 -5.41 -51.76
CA VAL G 59 -1.62 -6.20 -50.54
C VAL G 59 -1.61 -7.67 -50.92
N TRP G 60 -0.65 -8.41 -50.37
CA TRP G 60 -0.59 -9.86 -50.58
C TRP G 60 -1.22 -10.58 -49.39
N TYR G 61 -1.95 -11.66 -49.70
CA TYR G 61 -2.83 -12.32 -48.76
C TYR G 61 -2.68 -13.83 -48.92
N MET G 62 -2.67 -14.55 -47.81
CA MET G 62 -2.54 -16.00 -47.83
C MET G 62 -3.42 -16.56 -46.72
N ASP G 63 -4.21 -17.59 -47.05
CA ASP G 63 -5.08 -18.25 -46.09
C ASP G 63 -4.63 -19.69 -45.89
N GLY G 64 -4.62 -20.12 -44.64
CA GLY G 64 -4.24 -21.48 -44.29
C GLY G 64 -2.78 -21.58 -43.88
N TYR G 65 -2.46 -22.72 -43.25
CA TYR G 65 -1.12 -22.98 -42.76
C TYR G 65 -0.61 -24.38 -43.09
N HIS G 66 -1.46 -25.27 -43.61
CA HIS G 66 -1.10 -26.66 -43.80
C HIS G 66 -0.96 -27.03 -45.28
N ASN G 67 -1.99 -26.80 -46.09
CA ASN G 67 -1.98 -27.19 -47.49
C ASN G 67 -2.71 -26.10 -48.29
N ASN G 68 -1.94 -25.16 -48.84
CA ASN G 68 -2.48 -24.10 -49.66
C ASN G 68 -1.38 -23.55 -50.55
N ARG G 69 -1.72 -23.24 -51.80
CA ARG G 69 -0.77 -22.68 -52.75
C ARG G 69 -1.33 -21.47 -53.48
N PHE G 70 -2.49 -20.96 -53.08
CA PHE G 70 -3.12 -19.82 -53.72
C PHE G 70 -2.80 -18.56 -52.92
N VAL G 71 -2.21 -17.58 -53.58
CA VAL G 71 -1.93 -16.28 -52.98
C VAL G 71 -2.81 -15.24 -53.66
N ARG G 72 -3.36 -14.32 -52.85
CA ARG G 72 -4.24 -13.28 -53.35
C ARG G 72 -3.47 -11.96 -53.40
N GLU G 73 -3.62 -11.24 -54.51
CA GLU G 73 -3.03 -9.92 -54.68
C GLU G 73 -4.14 -8.91 -54.89
N TYR G 74 -4.18 -7.90 -54.02
CA TYR G 74 -5.10 -6.78 -54.13
C TYR G 74 -4.32 -5.58 -54.64
N LYS G 75 -4.82 -4.97 -55.72
CA LYS G 75 -4.04 -3.95 -56.42
C LYS G 75 -3.87 -2.67 -55.62
N SER G 76 -4.67 -2.45 -54.58
CA SER G 76 -4.55 -1.26 -53.76
C SER G 76 -5.10 -1.56 -52.37
N MET G 77 -4.73 -0.69 -51.42
CA MET G 77 -5.27 -0.80 -50.06
C MET G 77 -6.78 -0.57 -50.05
N VAL G 78 -7.25 0.42 -50.82
CA VAL G 78 -8.68 0.65 -50.95
C VAL G 78 -9.36 -0.48 -51.71
N ASP G 79 -8.61 -1.22 -52.52
CA ASP G 79 -9.13 -2.43 -53.17
C ASP G 79 -9.12 -3.63 -52.24
N PHE G 80 -8.54 -3.50 -51.05
CA PHE G 80 -8.53 -4.56 -50.05
C PHE G 80 -9.37 -4.25 -48.82
N MET G 81 -9.52 -2.97 -48.48
CA MET G 81 -10.36 -2.58 -47.35
C MET G 81 -11.83 -2.90 -47.60
N ASN G 82 -12.33 -2.61 -48.81
CA ASN G 82 -13.74 -2.76 -49.12
C ASN G 82 -13.99 -3.73 -50.26
N THR G 83 -13.25 -3.61 -51.36
CA THR G 83 -13.47 -4.46 -52.51
C THR G 83 -13.01 -5.90 -52.22
N ASP G 84 -13.82 -6.86 -52.64
CA ASP G 84 -13.52 -8.28 -52.47
C ASP G 84 -12.99 -8.90 -53.75
N ASN G 85 -12.35 -8.11 -54.60
CA ASN G 85 -11.78 -8.59 -55.86
C ASN G 85 -10.26 -8.65 -55.75
N PHE G 86 -9.69 -9.75 -56.23
CA PHE G 86 -8.27 -10.01 -56.10
C PHE G 86 -7.80 -10.89 -57.24
N THR G 87 -6.49 -10.97 -57.41
CA THR G 87 -5.88 -11.84 -58.40
C THR G 87 -5.23 -13.02 -57.69
N SER G 88 -5.55 -14.23 -58.13
CA SER G 88 -5.07 -15.45 -57.49
C SER G 88 -3.92 -16.04 -58.28
N HIS G 89 -2.79 -16.26 -57.61
CA HIS G 89 -1.62 -16.88 -58.23
C HIS G 89 -1.26 -18.17 -57.50
N ARG G 90 -0.76 -19.14 -58.26
CA ARG G 90 -0.47 -20.47 -57.76
C ARG G 90 1.04 -20.64 -57.58
N LEU G 91 1.45 -21.11 -56.40
CA LEU G 91 2.82 -21.39 -56.03
C LEU G 91 3.23 -22.78 -56.48
N PRO G 92 4.51 -22.98 -56.81
CA PRO G 92 4.98 -24.33 -57.17
C PRO G 92 4.86 -25.33 -56.02
N HIS G 93 5.03 -24.89 -54.78
CA HIS G 93 4.93 -25.75 -53.62
C HIS G 93 4.10 -25.06 -52.55
N PRO G 94 3.33 -25.81 -51.77
CA PRO G 94 2.57 -25.22 -50.67
C PRO G 94 3.49 -24.79 -49.54
N TRP G 95 3.03 -23.80 -48.77
CA TRP G 95 3.80 -23.26 -47.67
C TRP G 95 3.45 -23.96 -46.36
N SER G 96 4.23 -23.67 -45.32
CA SER G 96 3.97 -24.16 -43.98
C SER G 96 3.92 -22.97 -43.04
N GLY G 97 2.81 -22.82 -42.33
CA GLY G 97 2.67 -21.72 -41.39
C GLY G 97 2.47 -20.38 -42.07
N THR G 98 2.64 -19.32 -41.27
CA THR G 98 2.48 -17.95 -41.73
C THR G 98 3.81 -17.19 -41.73
N GLY G 99 4.93 -17.90 -41.81
CA GLY G 99 6.23 -17.26 -41.79
C GLY G 99 6.78 -16.95 -43.18
N GLN G 100 5.96 -16.33 -44.02
CA GLN G 100 6.37 -15.91 -45.35
C GLN G 100 6.48 -14.40 -45.41
N VAL G 101 7.32 -13.91 -46.32
CA VAL G 101 7.54 -12.47 -46.47
C VAL G 101 7.53 -12.12 -47.95
N VAL G 102 7.28 -10.84 -48.24
CA VAL G 102 7.38 -10.29 -49.58
C VAL G 102 8.38 -9.15 -49.55
N TYR G 103 9.37 -9.21 -50.43
CA TYR G 103 10.46 -8.25 -50.42
C TYR G 103 11.13 -8.24 -51.80
N ASN G 104 11.48 -7.04 -52.26
CA ASN G 104 12.20 -6.84 -53.52
C ASN G 104 11.46 -7.46 -54.70
N GLY G 105 10.13 -7.41 -54.67
CA GLY G 105 9.32 -7.98 -55.73
C GLY G 105 9.22 -9.48 -55.76
N SER G 106 9.67 -10.17 -54.70
CA SER G 106 9.61 -11.62 -54.67
C SER G 106 9.13 -12.09 -53.30
N ILE G 107 8.52 -13.25 -53.27
CA ILE G 107 8.01 -13.84 -52.03
C ILE G 107 8.99 -14.91 -51.55
N TYR G 108 9.36 -14.82 -50.27
CA TYR G 108 10.19 -15.81 -49.60
C TYR G 108 9.27 -16.64 -48.71
N PHE G 109 9.27 -17.95 -48.92
CA PHE G 109 8.42 -18.82 -48.12
C PHE G 109 9.16 -20.11 -47.80
N ASN G 110 8.49 -20.99 -47.07
CA ASN G 110 9.06 -22.26 -46.64
C ASN G 110 8.36 -23.40 -47.36
N LYS G 111 9.14 -24.35 -47.86
CA LYS G 111 8.58 -25.51 -48.53
C LYS G 111 7.86 -26.41 -47.53
N PHE G 112 6.87 -27.15 -48.03
CA PHE G 112 6.05 -27.99 -47.16
C PHE G 112 6.85 -29.15 -46.60
N GLN G 113 6.81 -29.31 -45.27
CA GLN G 113 7.46 -30.40 -44.55
C GLN G 113 8.96 -30.46 -44.82
N SER G 114 9.59 -29.28 -44.92
CA SER G 114 11.03 -29.21 -45.14
C SER G 114 11.53 -27.86 -44.67
N HIS G 115 12.82 -27.82 -44.37
CA HIS G 115 13.50 -26.58 -43.96
C HIS G 115 14.12 -25.88 -45.15
N ILE G 116 13.32 -25.65 -46.19
CA ILE G 116 13.79 -25.10 -47.46
C ILE G 116 13.15 -23.73 -47.66
N ILE G 117 13.98 -22.72 -47.85
CA ILE G 117 13.53 -21.36 -48.14
C ILE G 117 13.50 -21.19 -49.66
N ILE G 118 12.36 -20.75 -50.18
CA ILE G 118 12.12 -20.65 -51.61
C ILE G 118 11.82 -19.19 -51.95
N ARG G 119 12.50 -18.69 -52.98
CA ARG G 119 12.23 -17.37 -53.54
C ARG G 119 11.41 -17.54 -54.83
N PHE G 120 10.26 -16.88 -54.90
CA PHE G 120 9.37 -17.00 -56.04
C PHE G 120 9.00 -15.61 -56.54
N ASP G 121 8.98 -15.44 -57.86
CA ASP G 121 8.65 -14.15 -58.47
C ASP G 121 7.15 -13.99 -58.61
N LEU G 122 6.63 -12.87 -58.13
CA LEU G 122 5.22 -12.51 -58.24
C LEU G 122 4.90 -11.76 -59.52
N LYS G 123 5.89 -11.45 -60.34
CA LYS G 123 5.69 -10.77 -61.61
C LYS G 123 5.91 -11.67 -62.81
N THR G 124 7.00 -12.45 -62.81
CA THR G 124 7.31 -13.35 -63.91
C THR G 124 6.82 -14.77 -63.68
N GLU G 125 6.47 -15.12 -62.44
CA GLU G 125 5.92 -16.44 -62.07
C GLU G 125 6.89 -17.56 -62.44
N THR G 126 8.08 -17.51 -61.84
CA THR G 126 9.08 -18.54 -62.04
C THR G 126 9.89 -18.69 -60.76
N ILE G 127 10.80 -19.67 -60.76
CA ILE G 127 11.61 -19.99 -59.59
C ILE G 127 13.05 -19.60 -59.88
N LEU G 128 13.75 -19.11 -58.85
CA LEU G 128 15.15 -18.75 -58.96
C LEU G 128 16.02 -19.49 -57.96
N LYS G 129 15.65 -19.47 -56.68
CA LYS G 129 16.49 -20.04 -55.64
C LYS G 129 15.65 -20.84 -54.65
N THR G 130 16.16 -22.01 -54.30
CA THR G 130 15.56 -22.92 -53.31
C THR G 130 16.70 -23.40 -52.42
N ARG G 131 16.96 -22.67 -51.34
CA ARG G 131 18.07 -22.99 -50.46
C ARG G 131 17.57 -23.72 -49.22
N SER G 132 18.50 -24.25 -48.44
CA SER G 132 18.19 -24.97 -47.22
C SER G 132 18.69 -24.19 -46.02
N LEU G 133 17.79 -23.91 -45.08
CA LEU G 133 18.18 -23.24 -43.84
C LEU G 133 18.97 -24.22 -42.98
N ASP G 134 20.24 -23.90 -42.75
CA ASP G 134 21.13 -24.83 -42.07
C ASP G 134 20.75 -24.98 -40.60
N TYR G 135 20.55 -26.22 -40.18
CA TYR G 135 20.26 -26.60 -38.79
C TYR G 135 19.01 -25.88 -38.27
N ALA G 136 17.89 -26.18 -38.92
CA ALA G 136 16.59 -25.61 -38.55
C ALA G 136 15.56 -26.70 -38.44
N GLY G 137 14.62 -26.51 -37.51
CA GLY G 137 13.56 -27.49 -37.32
C GLY G 137 12.39 -27.25 -38.26
N TYR G 138 11.65 -28.33 -38.54
CA TYR G 138 10.52 -28.26 -39.43
C TYR G 138 9.47 -29.27 -38.97
N ASN G 139 8.24 -29.09 -39.49
CA ASN G 139 7.09 -29.93 -39.18
C ASN G 139 6.78 -29.94 -37.67
N ASN G 140 6.46 -28.74 -37.16
CA ASN G 140 6.06 -28.53 -35.77
C ASN G 140 7.12 -29.00 -34.79
N MET G 141 8.39 -28.82 -35.16
CA MET G 141 9.50 -29.16 -34.27
C MET G 141 9.82 -28.02 -33.31
N TYR G 142 9.89 -26.80 -33.82
CA TYR G 142 10.23 -25.62 -33.05
C TYR G 142 9.28 -24.48 -33.38
N HIS G 143 7.98 -24.77 -33.34
CA HIS G 143 6.96 -23.78 -33.68
C HIS G 143 6.86 -22.71 -32.59
N TYR G 144 5.91 -21.80 -32.77
CA TYR G 144 5.60 -20.79 -31.77
C TYR G 144 4.69 -21.41 -30.71
N ALA G 145 4.16 -20.58 -29.80
CA ALA G 145 3.26 -21.09 -28.78
C ALA G 145 1.93 -21.53 -29.37
N TRP G 146 1.47 -20.87 -30.44
CA TRP G 146 0.23 -21.26 -31.10
C TRP G 146 0.44 -22.43 -32.07
N GLY G 147 1.69 -22.79 -32.37
CA GLY G 147 1.93 -23.92 -33.26
C GLY G 147 1.63 -23.57 -34.70
N GLY G 148 0.99 -24.50 -35.40
CA GLY G 148 0.60 -24.29 -36.79
C GLY G 148 1.75 -24.22 -37.77
N HIS G 149 2.80 -25.03 -37.55
CA HIS G 149 3.95 -25.14 -38.46
C HIS G 149 4.63 -23.80 -38.70
N SER G 150 4.81 -23.03 -37.63
CA SER G 150 5.46 -21.72 -37.69
C SER G 150 6.93 -21.80 -37.29
N ASP G 151 7.60 -22.88 -37.68
CA ASP G 151 8.98 -23.13 -37.23
C ASP G 151 9.97 -22.11 -37.79
N ILE G 152 9.70 -21.58 -38.97
CA ILE G 152 10.58 -20.61 -39.61
C ILE G 152 9.78 -19.34 -39.88
N ASP G 153 10.28 -18.20 -39.40
CA ASP G 153 9.62 -16.91 -39.59
C ASP G 153 10.55 -15.98 -40.36
N LEU G 154 10.12 -15.58 -41.55
CA LEU G 154 10.91 -14.71 -42.41
C LEU G 154 10.37 -13.28 -42.30
N MET G 155 11.27 -12.32 -42.13
CA MET G 155 10.87 -10.92 -42.02
C MET G 155 11.93 -10.05 -42.69
N VAL G 156 11.61 -8.76 -42.83
CA VAL G 156 12.53 -7.77 -43.36
C VAL G 156 12.53 -6.55 -42.45
N ASP G 157 13.63 -5.81 -42.54
CA ASP G 157 13.77 -4.55 -41.80
C ASP G 157 14.66 -3.62 -42.62
N GLU G 158 14.99 -2.47 -42.04
CA GLU G 158 15.79 -1.47 -42.73
C GLU G 158 17.19 -1.96 -43.10
N ASN G 159 17.66 -3.04 -42.47
CA ASN G 159 18.94 -3.62 -42.82
C ASN G 159 18.83 -4.75 -43.84
N GLY G 160 17.64 -5.33 -44.03
CA GLY G 160 17.53 -6.41 -45.00
C GLY G 160 16.63 -7.57 -44.58
N LEU G 161 16.97 -8.77 -45.05
CA LEU G 161 16.13 -9.95 -44.88
C LEU G 161 16.68 -10.82 -43.75
N TRP G 162 15.80 -11.19 -42.82
CA TRP G 162 16.18 -11.94 -41.63
C TRP G 162 15.25 -13.14 -41.48
N ALA G 163 15.79 -14.20 -40.89
CA ALA G 163 15.05 -15.41 -40.61
C ALA G 163 15.22 -15.78 -39.15
N VAL G 164 14.11 -16.02 -38.46
CA VAL G 164 14.10 -16.46 -37.07
C VAL G 164 13.64 -17.91 -37.04
N TYR G 165 14.45 -18.77 -36.43
CA TYR G 165 14.15 -20.19 -36.35
C TYR G 165 14.72 -20.71 -35.03
N ALA G 166 14.89 -22.02 -34.92
CA ALA G 166 15.53 -22.59 -33.75
C ALA G 166 16.45 -23.72 -34.19
N THR G 167 17.46 -23.99 -33.36
CA THR G 167 18.49 -24.97 -33.65
C THR G 167 18.55 -26.00 -32.53
N ASN G 168 18.75 -27.27 -32.91
CA ASN G 168 18.93 -28.32 -31.92
C ASN G 168 20.20 -28.10 -31.10
N GLN G 169 21.24 -27.54 -31.71
CA GLN G 169 22.45 -27.21 -30.97
C GLN G 169 22.19 -26.15 -29.91
N ASN G 170 21.38 -25.14 -30.25
CA ASN G 170 21.01 -24.08 -29.30
C ASN G 170 19.71 -24.43 -28.59
N ALA G 171 19.65 -25.64 -28.03
CA ALA G 171 18.48 -26.17 -27.33
C ALA G 171 17.22 -26.06 -28.17
N GLY G 172 16.38 -25.08 -27.84
CA GLY G 172 15.22 -24.74 -28.64
C GLY G 172 15.06 -23.24 -28.71
N ASN G 173 16.16 -22.53 -28.46
CA ASN G 173 16.15 -21.08 -28.34
C ASN G 173 16.06 -20.43 -29.71
N ILE G 174 15.69 -19.15 -29.71
CA ILE G 174 15.52 -18.40 -30.94
C ILE G 174 16.87 -18.08 -31.55
N VAL G 175 17.02 -18.41 -32.83
CA VAL G 175 18.25 -18.15 -33.59
C VAL G 175 17.89 -17.23 -34.75
N ILE G 176 18.64 -16.13 -34.87
CA ILE G 176 18.42 -15.12 -35.91
C ILE G 176 19.51 -15.28 -36.96
N SER G 177 19.12 -15.17 -38.23
CA SER G 177 20.08 -15.25 -39.33
C SER G 177 19.79 -14.15 -40.32
N LYS G 178 20.86 -13.56 -40.87
CA LYS G 178 20.74 -12.57 -41.92
C LYS G 178 20.97 -13.25 -43.26
N LEU G 179 20.01 -13.12 -44.18
CA LEU G 179 20.06 -13.84 -45.44
C LEU G 179 20.29 -12.88 -46.59
N ASP G 180 21.02 -13.35 -47.60
CA ASP G 180 21.18 -12.62 -48.84
C ASP G 180 19.86 -12.65 -49.60
N PRO G 181 19.29 -11.50 -49.97
CA PRO G 181 18.00 -11.51 -50.67
C PRO G 181 18.04 -12.07 -52.09
N VAL G 182 19.21 -12.47 -52.59
CA VAL G 182 19.35 -13.03 -53.93
C VAL G 182 19.71 -14.51 -53.87
N SER G 183 20.80 -14.85 -53.17
CA SER G 183 21.30 -16.22 -53.14
C SER G 183 20.80 -17.02 -51.94
N LEU G 184 20.10 -16.37 -51.00
CA LEU G 184 19.60 -17.03 -49.78
C LEU G 184 20.71 -17.73 -49.01
N GLN G 185 21.86 -17.08 -48.91
CA GLN G 185 23.01 -17.61 -48.19
C GLN G 185 23.08 -17.00 -46.79
N ILE G 186 23.72 -17.74 -45.88
CA ILE G 186 23.87 -17.30 -44.50
C ILE G 186 24.97 -16.24 -44.45
N LEU G 187 24.63 -15.07 -43.92
CA LEU G 187 25.60 -13.99 -43.74
C LEU G 187 26.12 -13.91 -42.31
N GLN G 188 25.23 -13.80 -41.33
CA GLN G 188 25.62 -13.77 -39.93
C GLN G 188 24.50 -14.34 -39.08
N THR G 189 24.88 -15.03 -38.01
CA THR G 189 23.95 -15.72 -37.13
C THR G 189 24.13 -15.25 -35.69
N TRP G 190 23.01 -15.05 -35.00
CA TRP G 190 23.00 -14.72 -33.58
C TRP G 190 22.17 -15.77 -32.85
N ASN G 191 22.73 -16.33 -31.79
CA ASN G 191 22.09 -17.43 -31.05
C ASN G 191 21.72 -16.93 -29.66
N THR G 192 20.43 -16.69 -29.46
CA THR G 192 19.89 -16.09 -28.24
C THR G 192 19.55 -17.18 -27.23
N SER G 193 18.82 -16.80 -26.17
CA SER G 193 18.50 -17.72 -25.10
C SER G 193 17.01 -17.79 -24.78
N TYR G 194 16.16 -17.25 -25.64
CA TYR G 194 14.71 -17.31 -25.43
C TYR G 194 14.13 -18.49 -26.18
N PRO G 195 13.46 -19.44 -25.52
CA PRO G 195 12.89 -20.58 -26.24
C PRO G 195 11.81 -20.15 -27.22
N LYS G 196 11.79 -20.83 -28.38
CA LYS G 196 10.86 -20.48 -29.44
C LYS G 196 9.47 -21.08 -29.22
N ARG G 197 9.38 -22.23 -28.55
CA ARG G 197 8.09 -22.88 -28.35
C ARG G 197 7.22 -22.14 -27.33
N SER G 198 7.80 -21.24 -26.54
CA SER G 198 7.05 -20.43 -25.59
C SER G 198 6.93 -18.97 -26.04
N ALA G 199 7.29 -18.67 -27.28
CA ALA G 199 7.28 -17.29 -27.76
C ALA G 199 5.88 -16.85 -28.20
N GLY G 200 5.36 -17.49 -29.24
CA GLY G 200 4.07 -17.14 -29.78
C GLY G 200 4.16 -16.33 -31.05
N GLU G 201 5.05 -15.34 -31.06
CA GLU G 201 5.33 -14.52 -32.23
C GLU G 201 6.58 -13.70 -31.95
N ALA G 202 7.16 -13.17 -33.03
CA ALA G 202 8.35 -12.33 -32.91
C ALA G 202 8.45 -11.44 -34.15
N PHE G 203 9.20 -10.35 -34.00
CA PHE G 203 9.44 -9.45 -35.13
C PHE G 203 10.77 -8.73 -34.92
N ILE G 204 11.23 -8.04 -35.96
CA ILE G 204 12.52 -7.37 -35.94
C ILE G 204 12.33 -5.92 -36.39
N ILE G 205 12.85 -4.98 -35.60
CA ILE G 205 12.83 -3.56 -35.93
C ILE G 205 14.27 -3.10 -36.12
N CYS G 206 14.67 -2.94 -37.39
CA CYS G 206 15.92 -2.32 -37.82
C CYS G 206 17.18 -2.94 -37.17
N GLY G 207 17.06 -4.14 -36.61
CA GLY G 207 18.18 -4.81 -35.97
C GLY G 207 17.91 -5.29 -34.56
N THR G 208 16.78 -4.97 -33.94
CA THR G 208 16.44 -5.46 -32.63
C THR G 208 15.25 -6.41 -32.72
N LEU G 209 15.40 -7.61 -32.18
CA LEU G 209 14.36 -8.62 -32.24
C LEU G 209 13.50 -8.54 -30.99
N TYR G 210 12.20 -8.31 -31.17
CA TYR G 210 11.23 -8.27 -30.08
C TYR G 210 10.41 -9.55 -30.12
N VAL G 211 10.31 -10.22 -28.98
CA VAL G 211 9.68 -11.52 -28.85
C VAL G 211 8.51 -11.41 -27.89
N THR G 212 7.35 -11.86 -28.34
CA THR G 212 6.11 -11.85 -27.55
C THR G 212 6.16 -12.95 -26.48
N ASN G 213 5.30 -12.80 -25.47
CA ASN G 213 5.16 -13.79 -24.41
C ASN G 213 4.17 -14.88 -24.79
N GLY G 214 2.96 -14.50 -25.18
CA GLY G 214 1.94 -15.47 -25.54
C GLY G 214 1.18 -15.12 -26.81
N TYR G 215 0.07 -15.81 -27.06
CA TYR G 215 -0.75 -15.55 -28.24
C TYR G 215 -2.19 -15.19 -27.94
N SER G 216 -2.72 -15.56 -26.78
CA SER G 216 -4.10 -15.26 -26.40
C SER G 216 -4.14 -14.71 -24.99
N GLY G 217 -4.92 -13.67 -24.81
CA GLY G 217 -5.11 -13.07 -23.48
C GLY G 217 -4.12 -11.93 -23.25
N GLY G 218 -3.34 -12.02 -22.18
CA GLY G 218 -2.39 -10.98 -21.83
C GLY G 218 -1.13 -11.01 -22.65
N THR G 219 -1.23 -10.65 -23.93
CA THR G 219 -0.07 -10.64 -24.81
C THR G 219 0.76 -9.38 -24.59
N LYS G 220 2.08 -9.56 -24.54
CA LYS G 220 2.99 -8.45 -24.34
C LYS G 220 4.34 -8.78 -24.96
N VAL G 221 5.10 -7.74 -25.29
CA VAL G 221 6.45 -7.91 -25.81
C VAL G 221 7.37 -8.20 -24.62
N HIS G 222 7.83 -9.44 -24.51
CA HIS G 222 8.52 -9.92 -23.33
C HIS G 222 10.04 -9.90 -23.45
N TYR G 223 10.59 -10.09 -24.65
CA TYR G 223 12.02 -10.27 -24.82
C TYR G 223 12.54 -9.33 -25.90
N ALA G 224 13.78 -8.87 -25.72
CA ALA G 224 14.42 -8.02 -26.71
C ALA G 224 15.87 -8.45 -26.87
N TYR G 225 16.30 -8.60 -28.12
CA TYR G 225 17.68 -9.00 -28.42
C TYR G 225 18.29 -7.99 -29.39
N GLN G 226 19.41 -7.40 -28.98
CA GLN G 226 20.16 -6.48 -29.84
C GLN G 226 21.30 -7.27 -30.48
N THR G 227 21.21 -7.45 -31.80
CA THR G 227 22.22 -8.20 -32.53
C THR G 227 23.50 -7.40 -32.73
N ASN G 228 23.41 -6.07 -32.74
CA ASN G 228 24.61 -5.25 -32.89
C ASN G 228 25.52 -5.39 -31.68
N ALA G 229 24.95 -5.29 -30.48
CA ALA G 229 25.71 -5.51 -29.25
C ALA G 229 25.61 -6.94 -28.74
N SER G 230 24.80 -7.78 -29.38
CA SER G 230 24.58 -9.18 -28.98
C SER G 230 24.14 -9.29 -27.52
N THR G 231 23.22 -8.42 -27.12
CA THR G 231 22.73 -8.37 -25.74
C THR G 231 21.25 -8.71 -25.71
N TYR G 232 20.74 -8.94 -24.50
CA TYR G 232 19.33 -9.26 -24.32
C TYR G 232 18.77 -8.50 -23.12
N GLU G 233 17.46 -8.26 -23.16
CA GLU G 233 16.80 -7.51 -22.11
C GLU G 233 15.34 -7.93 -22.05
N TYR G 234 14.84 -8.17 -20.84
CA TYR G 234 13.44 -8.50 -20.61
C TYR G 234 12.65 -7.21 -20.43
N ILE G 235 11.78 -6.90 -21.37
CA ILE G 235 10.98 -5.65 -21.30
C ILE G 235 9.58 -6.05 -20.82
N ASP G 236 8.58 -5.19 -20.99
CA ASP G 236 7.18 -5.54 -20.63
C ASP G 236 6.22 -4.70 -21.48
N ILE G 237 6.70 -4.19 -22.60
CA ILE G 237 5.85 -3.39 -23.51
C ILE G 237 4.57 -4.21 -23.75
N PRO G 238 3.37 -3.68 -23.44
CA PRO G 238 2.12 -4.41 -23.69
C PRO G 238 1.41 -3.94 -24.95
N PHE G 239 0.63 -4.83 -25.56
CA PHE G 239 -0.18 -4.45 -26.75
C PHE G 239 -1.52 -5.07 -26.46
N GLN G 240 -2.39 -5.19 -27.45
CA GLN G 240 -3.75 -5.71 -27.15
C GLN G 240 -4.21 -6.77 -28.15
N ASN G 241 -4.48 -7.99 -27.68
CA ASN G 241 -5.04 -9.05 -28.52
C ASN G 241 -6.56 -8.90 -28.53
N LYS G 242 -7.02 -7.99 -29.40
CA LYS G 242 -8.43 -7.60 -29.46
C LYS G 242 -9.33 -8.81 -29.72
N TYR G 243 -8.95 -9.67 -30.66
CA TYR G 243 -9.79 -10.79 -31.08
C TYR G 243 -9.28 -12.12 -30.54
N SER G 244 -8.39 -12.08 -29.53
CA SER G 244 -8.04 -13.19 -28.66
C SER G 244 -7.23 -14.29 -29.35
N HIS G 245 -6.65 -14.03 -30.52
CA HIS G 245 -5.73 -14.99 -31.13
C HIS G 245 -4.89 -14.28 -32.18
N ILE G 246 -3.57 -14.45 -32.08
CA ILE G 246 -2.63 -13.88 -33.04
C ILE G 246 -1.84 -15.01 -33.67
N SER G 247 -1.82 -15.05 -35.00
CA SER G 247 -1.08 -16.05 -35.77
C SER G 247 0.12 -15.47 -36.50
N MET G 248 0.00 -14.27 -37.05
CA MET G 248 1.10 -13.60 -37.74
C MET G 248 1.23 -12.18 -37.21
N LEU G 249 2.48 -11.75 -37.01
CA LEU G 249 2.77 -10.40 -36.54
C LEU G 249 4.15 -10.02 -37.05
N ASP G 250 4.20 -9.10 -38.01
CA ASP G 250 5.45 -8.72 -38.65
C ASP G 250 5.58 -7.21 -38.73
N TYR G 251 6.82 -6.73 -38.74
CA TYR G 251 7.12 -5.30 -38.78
C TYR G 251 7.49 -4.91 -40.20
N ASN G 252 6.85 -3.87 -40.74
CA ASN G 252 7.09 -3.41 -42.14
C ASN G 252 7.83 -2.07 -42.15
N PRO G 253 9.13 -2.01 -42.49
CA PRO G 253 9.86 -0.76 -42.42
C PRO G 253 9.16 0.43 -43.03
N LYS G 254 8.86 0.40 -44.32
CA LYS G 254 8.29 1.57 -45.06
C LYS G 254 7.13 2.22 -44.30
N ASP G 255 6.22 1.43 -43.74
CA ASP G 255 5.04 2.00 -43.05
C ASP G 255 5.35 2.05 -41.56
N ARG G 256 6.46 1.45 -41.11
CA ARG G 256 6.72 1.60 -39.66
C ARG G 256 5.53 1.10 -38.84
N ALA G 257 4.98 -0.05 -39.23
CA ALA G 257 3.76 -0.56 -38.64
C ALA G 257 3.86 -2.08 -38.50
N LEU G 258 3.07 -2.62 -37.57
CA LEU G 258 3.02 -4.05 -37.32
C LEU G 258 1.76 -4.62 -37.97
N TYR G 259 1.94 -5.38 -39.04
CA TYR G 259 0.84 -6.12 -39.65
C TYR G 259 0.56 -7.36 -38.83
N ALA G 260 -0.72 -7.61 -38.53
CA ALA G 260 -1.08 -8.71 -37.66
C ALA G 260 -2.33 -9.42 -38.17
N TRP G 261 -2.40 -10.71 -37.89
CA TRP G 261 -3.54 -11.56 -38.22
C TRP G 261 -4.23 -11.94 -36.91
N ASN G 262 -5.39 -11.35 -36.67
CA ASN G 262 -6.12 -11.48 -35.41
C ASN G 262 -7.38 -12.29 -35.66
N ASN G 263 -7.29 -13.60 -35.39
CA ASN G 263 -8.43 -14.52 -35.37
C ASN G 263 -9.21 -14.50 -36.69
N GLY G 264 -8.49 -14.46 -37.80
CA GLY G 264 -9.13 -14.37 -39.10
C GLY G 264 -9.41 -12.97 -39.59
N HIS G 265 -8.82 -11.96 -38.97
CA HIS G 265 -9.01 -10.57 -39.36
C HIS G 265 -7.64 -9.94 -39.57
N GLN G 266 -7.62 -8.84 -40.32
CA GLN G 266 -6.38 -8.15 -40.64
C GLN G 266 -6.31 -6.86 -39.83
N THR G 267 -5.26 -6.73 -39.00
CA THR G 267 -5.13 -5.60 -38.11
C THR G 267 -3.74 -4.98 -38.25
N LEU G 268 -3.63 -3.72 -37.84
CA LEU G 268 -2.37 -3.00 -37.83
C LEU G 268 -2.14 -2.35 -36.48
N TYR G 269 -0.88 -2.37 -36.05
CA TYR G 269 -0.41 -1.69 -34.86
C TYR G 269 0.61 -0.63 -35.25
N ASN G 270 0.71 0.42 -34.44
CA ASN G 270 1.67 1.48 -34.66
C ASN G 270 2.75 1.44 -33.58
N VAL G 271 4.01 1.47 -34.01
CA VAL G 271 5.13 1.39 -33.08
C VAL G 271 5.51 2.79 -32.62
N THR G 272 6.24 2.85 -31.50
CA THR G 272 6.73 4.11 -30.93
C THR G 272 8.22 3.92 -30.63
N LEU G 273 9.06 4.33 -31.57
CA LEU G 273 10.50 4.19 -31.42
C LEU G 273 11.10 5.46 -30.84
N PHE G 274 12.02 5.28 -29.88
CA PHE G 274 12.70 6.39 -29.24
C PHE G 274 14.22 6.23 -29.38
N HIS G 275 14.91 7.36 -29.47
CA HIS G 275 16.36 7.38 -29.62
C HIS G 275 16.95 8.23 -28.51
N VAL G 276 17.92 7.67 -27.78
CA VAL G 276 18.57 8.38 -26.68
C VAL G 276 19.92 8.92 -27.17
N ILE G 277 20.29 10.09 -26.67
CA ILE G 277 21.54 10.74 -27.07
C ILE G 277 22.40 11.01 -25.85
N TYR H 1 29.82 23.40 -63.42
CA TYR H 1 30.35 24.47 -62.59
C TYR H 1 29.33 24.92 -61.55
N ASP H 2 28.25 25.53 -62.01
CA ASP H 2 27.20 25.98 -61.09
C ASP H 2 26.42 24.81 -60.51
N GLU H 3 26.21 23.75 -61.29
CA GLU H 3 25.43 22.62 -60.82
C GLU H 3 26.14 21.89 -59.67
N LEU H 4 27.46 21.66 -59.81
CA LEU H 4 28.19 21.00 -58.73
C LEU H 4 28.30 21.88 -57.50
N GLN H 5 28.41 23.20 -57.69
CA GLN H 5 28.42 24.11 -56.55
C GLN H 5 27.08 24.09 -55.81
N SER H 6 25.98 24.07 -56.56
CA SER H 6 24.66 23.96 -55.94
C SER H 6 24.49 22.63 -55.21
N ARG H 7 25.01 21.54 -55.81
CA ARG H 7 24.95 20.24 -55.14
C ARG H 7 25.76 20.24 -53.85
N VAL H 8 26.94 20.87 -53.87
CA VAL H 8 27.76 20.96 -52.66
C VAL H 8 27.07 21.78 -51.58
N SER H 9 26.43 22.89 -51.98
CA SER H 9 25.70 23.71 -51.02
C SER H 9 24.52 22.96 -50.42
N ASN H 10 23.79 22.22 -51.27
CA ASN H 10 22.68 21.40 -50.77
C ASN H 10 23.17 20.31 -49.83
N LEU H 11 24.32 19.71 -50.15
CA LEU H 11 24.91 18.69 -49.28
C LEU H 11 25.29 19.29 -47.92
N GLU H 12 25.88 20.49 -47.93
CA GLU H 12 26.22 21.14 -46.67
C GLU H 12 24.98 21.46 -45.84
N GLU H 13 23.93 21.98 -46.50
CA GLU H 13 22.70 22.30 -45.78
C GLU H 13 22.05 21.05 -45.19
N ARG H 14 22.00 19.96 -45.98
CA ARG H 14 21.38 18.73 -45.49
C ARG H 14 22.21 18.10 -44.37
N LEU H 15 23.54 18.15 -44.48
CA LEU H 15 24.40 17.65 -43.42
C LEU H 15 24.18 18.44 -42.13
N ARG H 16 24.14 19.77 -42.23
CA ARG H 16 23.92 20.60 -41.04
C ARG H 16 22.56 20.34 -40.42
N ALA H 17 21.51 20.26 -41.24
CA ALA H 17 20.16 20.02 -40.72
C ALA H 17 20.05 18.65 -40.07
N CYS H 18 20.62 17.61 -40.70
CA CYS H 18 20.49 16.26 -40.17
C CYS H 18 21.34 16.06 -38.92
N MET H 19 22.50 16.71 -38.84
CA MET H 19 23.31 16.61 -37.63
C MET H 19 22.73 17.45 -36.50
N GLN H 20 22.02 18.53 -36.82
CA GLN H 20 21.35 19.30 -35.77
C GLN H 20 20.12 18.57 -35.26
N LYS H 21 19.40 17.87 -36.14
CA LYS H 21 18.25 17.08 -35.70
C LYS H 21 18.68 15.84 -34.92
N LEU H 22 19.90 15.36 -35.11
CA LEU H 22 20.45 14.25 -34.35
C LEU H 22 21.25 14.70 -33.14
N ALA H 23 21.31 16.01 -32.88
CA ALA H 23 22.19 16.51 -31.83
C ALA H 23 21.57 16.36 -30.45
N CYS H 24 20.41 16.98 -30.22
CA CYS H 24 19.83 17.08 -28.89
C CYS H 24 18.41 16.54 -28.90
N GLY H 25 17.76 16.65 -27.74
CA GLY H 25 16.40 16.19 -27.59
C GLY H 25 15.86 16.60 -26.23
N LYS H 26 14.75 15.98 -25.85
CA LYS H 26 14.14 16.25 -24.55
C LYS H 26 15.00 15.67 -23.44
N LEU H 27 15.25 16.45 -22.40
CA LEU H 27 16.05 15.99 -21.28
C LEU H 27 15.30 14.92 -20.49
N THR H 28 16.01 13.86 -20.11
CA THR H 28 15.40 12.77 -19.36
C THR H 28 16.11 12.42 -18.07
N GLY H 29 17.34 12.89 -17.85
CA GLY H 29 18.06 12.58 -16.63
C GLY H 29 19.33 13.39 -16.47
N ILE H 30 19.78 13.58 -15.23
CA ILE H 30 20.98 14.35 -14.93
C ILE H 30 21.87 13.49 -14.05
N SER H 31 23.14 13.39 -14.42
CA SER H 31 24.09 12.54 -13.71
C SER H 31 24.53 13.19 -12.40
N ASP H 32 25.40 12.50 -11.68
CA ASP H 32 25.91 13.00 -10.40
C ASP H 32 26.86 14.17 -10.63
N PRO H 33 26.95 15.10 -9.67
CA PRO H 33 27.88 16.22 -9.83
C PRO H 33 29.32 15.76 -9.83
N VAL H 34 30.16 16.50 -10.57
CA VAL H 34 31.59 16.27 -10.59
C VAL H 34 32.29 17.58 -10.26
N THR H 35 33.02 17.60 -9.15
CA THR H 35 33.73 18.80 -8.73
C THR H 35 35.06 18.92 -9.46
N VAL H 36 35.39 20.13 -9.90
CA VAL H 36 36.65 20.38 -10.59
C VAL H 36 37.56 21.31 -9.80
N LYS H 37 37.02 22.38 -9.22
CA LYS H 37 37.84 23.31 -8.46
C LYS H 37 37.08 23.82 -7.25
N THR H 38 37.84 24.25 -6.23
CA THR H 38 37.30 24.82 -4.99
C THR H 38 37.99 26.15 -4.76
N SER H 39 37.32 27.24 -5.13
CA SER H 39 37.89 28.58 -4.95
C SER H 39 36.78 29.61 -5.01
N GLY H 40 36.98 30.72 -4.31
CA GLY H 40 36.06 31.84 -4.39
C GLY H 40 34.98 31.80 -3.33
N SER H 41 34.17 32.85 -3.34
CA SER H 41 33.05 32.97 -2.42
C SER H 41 31.92 32.04 -2.86
N ARG H 42 30.85 32.00 -2.05
CA ARG H 42 29.76 31.06 -2.29
C ARG H 42 29.03 31.31 -3.60
N PHE H 43 29.12 32.52 -4.15
CA PHE H 43 28.40 32.91 -5.36
C PHE H 43 29.41 33.26 -6.45
N GLY H 44 29.23 32.67 -7.62
CA GLY H 44 30.15 32.93 -8.72
C GLY H 44 29.65 32.27 -9.99
N SER H 45 30.41 32.48 -11.07
CA SER H 45 30.01 32.00 -12.38
C SER H 45 31.24 31.57 -13.17
N TRP H 46 31.27 30.31 -13.60
CA TRP H 46 32.34 29.81 -14.45
C TRP H 46 31.73 29.12 -15.67
N MET H 47 32.35 29.36 -16.82
CA MET H 47 31.81 28.81 -18.06
C MET H 47 32.91 28.71 -19.10
N THR H 48 32.67 27.89 -20.11
CA THR H 48 33.60 27.69 -21.22
C THR H 48 33.11 28.37 -22.48
N ASP H 49 33.84 28.18 -23.56
CA ASP H 49 33.53 28.81 -24.85
C ASP H 49 32.94 27.79 -25.80
N PRO H 50 31.65 27.87 -26.14
CA PRO H 50 31.06 26.89 -27.06
C PRO H 50 31.61 27.00 -28.48
N LEU H 51 31.56 28.21 -29.05
CA LEU H 51 32.02 28.45 -30.41
C LEU H 51 33.43 29.03 -30.34
N ALA H 52 34.41 28.13 -30.19
CA ALA H 52 35.79 28.51 -30.07
C ALA H 52 36.64 27.71 -31.05
N PRO H 53 37.77 28.27 -31.51
CA PRO H 53 38.68 27.48 -32.35
C PRO H 53 39.27 26.32 -31.58
N GLU H 54 39.64 25.27 -32.31
CA GLU H 54 40.20 24.07 -31.70
C GLU H 54 41.54 24.40 -31.04
N GLY H 55 41.75 23.85 -29.85
CA GLY H 55 42.93 24.15 -29.06
C GLY H 55 42.80 25.38 -28.19
N ASP H 56 41.59 25.88 -27.97
CA ASP H 56 41.38 27.09 -27.16
C ASP H 56 40.40 26.80 -26.03
N ASN H 57 40.61 25.69 -25.32
CA ASN H 57 39.72 25.29 -24.22
C ASN H 57 40.06 26.10 -22.97
N ARG H 58 39.80 27.39 -23.05
CA ARG H 58 40.04 28.32 -21.94
C ARG H 58 38.73 28.54 -21.18
N VAL H 59 38.77 28.36 -19.87
CA VAL H 59 37.61 28.59 -19.04
C VAL H 59 37.60 30.03 -18.56
N TRP H 60 36.43 30.51 -18.17
CA TRP H 60 36.22 31.87 -17.71
C TRP H 60 35.59 31.82 -16.33
N TYR H 61 36.15 32.60 -15.41
CA TYR H 61 35.82 32.55 -13.99
C TYR H 61 35.47 33.95 -13.50
N MET H 62 34.41 34.04 -12.70
CA MET H 62 33.98 35.29 -12.11
C MET H 62 33.48 35.04 -10.70
N ASP H 63 33.87 35.92 -9.78
CA ASP H 63 33.48 35.82 -8.37
C ASP H 63 32.70 37.08 -7.98
N GLY H 64 31.70 36.89 -7.13
CA GLY H 64 30.88 38.00 -6.66
C GLY H 64 29.73 38.31 -7.61
N TYR H 65 28.82 39.16 -7.12
CA TYR H 65 27.65 39.52 -7.90
C TYR H 65 27.28 40.99 -7.81
N HIS H 66 28.07 41.81 -7.12
CA HIS H 66 27.67 43.19 -6.82
C HIS H 66 28.56 44.22 -7.51
N ASN H 67 29.87 44.18 -7.29
CA ASN H 67 30.75 45.22 -7.80
C ASN H 67 32.05 44.71 -8.39
N ASN H 68 32.23 43.40 -8.51
CA ASN H 68 33.46 42.85 -9.07
C ASN H 68 33.51 43.10 -10.57
N ARG H 69 34.72 43.43 -11.07
CA ARG H 69 34.93 43.72 -12.47
C ARG H 69 36.13 42.97 -13.03
N PHE H 70 36.59 41.92 -12.34
CA PHE H 70 37.76 41.15 -12.76
C PHE H 70 37.31 39.77 -13.22
N VAL H 71 37.75 39.38 -14.41
CA VAL H 71 37.49 38.05 -14.94
C VAL H 71 38.81 37.31 -15.06
N ARG H 72 38.75 35.99 -14.94
CA ARG H 72 39.93 35.13 -14.95
C ARG H 72 39.99 34.34 -16.25
N GLU H 73 41.21 34.00 -16.65
CA GLU H 73 41.50 33.44 -17.98
C GLU H 73 42.38 32.21 -17.85
N TYR H 74 41.97 31.24 -17.02
CA TYR H 74 42.62 29.93 -16.99
C TYR H 74 42.61 29.32 -18.39
N LYS H 75 43.79 29.13 -18.97
CA LYS H 75 43.89 28.82 -20.39
C LYS H 75 43.49 27.38 -20.71
N SER H 76 43.50 26.49 -19.73
CA SER H 76 43.17 25.09 -19.97
C SER H 76 42.43 24.52 -18.77
N MET H 77 41.75 23.40 -19.01
CA MET H 77 41.07 22.69 -17.93
C MET H 77 42.08 22.16 -16.91
N VAL H 78 43.22 21.65 -17.39
CA VAL H 78 44.29 21.24 -16.49
C VAL H 78 44.90 22.46 -15.81
N ASP H 79 44.88 23.62 -16.47
CA ASP H 79 45.33 24.87 -15.86
C ASP H 79 44.28 25.50 -14.96
N PHE H 80 43.09 24.91 -14.88
CA PHE H 80 42.03 25.37 -13.99
C PHE H 80 41.73 24.41 -12.85
N MET H 81 41.86 23.09 -13.09
CA MET H 81 41.57 22.11 -12.05
C MET H 81 42.63 22.13 -10.95
N ASN H 82 43.90 22.24 -11.32
CA ASN H 82 45.00 22.18 -10.37
C ASN H 82 45.82 23.47 -10.32
N THR H 83 46.20 24.00 -11.48
CA THR H 83 47.03 25.20 -11.51
C THR H 83 46.22 26.42 -11.09
N ASP H 84 46.78 27.22 -10.19
CA ASP H 84 46.13 28.42 -9.68
C ASP H 84 46.63 29.70 -10.35
N ASN H 85 47.23 29.58 -11.54
CA ASN H 85 47.72 30.72 -12.29
C ASN H 85 46.69 31.13 -13.33
N PHE H 86 46.44 32.44 -13.43
CA PHE H 86 45.41 32.94 -14.32
C PHE H 86 45.75 34.37 -14.73
N THR H 87 45.07 34.83 -15.78
CA THR H 87 45.18 36.20 -16.25
C THR H 87 43.91 36.96 -15.88
N SER H 88 44.08 38.13 -15.26
CA SER H 88 42.96 38.93 -14.79
C SER H 88 42.69 40.06 -15.78
N HIS H 89 41.50 40.06 -16.35
CA HIS H 89 41.07 41.12 -17.27
C HIS H 89 40.01 41.98 -16.60
N ARG H 90 40.14 43.29 -16.78
CA ARG H 90 39.22 44.26 -16.19
C ARG H 90 38.05 44.54 -17.12
N LEU H 91 36.93 44.92 -16.53
CA LEU H 91 35.72 45.26 -17.25
C LEU H 91 35.44 46.75 -17.14
N PRO H 92 34.86 47.36 -18.19
CA PRO H 92 34.48 48.78 -18.07
C PRO H 92 33.45 49.05 -16.99
N HIS H 93 32.53 48.12 -16.75
CA HIS H 93 31.54 48.22 -15.69
C HIS H 93 31.40 46.87 -15.00
N PRO H 94 31.15 46.86 -13.70
CA PRO H 94 30.92 45.59 -13.00
C PRO H 94 29.59 44.97 -13.39
N TRP H 95 29.51 43.66 -13.21
CA TRP H 95 28.32 42.90 -13.57
C TRP H 95 27.35 42.81 -12.39
N SER H 96 26.18 42.26 -12.67
CA SER H 96 25.16 42.01 -11.65
C SER H 96 24.74 40.55 -11.71
N GLY H 97 24.82 39.86 -10.59
CA GLY H 97 24.42 38.48 -10.56
C GLY H 97 25.45 37.56 -11.20
N THR H 98 25.07 36.30 -11.28
CA THR H 98 25.90 35.28 -11.92
C THR H 98 25.43 34.95 -13.33
N GLY H 99 24.52 35.73 -13.89
CA GLY H 99 24.08 35.49 -15.25
C GLY H 99 24.86 36.29 -16.27
N GLN H 100 25.90 35.67 -16.82
CA GLN H 100 26.64 36.19 -17.95
C GLN H 100 26.91 35.03 -18.89
N VAL H 101 27.44 35.31 -20.07
CA VAL H 101 27.77 34.24 -21.01
C VAL H 101 28.99 34.64 -21.81
N VAL H 102 29.76 33.64 -22.24
CA VAL H 102 30.88 33.84 -23.15
C VAL H 102 30.53 33.13 -24.44
N TYR H 103 30.29 33.90 -25.50
CA TYR H 103 29.87 33.37 -26.79
C TYR H 103 30.83 33.85 -27.87
N ASN H 104 31.23 32.93 -28.74
CA ASN H 104 32.19 33.17 -29.80
C ASN H 104 33.47 33.81 -29.25
N GLY H 105 33.70 35.08 -29.57
CA GLY H 105 34.87 35.77 -29.10
C GLY H 105 34.58 36.93 -28.17
N SER H 106 33.39 36.93 -27.55
CA SER H 106 32.99 38.02 -26.68
C SER H 106 32.25 37.48 -25.46
N ILE H 107 31.99 38.38 -24.52
CA ILE H 107 31.25 38.08 -23.31
C ILE H 107 30.07 39.03 -23.21
N TYR H 108 28.88 38.47 -22.97
CA TYR H 108 27.66 39.25 -22.76
C TYR H 108 27.37 39.29 -21.27
N PHE H 109 27.17 40.50 -20.75
CA PHE H 109 26.90 40.68 -19.32
C PHE H 109 25.92 41.81 -19.11
N ASN H 110 25.51 41.98 -17.85
CA ASN H 110 24.61 43.04 -17.43
C ASN H 110 25.41 44.15 -16.76
N LYS H 111 24.93 45.39 -16.92
CA LYS H 111 25.69 46.58 -16.50
C LYS H 111 25.09 47.14 -15.21
N PHE H 112 25.61 46.69 -14.07
CA PHE H 112 25.36 47.26 -12.73
C PHE H 112 23.85 47.24 -12.46
N GLN H 113 23.27 48.31 -11.94
CA GLN H 113 21.85 48.34 -11.60
C GLN H 113 21.03 48.91 -12.76
N SER H 114 21.11 48.21 -13.90
CA SER H 114 20.38 48.60 -15.09
C SER H 114 20.08 47.36 -15.92
N HIS H 115 19.07 47.47 -16.77
CA HIS H 115 18.68 46.40 -17.68
C HIS H 115 19.42 46.53 -19.02
N ILE H 116 20.74 46.63 -18.95
CA ILE H 116 21.58 46.89 -20.12
C ILE H 116 22.48 45.70 -20.36
N ILE H 117 22.45 45.17 -21.56
CA ILE H 117 23.30 44.06 -21.99
C ILE H 117 24.49 44.63 -22.76
N ILE H 118 25.69 44.24 -22.35
CA ILE H 118 26.93 44.74 -22.94
C ILE H 118 27.71 43.57 -23.52
N ARG H 119 28.17 43.73 -24.76
CA ARG H 119 29.07 42.80 -25.43
C ARG H 119 30.50 43.34 -25.32
N PHE H 120 31.39 42.55 -24.72
CA PHE H 120 32.77 42.98 -24.47
C PHE H 120 33.73 41.97 -25.07
N ASP H 121 34.76 42.47 -25.76
CA ASP H 121 35.77 41.60 -26.36
C ASP H 121 36.77 41.13 -25.31
N LEU H 122 37.06 39.84 -25.35
CA LEU H 122 38.05 39.23 -24.46
C LEU H 122 39.43 39.16 -25.10
N LYS H 123 39.59 39.67 -26.32
CA LYS H 123 40.87 39.73 -27.00
C LYS H 123 41.32 41.16 -27.28
N THR H 124 40.43 41.99 -27.85
CA THR H 124 40.77 43.37 -28.13
C THR H 124 40.44 44.31 -26.98
N GLU H 125 39.61 43.86 -26.03
CA GLU H 125 39.26 44.60 -24.81
C GLU H 125 38.63 45.96 -25.15
N THR H 126 37.46 45.90 -25.78
CA THR H 126 36.72 47.10 -26.13
C THR H 126 35.23 46.78 -26.12
N ILE H 127 34.41 47.81 -26.32
CA ILE H 127 32.96 47.70 -26.33
C ILE H 127 32.48 47.96 -27.76
N LEU H 128 31.68 47.03 -28.30
CA LEU H 128 31.06 47.19 -29.59
C LEU H 128 29.57 47.47 -29.50
N LYS H 129 28.85 46.76 -28.64
CA LYS H 129 27.42 46.95 -28.50
C LYS H 129 27.05 47.00 -27.02
N THR H 130 26.18 47.95 -26.69
CA THR H 130 25.62 48.09 -25.34
C THR H 130 24.17 48.55 -25.49
N ARG H 131 23.24 47.62 -25.38
CA ARG H 131 21.83 47.90 -25.60
C ARG H 131 21.06 47.66 -24.31
N SER H 132 19.75 47.92 -24.36
CA SER H 132 18.88 47.75 -23.20
C SER H 132 17.84 46.69 -23.51
N LEU H 133 17.70 45.71 -22.61
CA LEU H 133 16.66 44.71 -22.76
C LEU H 133 15.29 45.35 -22.55
N ASP H 134 14.37 45.10 -23.47
CA ASP H 134 13.09 45.79 -23.46
C ASP H 134 12.19 45.24 -22.34
N TYR H 135 11.73 46.13 -21.46
CA TYR H 135 10.79 45.81 -20.39
C TYR H 135 11.31 44.70 -19.48
N ALA H 136 12.58 44.78 -19.12
CA ALA H 136 13.23 43.78 -18.27
C ALA H 136 13.51 44.38 -16.90
N GLY H 137 13.22 43.60 -15.86
CA GLY H 137 13.46 44.05 -14.50
C GLY H 137 14.94 44.03 -14.15
N TYR H 138 15.30 44.87 -13.17
CA TYR H 138 16.69 44.99 -12.75
C TYR H 138 16.73 45.41 -11.28
N ASN H 139 17.89 45.19 -10.66
CA ASN H 139 18.16 45.55 -9.27
C ASN H 139 17.20 44.84 -8.31
N ASN H 140 17.19 43.51 -8.41
CA ASN H 140 16.54 42.61 -7.46
C ASN H 140 15.03 42.88 -7.36
N MET H 141 14.36 42.84 -8.51
CA MET H 141 12.90 42.81 -8.54
C MET H 141 12.33 41.57 -9.20
N TYR H 142 13.08 40.92 -10.09
CA TYR H 142 12.66 39.69 -10.75
C TYR H 142 13.80 38.68 -10.75
N HIS H 143 14.45 38.55 -9.60
CA HIS H 143 15.61 37.66 -9.45
C HIS H 143 15.14 36.21 -9.37
N TYR H 144 16.11 35.32 -9.14
CA TYR H 144 15.81 33.91 -8.92
C TYR H 144 15.40 33.71 -7.46
N ALA H 145 15.24 32.45 -7.05
CA ALA H 145 14.88 32.17 -5.66
C ALA H 145 16.02 32.49 -4.72
N TRP H 146 17.27 32.36 -5.17
CA TRP H 146 18.41 32.67 -4.33
C TRP H 146 18.77 34.15 -4.31
N GLY H 147 18.11 34.96 -5.13
CA GLY H 147 18.40 36.39 -5.14
C GLY H 147 19.74 36.69 -5.79
N GLY H 148 20.43 37.69 -5.26
CA GLY H 148 21.74 38.03 -5.75
C GLY H 148 21.77 38.80 -7.05
N HIS H 149 20.73 39.59 -7.33
CA HIS H 149 20.63 40.42 -8.53
C HIS H 149 20.73 39.60 -9.81
N SER H 150 20.15 38.41 -9.79
CA SER H 150 20.11 37.55 -10.98
C SER H 150 18.83 37.79 -11.80
N ASP H 151 18.58 39.05 -12.13
CA ASP H 151 17.35 39.43 -12.81
C ASP H 151 17.38 39.07 -14.29
N ILE H 152 18.57 39.01 -14.90
CA ILE H 152 18.71 38.68 -16.31
C ILE H 152 19.69 37.53 -16.44
N ASP H 153 19.27 36.46 -17.11
CA ASP H 153 20.11 35.30 -17.33
C ASP H 153 20.40 35.16 -18.83
N LEU H 154 21.67 34.96 -19.17
CA LEU H 154 22.09 34.83 -20.55
C LEU H 154 22.62 33.43 -20.79
N MET H 155 22.19 32.81 -21.90
CA MET H 155 22.61 31.45 -22.21
C MET H 155 22.77 31.30 -23.71
N VAL H 156 23.43 30.22 -24.11
CA VAL H 156 23.60 29.88 -25.52
C VAL H 156 23.18 28.42 -25.72
N ASP H 157 22.71 28.13 -26.93
CA ASP H 157 22.38 26.78 -27.34
C ASP H 157 22.73 26.64 -28.82
N GLU H 158 22.37 25.48 -29.39
CA GLU H 158 22.68 25.20 -30.79
C GLU H 158 21.99 26.17 -31.74
N ASN H 159 20.94 26.85 -31.30
CA ASN H 159 20.29 27.86 -32.12
C ASN H 159 20.87 29.25 -31.92
N GLY H 160 21.57 29.52 -30.82
CA GLY H 160 22.15 30.83 -30.63
C GLY H 160 22.05 31.40 -29.23
N LEU H 161 21.85 32.70 -29.13
CA LEU H 161 21.91 33.43 -27.87
C LEU H 161 20.52 33.76 -27.35
N TRP H 162 20.27 33.42 -26.09
CA TRP H 162 18.96 33.58 -25.48
C TRP H 162 19.10 34.31 -24.15
N ALA H 163 18.08 35.10 -23.82
CA ALA H 163 18.00 35.84 -22.58
C ALA H 163 16.70 35.49 -21.87
N VAL H 164 16.79 35.10 -20.60
CA VAL H 164 15.64 34.82 -19.76
C VAL H 164 15.54 35.96 -18.75
N TYR H 165 14.39 36.62 -18.74
CA TYR H 165 14.16 37.74 -17.83
C TYR H 165 12.70 37.68 -17.39
N ALA H 166 12.19 38.77 -16.84
CA ALA H 166 10.78 38.87 -16.51
C ALA H 166 10.27 40.25 -16.86
N THR H 167 8.96 40.33 -17.09
CA THR H 167 8.30 41.55 -17.54
C THR H 167 7.18 41.91 -16.58
N ASN H 168 7.02 43.21 -16.31
CA ASN H 168 5.90 43.68 -15.50
C ASN H 168 4.57 43.41 -16.18
N GLN H 169 4.53 43.48 -17.50
CA GLN H 169 3.31 43.15 -18.24
C GLN H 169 2.94 41.69 -18.07
N ASN H 170 3.93 40.80 -18.11
CA ASN H 170 3.70 39.37 -17.90
C ASN H 170 3.87 38.99 -16.43
N ALA H 171 3.17 39.72 -15.55
CA ALA H 171 3.21 39.54 -14.10
C ALA H 171 4.63 39.54 -13.56
N GLY H 172 5.12 38.37 -13.17
CA GLY H 172 6.51 38.20 -12.79
C GLY H 172 7.04 36.93 -13.43
N ASN H 173 6.36 36.47 -14.47
CA ASN H 173 6.64 35.20 -15.11
C ASN H 173 7.89 35.29 -15.97
N ILE H 174 8.48 34.12 -16.25
CA ILE H 174 9.69 34.06 -17.05
C ILE H 174 9.36 34.36 -18.51
N VAL H 175 10.12 35.26 -19.11
CA VAL H 175 9.99 35.62 -20.52
C VAL H 175 11.32 35.30 -21.20
N ILE H 176 11.26 34.58 -22.32
CA ILE H 176 12.45 34.21 -23.08
C ILE H 176 12.56 35.12 -24.29
N SER H 177 13.78 35.41 -24.71
CA SER H 177 14.01 36.23 -25.88
C SER H 177 15.23 35.73 -26.63
N LYS H 178 15.17 35.80 -27.96
CA LYS H 178 16.30 35.43 -28.80
C LYS H 178 17.03 36.70 -29.23
N LEU H 179 18.32 36.77 -28.93
CA LEU H 179 19.10 37.97 -29.20
C LEU H 179 20.03 37.75 -30.39
N ASP H 180 20.22 38.82 -31.15
CA ASP H 180 21.23 38.82 -32.21
C ASP H 180 22.61 38.82 -31.58
N PRO H 181 23.48 37.87 -31.94
CA PRO H 181 24.83 37.85 -31.34
C PRO H 181 25.69 39.05 -31.68
N VAL H 182 25.33 39.82 -32.72
CA VAL H 182 26.13 40.97 -33.13
C VAL H 182 25.47 42.26 -32.65
N SER H 183 24.23 42.49 -33.08
CA SER H 183 23.56 43.77 -32.83
C SER H 183 22.78 43.80 -31.52
N LEU H 184 22.66 42.67 -30.83
CA LEU H 184 21.93 42.57 -29.55
C LEU H 184 20.48 43.06 -29.68
N GLN H 185 19.86 42.74 -30.81
CA GLN H 185 18.50 43.16 -31.09
C GLN H 185 17.54 42.02 -30.80
N ILE H 186 16.35 42.36 -30.32
CA ILE H 186 15.33 41.36 -30.02
C ILE H 186 14.84 40.75 -31.32
N LEU H 187 14.93 39.43 -31.42
CA LEU H 187 14.46 38.69 -32.59
C LEU H 187 13.06 38.13 -32.39
N GLN H 188 12.83 37.41 -31.29
CA GLN H 188 11.52 36.87 -30.98
C GLN H 188 11.43 36.63 -29.49
N THR H 189 10.25 36.87 -28.92
CA THR H 189 10.00 36.71 -27.50
C THR H 189 8.93 35.66 -27.25
N TRP H 190 9.09 34.93 -26.16
CA TRP H 190 8.16 33.88 -25.76
C TRP H 190 7.72 34.10 -24.32
N ASN H 191 6.44 33.91 -24.08
CA ASN H 191 5.82 34.07 -22.76
C ASN H 191 5.66 32.70 -22.10
N THR H 192 6.20 32.56 -20.90
CA THR H 192 5.99 31.36 -20.10
C THR H 192 5.09 31.67 -18.90
N SER H 193 4.70 30.62 -18.20
CA SER H 193 3.77 30.73 -17.07
C SER H 193 4.41 30.37 -15.74
N TYR H 194 5.74 30.47 -15.65
CA TYR H 194 6.45 30.15 -14.40
C TYR H 194 7.02 31.43 -13.82
N PRO H 195 6.68 31.78 -12.57
CA PRO H 195 7.26 32.99 -11.97
C PRO H 195 8.76 32.86 -11.79
N LYS H 196 9.46 33.98 -12.03
CA LYS H 196 10.92 33.97 -11.94
C LYS H 196 11.42 33.99 -10.50
N ARG H 197 10.68 34.66 -9.60
CA ARG H 197 11.15 34.79 -8.22
C ARG H 197 11.09 33.48 -7.45
N SER H 198 10.35 32.49 -7.95
CA SER H 198 10.30 31.17 -7.35
C SER H 198 11.04 30.12 -8.16
N ALA H 199 11.84 30.55 -9.15
CA ALA H 199 12.52 29.60 -10.03
C ALA H 199 13.80 29.08 -9.40
N GLY H 200 14.77 29.96 -9.19
CA GLY H 200 16.05 29.56 -8.65
C GLY H 200 17.15 29.48 -9.70
N GLU H 201 16.83 28.89 -10.84
CA GLU H 201 17.74 28.79 -11.99
C GLU H 201 16.95 28.32 -13.19
N ALA H 202 17.56 28.44 -14.37
CA ALA H 202 16.96 27.97 -15.61
C ALA H 202 18.06 27.74 -16.63
N PHE H 203 17.78 26.88 -17.60
CA PHE H 203 18.75 26.61 -18.66
C PHE H 203 18.03 26.13 -19.91
N ILE H 204 18.64 26.39 -21.06
CA ILE H 204 18.07 26.04 -22.36
C ILE H 204 18.98 25.00 -23.02
N ILE H 205 18.37 23.87 -23.41
CA ILE H 205 19.14 22.83 -24.11
C ILE H 205 19.20 23.12 -25.60
N CYS H 206 18.04 23.10 -26.27
CA CYS H 206 17.94 23.57 -27.64
C CYS H 206 16.48 23.96 -27.88
N GLY H 207 16.19 25.25 -27.77
CA GLY H 207 14.83 25.73 -27.96
C GLY H 207 13.86 25.36 -26.87
N THR H 208 14.30 24.70 -25.82
CA THR H 208 13.44 24.30 -24.70
C THR H 208 14.06 24.80 -23.41
N LEU H 209 13.26 25.51 -22.61
CA LEU H 209 13.70 26.09 -21.36
C LEU H 209 13.28 25.19 -20.20
N TYR H 210 14.26 24.73 -19.42
CA TYR H 210 14.02 23.92 -18.23
C TYR H 210 14.28 24.78 -17.00
N VAL H 211 13.31 24.78 -16.08
CA VAL H 211 13.32 25.66 -14.92
C VAL H 211 13.28 24.81 -13.67
N THR H 212 14.22 25.07 -12.75
CA THR H 212 14.34 24.42 -11.46
C THR H 212 13.30 24.99 -10.49
N ASN H 213 13.11 24.31 -9.35
CA ASN H 213 12.17 24.75 -8.34
C ASN H 213 12.81 25.35 -7.09
N GLY H 214 14.06 25.00 -6.79
CA GLY H 214 14.70 25.48 -5.58
C GLY H 214 16.19 25.68 -5.78
N TYR H 215 16.87 26.09 -4.71
CA TYR H 215 18.31 26.35 -4.77
C TYR H 215 19.12 25.61 -3.71
N SER H 216 18.53 25.20 -2.59
CA SER H 216 19.25 24.47 -1.55
C SER H 216 18.31 23.43 -0.97
N GLY H 217 18.74 22.16 -1.01
CA GLY H 217 17.93 21.08 -0.49
C GLY H 217 17.49 20.13 -1.59
N GLY H 218 16.18 19.95 -1.73
CA GLY H 218 15.65 19.11 -2.78
C GLY H 218 15.42 19.89 -4.07
N THR H 219 16.37 19.80 -4.99
CA THR H 219 16.31 20.53 -6.26
C THR H 219 15.96 19.57 -7.39
N LYS H 220 15.10 20.04 -8.29
CA LYS H 220 14.66 19.22 -9.41
C LYS H 220 14.22 20.13 -10.55
N VAL H 221 14.29 19.60 -11.77
CA VAL H 221 13.77 20.32 -12.94
C VAL H 221 12.25 20.26 -12.88
N HIS H 222 11.61 21.42 -12.68
CA HIS H 222 10.18 21.47 -12.39
C HIS H 222 9.34 21.92 -13.58
N TYR H 223 9.88 22.76 -14.46
CA TYR H 223 9.10 23.36 -15.53
C TYR H 223 9.82 23.20 -16.86
N ALA H 224 9.06 23.04 -17.94
CA ALA H 224 9.64 22.95 -19.27
C ALA H 224 8.78 23.74 -20.23
N TYR H 225 9.41 24.54 -21.09
CA TYR H 225 8.71 25.36 -22.07
C TYR H 225 9.34 25.15 -23.43
N GLN H 226 8.55 24.68 -24.38
CA GLN H 226 8.98 24.51 -25.77
C GLN H 226 8.55 25.74 -26.55
N THR H 227 9.54 26.53 -27.00
CA THR H 227 9.26 27.75 -27.75
C THR H 227 8.89 27.46 -29.20
N ASN H 228 9.34 26.32 -29.74
CA ASN H 228 8.95 25.97 -31.10
C ASN H 228 7.45 25.71 -31.21
N ALA H 229 6.88 25.03 -30.21
CA ALA H 229 5.44 24.84 -30.12
C ALA H 229 4.78 25.76 -29.10
N SER H 230 5.58 26.48 -28.30
CA SER H 230 5.09 27.40 -27.27
C SER H 230 4.16 26.69 -26.29
N THR H 231 4.60 25.52 -25.81
CA THR H 231 3.81 24.70 -24.89
C THR H 231 4.58 24.45 -23.62
N TYR H 232 3.87 24.42 -22.49
CA TYR H 232 4.49 24.23 -21.18
C TYR H 232 4.10 22.87 -20.60
N GLU H 233 5.00 22.33 -19.78
CA GLU H 233 4.79 21.03 -19.17
C GLU H 233 5.54 20.95 -17.85
N TYR H 234 4.87 20.47 -16.80
CA TYR H 234 5.50 20.29 -15.50
C TYR H 234 6.07 18.88 -15.42
N ILE H 235 7.40 18.80 -15.29
CA ILE H 235 8.09 17.52 -15.22
C ILE H 235 8.78 17.42 -13.87
N ASP H 236 9.20 16.20 -13.53
CA ASP H 236 9.91 15.91 -12.28
C ASP H 236 11.21 15.20 -12.64
N ILE H 237 12.29 15.97 -12.77
CA ILE H 237 13.61 15.41 -13.03
C ILE H 237 14.55 15.81 -11.89
N PRO H 238 14.67 14.99 -10.85
CA PRO H 238 15.61 15.31 -9.76
C PRO H 238 17.05 15.41 -10.25
N PHE H 239 17.80 16.33 -9.63
CA PHE H 239 19.24 16.33 -9.70
C PHE H 239 19.78 16.60 -8.31
N GLN H 240 20.96 16.05 -8.02
CA GLN H 240 21.49 16.03 -6.66
C GLN H 240 22.22 17.34 -6.37
N ASN H 241 21.80 18.04 -5.33
CA ASN H 241 22.47 19.25 -4.85
C ASN H 241 23.38 18.83 -3.71
N LYS H 242 24.61 18.44 -4.06
CA LYS H 242 25.54 17.89 -3.09
C LYS H 242 25.98 18.94 -2.07
N TYR H 243 26.26 20.16 -2.52
CA TYR H 243 26.91 21.17 -1.70
C TYR H 243 25.95 22.30 -1.34
N SER H 244 24.70 21.93 -1.03
CA SER H 244 23.66 22.84 -0.54
C SER H 244 23.34 23.96 -1.52
N HIS H 245 23.80 25.17 -1.25
CA HIS H 245 23.38 26.34 -2.01
C HIS H 245 23.99 26.35 -3.40
N ILE H 246 23.14 26.51 -4.42
CA ILE H 246 23.57 26.63 -5.81
C ILE H 246 23.31 28.05 -6.25
N SER H 247 24.15 28.55 -7.16
CA SER H 247 24.05 29.93 -7.62
C SER H 247 23.89 30.07 -9.11
N MET H 248 24.61 29.29 -9.92
CA MET H 248 24.54 29.38 -11.37
C MET H 248 24.45 27.99 -11.95
N LEU H 249 23.61 27.83 -12.98
CA LEU H 249 23.46 26.57 -13.69
C LEU H 249 23.19 26.89 -15.15
N ASP H 250 24.19 26.67 -16.01
CA ASP H 250 24.08 26.99 -17.42
C ASP H 250 24.43 25.77 -18.26
N TYR H 251 24.06 25.81 -19.53
CA TYR H 251 24.22 24.69 -20.44
C TYR H 251 25.24 25.01 -21.53
N ASN H 252 26.12 24.05 -21.81
CA ASN H 252 27.14 24.17 -22.84
C ASN H 252 26.88 23.12 -23.91
N PRO H 253 26.51 23.53 -25.14
CA PRO H 253 26.19 22.53 -26.18
C PRO H 253 27.41 21.80 -26.71
N LYS H 254 28.60 22.40 -26.68
CA LYS H 254 29.79 21.72 -27.22
C LYS H 254 30.15 20.51 -26.36
N ASP H 255 30.21 20.69 -25.05
CA ASP H 255 30.38 19.56 -24.14
C ASP H 255 29.05 18.89 -23.81
N ARG H 256 27.92 19.50 -24.19
CA ARG H 256 26.58 19.03 -23.86
C ARG H 256 26.43 18.81 -22.37
N ALA H 257 26.91 19.78 -21.58
CA ALA H 257 27.04 19.59 -20.14
C ALA H 257 26.55 20.82 -19.41
N LEU H 258 26.12 20.61 -18.16
CA LEU H 258 25.65 21.68 -17.30
C LEU H 258 26.78 22.12 -16.37
N TYR H 259 27.18 23.38 -16.50
CA TYR H 259 28.15 23.99 -15.61
C TYR H 259 27.41 24.63 -14.45
N ALA H 260 27.86 24.37 -13.23
CA ALA H 260 27.13 24.85 -12.05
C ALA H 260 28.10 25.34 -10.99
N TRP H 261 27.60 26.28 -10.19
CA TRP H 261 28.33 26.86 -9.07
C TRP H 261 27.60 26.47 -7.79
N ASN H 262 28.23 25.61 -6.99
CA ASN H 262 27.62 25.03 -5.79
C ASN H 262 28.46 25.47 -4.58
N ASN H 263 28.01 26.54 -3.92
CA ASN H 263 28.57 27.01 -2.65
C ASN H 263 30.07 27.25 -2.74
N GLY H 264 30.49 27.96 -3.80
CA GLY H 264 31.89 28.23 -4.01
C GLY H 264 32.67 27.13 -4.68
N HIS H 265 32.01 26.06 -5.11
CA HIS H 265 32.66 24.97 -5.81
C HIS H 265 32.16 24.91 -7.25
N GLN H 266 33.04 24.50 -8.15
CA GLN H 266 32.71 24.41 -9.56
C GLN H 266 32.36 22.96 -9.88
N THR H 267 31.15 22.74 -10.39
CA THR H 267 30.63 21.39 -10.61
C THR H 267 30.15 21.24 -12.05
N LEU H 268 30.22 20.00 -12.53
CA LEU H 268 29.80 19.64 -13.87
C LEU H 268 28.78 18.52 -13.79
N TYR H 269 27.73 18.63 -14.60
CA TYR H 269 26.74 17.58 -14.82
C TYR H 269 26.77 17.17 -16.27
N ASN H 270 26.66 15.87 -16.54
CA ASN H 270 26.51 15.36 -17.89
C ASN H 270 25.07 14.95 -18.10
N VAL H 271 24.40 15.60 -19.06
CA VAL H 271 22.96 15.45 -19.24
C VAL H 271 22.68 14.27 -20.17
N THR H 272 21.43 13.80 -20.12
CA THR H 272 20.96 12.74 -20.99
C THR H 272 19.72 13.22 -21.74
N LEU H 273 19.76 13.13 -23.06
CA LEU H 273 18.68 13.60 -23.92
C LEU H 273 18.14 12.43 -24.73
N PHE H 274 16.83 12.44 -24.96
CA PHE H 274 16.16 11.41 -25.74
C PHE H 274 15.28 12.06 -26.80
N HIS H 275 15.10 11.34 -27.91
CA HIS H 275 14.30 11.80 -29.03
C HIS H 275 13.33 10.70 -29.43
N VAL H 276 12.07 11.07 -29.63
CA VAL H 276 11.03 10.12 -30.01
C VAL H 276 10.82 10.19 -31.51
N ILE H 277 10.78 9.03 -32.15
CA ILE H 277 10.61 8.96 -33.60
C ILE H 277 9.27 8.31 -33.94
#